data_9QKV
#
_entry.id   9QKV
#
_cell.length_a   1.00
_cell.length_b   1.00
_cell.length_c   1.00
_cell.angle_alpha   90.00
_cell.angle_beta   90.00
_cell.angle_gamma   90.00
#
_symmetry.space_group_name_H-M   'P 1'
#
loop_
_entity.id
_entity.type
_entity.pdbx_description
1 polymer Myoferlin
2 non-polymer 1,2-DICAPROYL-SN-PHOSPHATIDYL-L-SERINE
3 non-polymer 'CALCIUM ION'
#
_entity_poly.entity_id   1
_entity_poly.type   'polypeptide(L)'
_entity_poly.pdbx_seq_one_letter_code
;MASWSHPQFEKGGGSGGGSGGGSWSHPQFEKLEVLFQGPGSGDKDCEQSNAMLRVIVESASNIPKTKFGKPDPIVSVIFK
DEKKKTKKVDNELNPVWNEILEFDLRGIPLDFSSSLGIIVKDFETIGQNKLIGTATVALKDLTGDQSRSLPYKLISLLNE
RGQDTGATIDLVIGYDPPSAPHPNDLSGPSVPGMGGDGEEDEGDEDRLDNAVRGPGPKGPVGTVSEAQLARRLTKVKNSR
RMLSNKPQDFQIRVRVIEGRQLSGNNIRPVVKVHVCGQTHRTRIKRGNNPFFDELFFYNVNMTPSELMDEIISIRVYNSH
SLRADCLMGEFKIDVGFVYDEPGHAVMRKWLLLNDPEDTSSGSKGYMKVSMFVLGTGDEPPPERRDRDNDSDDVESNLLL
PAGIALRWVTFLLKIYRAEDIPQMDDAFSQTVKEIFGGNADKKNLVDPFVEVSFAGKKVCTNIIEKNANPEWNQVVNLQI
KFPSVCEKIKLTIYDWDRLTKNDVVGTTYLHLSKIAASGGEVEDFSSSGTGAASYTVNTGETEVGFVPTFGPCYLNLYGS
PREYTGFPDPYDELNTGKGEGVAYRGRILVELATFLEKTPPDKKLEPISNDDLLVVEKYQRRRKYSLSAVFHSATMLQDV
GEAIQFEVSIGNYGNRFDTTCKPLASTTQYSRAVFDGNYYYYLPWAHTKPVVTLTSYWEDISHRLDAVNTLLAMAERLQT
NIEALKSGIQGKIPANQLAELWLKLIDEVIEDTRYTLPLTEGKANVTVLDTQIRKLRSRSLSQIHEAAVRMRSEATDVKS
TLAEIEDWLDKLMQLTEEPQNSMPDIIIWMIRGEKRLAYARIPAHQVLYSTSGENASGKYCGKTQTIFLKYPQEKNNGPK
VPVELRVNIWLGLSAVEKKFNSFAEGTFTVFAEMYENQALMFGKWGTSGLVGRHKFSDVTGKIKLKREFFLPPKGWEWEG
EWIVDPERSLLTEADAGHTEFTDEVYQNESRYPGGDWKPAEDTYTDANGDKAASPSELTCPPGWEWEDDAWSYDINRAVD
EKGWEYGITIPPDHKPKSWVAAEKMYHTHRRRRLVRKRKKDLTQTASSTARAMEELQDQEGWEYASLIGWKFHWKQRSSD
TFRRRRWRRKMAPSETHGAAAIFKLEGALGADTTEDGDEKSLEKQKHSATTVFGANTPIVSCNFDRVYIYHLRCYVYQAR
NLLALDKDSFSDPYAHICFLHRSKTTEIIHSTLNPTWDQTIIFDEVEIYGEPQTVLQNPPKVIMELFDNDQVGKDEFLGR
SIFSPVVKLNSEMDITPKLLWHPVMNGDKACGDVLVTAELILRGKDGSNLPILPPQRAPNLYMVPQGIRPVVQLTAIEIL
AWGLRNMKNFQMASITSPSLVVECGGERVESVVIKNLKKTPNFPSSVLFMKVFLPKEELYMPPLVIKVIDHRQFGRKPVV
GQCTIERLDRFRCDPYAGKEDIVPQLKASLLSAPPCRDIVIEMEDTKPLLASKLTEKEEEIVDWWSKFYASSGEHEKCGQ
YIQKGYSKLKIYNCELENVAEFEGLTDFSDTFKLYRGKSDENEDPSVVGEFKGSFRIYPLPDDPSVPAPPRQFRELPDSV
PQECTVRIYIVRGLELQPQDNNGLCDPYIKITLGKKVIEDRDHYIPNTLNPVFGRMYELSCYLPQEKDLKISVYDYDTFT
RDEKVGETIIDLENRFLSRFGSHCGIPEEYCVSGVNTWRDQLRPTQLLQNVARFKGFPQPILSEDGSRIRYGGRDYSLDE
FEANKILHQHLGAPEERLALHILRTQGLVPEHVETRTLHSTFQPNISQGKLQMWVDVFPKSLGPPGPPFNITPRKAKKYY
LRVIIWNTKDVILDEKSITGEEMSDIYVKGWVPGNEENKQKTDVHYRSLDGEGNFNWRFVFPFDYLPAEQLCIVAKKEHF
WSIDQTEFRIPPRLIIQIWDNDKFSLDDYLGFLELDLRHTIIPAKSPEKCRLDMIPDLKAMNPLKAKTASLFEQKSMKGW
WPCYAEKDGARVMAGKVEMTLEILNEKEADERPAGKGRDEPNMNPKLD
;
_entity_poly.pdbx_strand_id   D
#
loop_
_chem_comp.id
_chem_comp.type
_chem_comp.name
_chem_comp.formula
CA non-polymer 'CALCIUM ION' 'Ca 2'
PSF non-polymer 1,2-DICAPROYL-SN-PHOSPHATIDYL-L-SERINE 'C18 H34 N O10 P'
#
# COMPACT_ATOMS: atom_id res chain seq x y z
N THR A 223 -27.39 -18.46 18.07
CA THR A 223 -27.82 -17.20 18.67
C THR A 223 -27.57 -16.02 17.72
N VAL A 224 -28.23 -14.90 17.98
CA VAL A 224 -28.05 -13.73 17.13
C VAL A 224 -26.74 -13.03 17.44
N SER A 225 -26.21 -13.20 18.65
CA SER A 225 -24.96 -12.56 19.05
C SER A 225 -23.77 -13.17 18.32
N GLU A 226 -23.72 -14.51 18.26
CA GLU A 226 -22.70 -15.22 17.51
C GLU A 226 -22.79 -14.88 16.02
N ALA A 227 -24.01 -14.78 15.49
CA ALA A 227 -24.21 -14.44 14.10
C ALA A 227 -23.74 -13.01 13.80
N GLN A 228 -24.02 -12.06 14.69
CA GLN A 228 -23.61 -10.68 14.42
C GLN A 228 -22.10 -10.49 14.63
N LEU A 229 -21.49 -11.26 15.53
CA LEU A 229 -20.04 -11.25 15.64
C LEU A 229 -19.39 -11.82 14.39
N ALA A 230 -19.98 -12.90 13.84
CA ALA A 230 -19.49 -13.47 12.60
C ALA A 230 -19.66 -12.52 11.42
N ARG A 231 -20.79 -11.81 11.35
CA ARG A 231 -21.00 -10.84 10.28
C ARG A 231 -20.05 -9.65 10.38
N ARG A 232 -19.78 -9.18 11.59
CA ARG A 232 -18.86 -8.05 11.74
C ARG A 232 -17.43 -8.47 11.45
N LEU A 233 -17.07 -9.72 11.78
CA LEU A 233 -15.74 -10.21 11.45
C LEU A 233 -15.59 -10.49 9.95
N THR A 234 -16.66 -10.90 9.26
CA THR A 234 -16.54 -11.01 7.81
C THR A 234 -16.50 -9.63 7.15
N LYS A 235 -17.18 -8.64 7.73
CA LYS A 235 -17.09 -7.28 7.21
C LYS A 235 -15.67 -6.73 7.35
N VAL A 236 -15.02 -6.99 8.49
CA VAL A 236 -13.64 -6.55 8.63
C VAL A 236 -12.70 -7.45 7.85
N LYS A 237 -13.15 -8.66 7.47
CA LYS A 237 -12.37 -9.48 6.55
C LYS A 237 -12.36 -8.90 5.15
N ASN A 238 -13.52 -8.46 4.65
CA ASN A 238 -13.53 -7.82 3.33
C ASN A 238 -12.89 -6.45 3.35
N SER A 239 -12.94 -5.73 4.47
CA SER A 239 -12.35 -4.40 4.48
C SER A 239 -10.82 -4.41 4.57
N ARG A 240 -10.24 -5.40 5.27
CA ARG A 240 -8.79 -5.46 5.42
C ARG A 240 -8.14 -6.05 4.18
N ARG A 241 -7.89 -5.22 3.18
CA ARG A 241 -7.37 -5.69 1.90
C ARG A 241 -6.27 -4.79 1.34
N MET A 242 -6.02 -3.62 1.94
CA MET A 242 -5.02 -2.71 1.40
C MET A 242 -3.61 -3.19 1.72
N LEU A 243 -2.63 -2.43 1.23
CA LEU A 243 -1.23 -2.80 1.39
C LEU A 243 -0.78 -2.61 2.84
N SER A 244 0.10 -3.50 3.28
CA SER A 244 0.65 -3.46 4.64
C SER A 244 1.91 -2.61 4.73
N ASN A 245 1.84 -1.35 4.33
CA ASN A 245 2.98 -0.46 4.48
C ASN A 245 3.19 -0.10 5.95
N LYS A 246 4.37 -0.43 6.48
CA LYS A 246 4.65 -0.24 7.90
C LYS A 246 4.62 1.23 8.31
N PRO A 247 5.15 2.19 7.54
CA PRO A 247 4.67 3.57 7.72
C PRO A 247 3.57 3.91 6.73
N GLN A 248 2.56 4.62 7.23
CA GLN A 248 1.54 5.23 6.39
C GLN A 248 0.94 6.40 7.13
N ASP A 249 0.69 7.49 6.41
CA ASP A 249 0.29 8.75 6.99
C ASP A 249 -1.23 8.80 7.12
N PHE A 250 -1.70 8.97 8.35
CA PHE A 250 -3.13 8.96 8.64
C PHE A 250 -3.50 10.19 9.46
N GLN A 251 -4.73 10.66 9.27
CA GLN A 251 -5.28 11.79 10.03
C GLN A 251 -6.68 11.43 10.49
N ILE A 252 -6.88 11.39 11.79
CA ILE A 252 -8.17 11.05 12.39
C ILE A 252 -8.73 12.31 13.03
N ARG A 253 -9.90 12.74 12.56
CA ARG A 253 -10.61 13.86 13.18
C ARG A 253 -11.68 13.29 14.09
N VAL A 254 -11.80 13.85 15.29
CA VAL A 254 -12.91 13.51 16.18
C VAL A 254 -13.57 14.82 16.62
N ARG A 255 -14.80 15.03 16.19
CA ARG A 255 -15.57 16.19 16.58
C ARG A 255 -16.67 15.74 17.53
N VAL A 256 -16.78 16.39 18.68
CA VAL A 256 -17.93 16.23 19.55
C VAL A 256 -18.83 17.44 19.32
N ILE A 257 -20.13 17.22 19.27
CA ILE A 257 -21.08 18.26 18.87
C ILE A 257 -21.94 18.65 20.06
N GLU A 258 -22.66 17.68 20.62
CA GLU A 258 -23.66 17.98 21.64
C GLU A 258 -23.94 16.74 22.47
N GLY A 259 -23.85 16.87 23.78
CA GLY A 259 -24.34 15.84 24.67
C GLY A 259 -25.81 16.05 24.99
N ARG A 260 -26.52 14.94 25.16
CA ARG A 260 -27.94 14.97 25.49
C ARG A 260 -28.16 14.11 26.73
N GLN A 261 -28.75 14.72 27.76
CA GLN A 261 -29.23 14.06 28.97
C GLN A 261 -28.12 13.34 29.73
N LEU A 262 -27.04 14.05 30.03
CA LEU A 262 -25.96 13.48 30.82
C LEU A 262 -26.39 13.32 32.27
N SER A 263 -25.80 12.35 32.95
CA SER A 263 -26.18 12.03 34.32
C SER A 263 -25.66 13.07 35.31
N GLY A 264 -26.20 13.01 36.52
CA GLY A 264 -25.87 13.98 37.54
C GLY A 264 -26.83 15.14 37.57
N ASN A 265 -26.55 16.07 38.46
CA ASN A 265 -27.32 17.30 38.56
C ASN A 265 -26.39 18.45 38.94
N ASN A 266 -26.65 19.61 38.32
CA ASN A 266 -25.78 20.80 38.36
C ASN A 266 -24.35 20.43 37.94
N ILE A 267 -24.23 19.76 36.81
CA ILE A 267 -22.93 19.26 36.37
C ILE A 267 -22.21 20.33 35.56
N ARG A 268 -20.90 20.14 35.42
CA ARG A 268 -20.03 20.99 34.59
C ARG A 268 -19.28 20.06 33.64
N PRO A 269 -19.94 19.58 32.59
CA PRO A 269 -19.37 18.48 31.80
C PRO A 269 -18.25 18.93 30.87
N VAL A 270 -17.48 17.93 30.43
CA VAL A 270 -16.30 18.12 29.59
C VAL A 270 -16.02 16.79 28.90
N VAL A 271 -15.44 16.85 27.70
CA VAL A 271 -15.12 15.65 26.93
C VAL A 271 -13.62 15.55 26.72
N LYS A 272 -13.08 14.36 26.94
CA LYS A 272 -11.69 14.04 26.62
C LYS A 272 -11.66 12.85 25.68
N VAL A 273 -11.00 13.00 24.53
CA VAL A 273 -10.93 11.97 23.52
C VAL A 273 -9.48 11.51 23.40
N HIS A 274 -9.28 10.19 23.43
CA HIS A 274 -7.95 9.59 23.44
C HIS A 274 -7.81 8.67 22.24
N VAL A 275 -7.02 9.10 21.25
CA VAL A 275 -6.71 8.28 20.08
C VAL A 275 -5.21 8.13 19.97
N CYS A 276 -4.74 6.87 19.97
CA CYS A 276 -3.33 6.49 19.73
C CYS A 276 -2.37 7.16 20.70
N GLY A 277 -2.77 7.26 21.97
CA GLY A 277 -1.94 7.90 22.98
C GLY A 277 -2.17 9.38 23.14
N GLN A 278 -2.55 10.08 22.08
CA GLN A 278 -2.80 11.52 22.16
C GLN A 278 -4.17 11.79 22.74
N THR A 279 -4.24 12.68 23.72
CA THR A 279 -5.48 13.03 24.39
C THR A 279 -5.76 14.52 24.24
N HIS A 280 -6.94 14.84 23.72
CA HIS A 280 -7.41 16.22 23.60
C HIS A 280 -8.48 16.49 24.63
N ARG A 281 -8.78 17.77 24.85
CA ARG A 281 -9.62 18.20 25.94
C ARG A 281 -10.49 19.37 25.50
N THR A 282 -11.80 19.22 25.67
CA THR A 282 -12.75 20.29 25.44
C THR A 282 -12.70 21.28 26.62
N ARG A 283 -13.26 22.47 26.43
CA ARG A 283 -13.40 23.39 27.54
C ARG A 283 -14.70 23.14 28.29
N ILE A 284 -14.82 23.79 29.46
CA ILE A 284 -15.91 23.47 30.38
C ILE A 284 -17.20 24.09 29.89
N LYS A 285 -18.24 23.26 29.73
CA LYS A 285 -19.57 23.72 29.42
C LYS A 285 -20.48 23.45 30.63
N ARG A 286 -21.77 23.70 30.48
CA ARG A 286 -22.68 23.69 31.61
C ARG A 286 -23.96 22.94 31.26
N GLY A 287 -24.65 22.48 32.30
CA GLY A 287 -25.96 21.88 32.12
C GLY A 287 -25.90 20.41 31.74
N ASN A 288 -27.08 19.80 31.75
CA ASN A 288 -27.24 18.39 31.40
C ASN A 288 -27.40 18.16 29.90
N ASN A 289 -27.53 19.22 29.11
CA ASN A 289 -27.50 19.14 27.65
C ASN A 289 -26.42 20.10 27.15
N PRO A 290 -25.14 19.72 27.24
CA PRO A 290 -24.08 20.63 26.83
C PRO A 290 -23.90 20.68 25.33
N PHE A 291 -23.49 21.84 24.80
CA PHE A 291 -23.15 21.95 23.39
C PHE A 291 -21.68 22.33 23.29
N PHE A 292 -20.88 21.51 22.62
CA PHE A 292 -19.45 21.73 22.50
C PHE A 292 -19.06 22.28 21.13
N ASP A 293 -19.33 21.53 20.07
CA ASP A 293 -18.91 21.79 18.69
C ASP A 293 -17.42 22.10 18.61
N GLU A 294 -16.62 21.10 19.00
CA GLU A 294 -15.18 21.23 19.01
C GLU A 294 -14.55 20.10 18.23
N LEU A 295 -13.62 20.43 17.36
CA LEU A 295 -13.03 19.51 16.41
C LEU A 295 -11.57 19.27 16.77
N PHE A 296 -11.20 18.00 16.92
CA PHE A 296 -9.87 17.61 17.33
C PHE A 296 -9.17 16.87 16.19
N PHE A 297 -7.85 17.01 16.11
CA PHE A 297 -7.05 16.40 15.06
C PHE A 297 -6.04 15.44 15.67
N TYR A 298 -5.78 14.34 14.98
CA TYR A 298 -4.84 13.31 15.40
C TYR A 298 -4.00 12.89 14.21
N ASN A 299 -2.74 13.32 14.19
CA ASN A 299 -1.83 13.02 13.10
C ASN A 299 -0.90 11.90 13.53
N VAL A 300 -1.09 10.71 12.95
CA VAL A 300 -0.31 9.54 13.30
C VAL A 300 0.33 8.97 12.04
N ASN A 301 1.41 8.22 12.22
CA ASN A 301 2.12 7.55 11.14
C ASN A 301 2.41 6.12 11.56
N MET A 302 1.68 5.18 10.98
CA MET A 302 1.72 3.79 11.40
C MET A 302 1.10 2.93 10.30
N THR A 303 1.19 1.60 10.49
CA THR A 303 0.62 0.65 9.56
C THR A 303 -0.90 0.79 9.53
N PRO A 304 -1.55 0.61 8.37
CA PRO A 304 -3.02 0.63 8.34
C PRO A 304 -3.67 -0.46 9.18
N SER A 305 -3.10 -1.67 9.21
CA SER A 305 -3.67 -2.76 9.99
C SER A 305 -3.51 -2.49 11.48
N GLU A 306 -2.39 -1.89 11.88
CA GLU A 306 -2.17 -1.53 13.28
C GLU A 306 -3.08 -0.38 13.68
N LEU A 307 -3.32 0.56 12.76
CA LEU A 307 -4.19 1.70 13.04
C LEU A 307 -5.65 1.26 13.18
N MET A 308 -6.08 0.31 12.37
CA MET A 308 -7.47 -0.12 12.45
C MET A 308 -7.72 -1.09 13.60
N ASP A 309 -6.67 -1.48 14.32
CA ASP A 309 -6.84 -2.16 15.59
C ASP A 309 -6.77 -1.22 16.78
N GLU A 310 -6.49 0.06 16.55
CA GLU A 310 -6.41 1.02 17.65
C GLU A 310 -7.80 1.37 18.16
N ILE A 311 -7.86 1.96 19.35
CA ILE A 311 -9.12 2.26 20.02
C ILE A 311 -9.23 3.78 20.18
N ILE A 312 -10.37 4.32 19.78
CA ILE A 312 -10.76 5.68 20.14
C ILE A 312 -11.53 5.63 21.44
N SER A 313 -11.11 6.42 22.42
CA SER A 313 -11.67 6.38 23.77
C SER A 313 -12.23 7.75 24.12
N ILE A 314 -13.52 7.94 23.85
CA ILE A 314 -14.24 9.15 24.25
C ILE A 314 -14.72 8.97 25.68
N ARG A 315 -14.53 10.00 26.49
CA ARG A 315 -14.79 9.88 27.92
C ARG A 315 -15.24 11.21 28.48
N VAL A 316 -16.45 11.24 29.05
CA VAL A 316 -17.06 12.45 29.57
C VAL A 316 -16.79 12.53 31.06
N TYR A 317 -16.31 13.69 31.52
CA TYR A 317 -16.03 13.95 32.92
C TYR A 317 -16.87 15.12 33.44
N ASN A 318 -17.12 15.10 34.74
CA ASN A 318 -17.57 16.25 35.50
C ASN A 318 -16.36 17.01 36.03
N SER A 319 -16.50 18.32 36.17
CA SER A 319 -15.40 19.15 36.65
C SER A 319 -15.86 19.93 37.88
N HIS A 320 -14.89 20.29 38.72
CA HIS A 320 -15.15 21.00 39.96
C HIS A 320 -14.20 22.17 40.08
N SER A 321 -14.60 23.16 40.89
CA SER A 321 -13.77 24.33 41.11
C SER A 321 -12.58 24.05 42.03
N LEU A 322 -12.72 23.10 42.96
CA LEU A 322 -11.65 22.83 43.91
C LEU A 322 -11.23 21.36 43.90
N ARG A 323 -11.85 20.52 43.09
CA ARG A 323 -11.53 19.11 43.04
C ARG A 323 -11.10 18.72 41.63
N ALA A 324 -10.62 17.49 41.49
CA ALA A 324 -10.23 16.98 40.20
C ALA A 324 -11.45 16.46 39.44
N ASP A 325 -11.22 16.01 38.21
CA ASP A 325 -12.31 15.54 37.37
C ASP A 325 -12.80 14.16 37.81
N CYS A 326 -14.10 13.94 37.68
CA CYS A 326 -14.75 12.71 38.09
C CYS A 326 -15.38 12.06 36.86
N LEU A 327 -15.23 10.74 36.73
CA LEU A 327 -15.76 10.03 35.57
C LEU A 327 -17.28 9.98 35.62
N MET A 328 -17.92 10.26 34.48
CA MET A 328 -19.37 10.21 34.36
C MET A 328 -19.89 9.47 33.13
N GLY A 329 -19.03 9.13 32.18
CA GLY A 329 -19.46 8.39 31.01
C GLY A 329 -18.27 8.02 30.17
N GLU A 330 -18.47 6.99 29.35
CA GLU A 330 -17.39 6.45 28.54
C GLU A 330 -17.93 5.65 27.37
N PHE A 331 -17.42 5.95 26.18
CA PHE A 331 -17.68 5.15 25.00
C PHE A 331 -16.33 4.78 24.37
N LYS A 332 -16.22 3.52 23.97
CA LYS A 332 -14.99 3.02 23.35
C LYS A 332 -15.35 2.39 22.02
N ILE A 333 -14.64 2.78 20.96
CA ILE A 333 -14.94 2.35 19.59
C ILE A 333 -13.64 2.31 18.81
N ASP A 334 -13.38 1.18 18.16
CA ASP A 334 -12.13 1.03 17.41
C ASP A 334 -12.17 1.78 16.09
N VAL A 335 -10.98 2.12 15.58
CA VAL A 335 -10.84 2.90 14.35
C VAL A 335 -11.22 2.07 13.13
N GLY A 336 -11.20 0.74 13.27
CA GLY A 336 -11.50 -0.13 12.15
C GLY A 336 -12.93 -0.01 11.64
N PHE A 337 -13.89 0.11 12.56
CA PHE A 337 -15.29 0.09 12.12
C PHE A 337 -15.64 1.44 11.48
N VAL A 338 -15.06 2.53 11.99
CA VAL A 338 -15.25 3.81 11.32
C VAL A 338 -14.43 3.88 10.03
N TYR A 339 -13.47 2.97 9.83
CA TYR A 339 -12.91 2.79 8.50
C TYR A 339 -13.86 2.01 7.57
N ASP A 340 -14.61 1.03 8.10
CA ASP A 340 -15.46 0.23 7.22
C ASP A 340 -16.69 0.97 6.74
N GLU A 341 -17.01 2.10 7.35
CA GLU A 341 -18.14 2.91 6.92
C GLU A 341 -17.84 3.49 5.53
N PRO A 342 -18.84 3.60 4.65
CA PRO A 342 -18.57 4.14 3.30
C PRO A 342 -18.24 5.63 3.33
N GLY A 343 -16.99 5.94 3.01
CA GLY A 343 -16.44 7.27 3.17
C GLY A 343 -15.49 7.41 4.33
N HIS A 344 -15.22 6.32 5.06
CA HIS A 344 -14.30 6.24 6.20
C HIS A 344 -14.66 7.21 7.32
N ALA A 345 -15.95 7.52 7.50
CA ALA A 345 -16.35 8.55 8.43
C ALA A 345 -17.82 8.43 8.79
N VAL A 346 -18.09 8.15 10.06
CA VAL A 346 -19.45 8.19 10.59
C VAL A 346 -19.85 9.65 10.66
N MET A 347 -21.16 9.91 10.56
CA MET A 347 -21.64 11.27 10.35
C MET A 347 -22.74 11.61 11.35
N ARG A 348 -22.40 12.45 12.34
CA ARG A 348 -23.32 12.98 13.37
C ARG A 348 -24.11 11.88 14.08
N LYS A 349 -23.41 10.81 14.43
CA LYS A 349 -24.02 9.66 15.08
C LYS A 349 -23.96 9.80 16.59
N TRP A 350 -24.94 9.21 17.26
CA TRP A 350 -25.12 9.34 18.70
C TRP A 350 -24.51 8.14 19.40
N LEU A 351 -23.76 8.39 20.47
CA LEU A 351 -23.16 7.33 21.26
C LEU A 351 -24.10 6.91 22.38
N LEU A 352 -23.94 5.67 22.83
CA LEU A 352 -24.61 5.19 24.03
C LEU A 352 -23.56 5.15 25.13
N LEU A 353 -23.47 6.23 25.89
CA LEU A 353 -22.46 6.33 26.94
C LEU A 353 -22.81 5.40 28.09
N ASN A 354 -21.79 4.73 28.64
CA ASN A 354 -21.97 3.80 29.73
C ASN A 354 -20.75 3.88 30.65
N ASP A 355 -20.94 3.48 31.89
CA ASP A 355 -19.87 3.54 32.87
C ASP A 355 -19.20 2.19 32.99
N PRO A 356 -17.86 2.13 32.97
CA PRO A 356 -17.18 0.81 32.99
C PRO A 356 -17.32 0.06 34.31
N GLU A 357 -17.48 0.75 35.44
CA GLU A 357 -17.68 0.07 36.71
C GLU A 357 -19.12 0.11 37.19
N ASP A 358 -19.93 1.03 36.66
CA ASP A 358 -21.35 1.09 36.98
C ASP A 358 -22.17 0.58 35.80
N THR A 359 -21.68 -0.49 35.16
CA THR A 359 -22.28 -0.99 33.92
C THR A 359 -23.66 -1.62 34.13
N SER A 360 -24.05 -1.93 35.36
CA SER A 360 -25.37 -2.48 35.63
C SER A 360 -26.47 -1.44 35.56
N SER A 361 -26.14 -0.15 35.58
CA SER A 361 -27.16 0.91 35.55
C SER A 361 -27.58 1.27 34.14
N GLY A 362 -26.97 0.69 33.11
CA GLY A 362 -27.34 1.01 31.74
C GLY A 362 -26.66 2.27 31.23
N SER A 363 -27.44 3.11 30.56
CA SER A 363 -26.91 4.32 29.97
C SER A 363 -26.66 5.39 31.03
N LYS A 364 -25.64 6.22 30.77
CA LYS A 364 -25.36 7.37 31.61
C LYS A 364 -25.62 8.69 30.89
N GLY A 365 -25.52 8.68 29.57
CA GLY A 365 -25.76 9.88 28.79
C GLY A 365 -25.65 9.57 27.31
N TYR A 366 -25.79 10.60 26.50
CA TYR A 366 -25.66 10.46 25.05
C TYR A 366 -24.67 11.49 24.53
N MET A 367 -24.06 11.19 23.39
CA MET A 367 -22.91 11.93 22.88
C MET A 367 -23.00 11.98 21.36
N LYS A 368 -23.56 13.04 20.80
CA LYS A 368 -23.51 13.20 19.35
C LYS A 368 -22.10 13.57 18.91
N VAL A 369 -21.42 12.64 18.24
CA VAL A 369 -20.09 12.87 17.72
C VAL A 369 -20.08 12.55 16.22
N SER A 370 -19.11 13.12 15.53
CA SER A 370 -18.85 12.82 14.13
C SER A 370 -17.35 12.69 13.95
N MET A 371 -16.89 11.51 13.56
CA MET A 371 -15.46 11.28 13.46
C MET A 371 -15.10 10.76 12.08
N PHE A 372 -13.88 11.10 11.65
CA PHE A 372 -13.42 10.99 10.29
C PHE A 372 -12.09 10.24 10.29
N VAL A 373 -11.80 9.54 9.20
CA VAL A 373 -10.50 8.89 9.02
C VAL A 373 -10.07 9.18 7.59
N LEU A 374 -8.86 9.73 7.44
CA LEU A 374 -8.33 10.11 6.14
C LEU A 374 -6.98 9.42 5.93
N GLY A 375 -6.93 8.52 4.94
CA GLY A 375 -5.68 7.95 4.51
C GLY A 375 -5.13 8.69 3.30
N THR A 376 -4.15 8.06 2.65
CA THR A 376 -3.48 8.66 1.51
C THR A 376 -4.41 8.73 0.31
N GLY A 377 -4.81 9.94 -0.07
CA GLY A 377 -5.77 10.14 -1.14
C GLY A 377 -7.22 10.11 -0.72
N ASP A 378 -7.51 9.85 0.55
CA ASP A 378 -8.89 9.79 1.01
C ASP A 378 -9.42 11.19 1.30
N GLU A 379 -10.73 11.35 1.14
CA GLU A 379 -11.41 12.61 1.36
C GLU A 379 -12.62 12.40 2.26
N PRO A 380 -12.97 13.36 3.12
CA PRO A 380 -14.14 13.19 3.97
C PRO A 380 -15.42 13.39 3.17
N PRO A 381 -16.49 12.70 3.53
CA PRO A 381 -17.76 12.92 2.85
C PRO A 381 -18.36 14.24 3.23
N PRO A 382 -19.16 14.86 2.36
CA PRO A 382 -19.79 16.14 2.70
C PRO A 382 -20.88 15.97 3.74
N GLU A 383 -21.11 17.04 4.51
CA GLU A 383 -22.18 17.04 5.49
C GLU A 383 -23.53 17.23 4.80
N ARG A 384 -24.60 16.94 5.56
CA ARG A 384 -25.95 17.03 5.02
C ARG A 384 -26.77 17.95 5.91
N ARG A 385 -28.00 18.22 5.46
CA ARG A 385 -28.90 19.11 6.18
C ARG A 385 -29.40 18.46 7.48
N ASP A 386 -29.45 19.26 8.54
CA ASP A 386 -29.70 18.76 9.89
C ASP A 386 -30.83 19.45 10.61
N ARG A 387 -31.81 20.01 9.90
CA ARG A 387 -32.86 20.79 10.56
C ARG A 387 -33.82 19.90 11.34
N ASP A 388 -34.17 18.73 10.80
CA ASP A 388 -35.17 17.88 11.44
C ASP A 388 -34.74 16.43 11.56
N ASN A 389 -33.73 16.02 10.78
CA ASN A 389 -33.34 14.60 10.78
C ASN A 389 -32.24 14.29 11.78
N ASP A 390 -31.31 15.22 12.03
CA ASP A 390 -30.14 14.93 12.83
C ASP A 390 -30.14 15.61 14.21
N SER A 391 -30.87 16.71 14.38
CA SER A 391 -30.79 17.44 15.64
C SER A 391 -31.75 16.90 16.68
N ASP A 392 -32.55 15.88 16.37
CA ASP A 392 -33.63 15.48 17.25
C ASP A 392 -33.69 13.96 17.39
N ASP A 393 -34.18 13.54 18.56
CA ASP A 393 -34.71 12.23 18.94
C ASP A 393 -33.68 11.12 19.15
N VAL A 394 -32.44 11.29 18.70
CA VAL A 394 -31.25 10.42 18.81
C VAL A 394 -31.34 8.94 18.35
N GLU A 395 -32.49 8.26 18.42
CA GLU A 395 -32.58 6.91 17.82
C GLU A 395 -32.66 6.95 16.31
N SER A 396 -32.95 8.11 15.73
CA SER A 396 -32.89 8.22 14.29
C SER A 396 -31.45 8.22 13.77
N ASN A 397 -30.46 8.47 14.64
CA ASN A 397 -29.06 8.48 14.21
C ASN A 397 -28.15 7.79 15.21
N LEU A 398 -28.59 6.70 15.84
CA LEU A 398 -27.71 5.93 16.71
C LEU A 398 -26.64 5.22 15.90
N LEU A 399 -25.41 5.25 16.43
CA LEU A 399 -24.29 4.65 15.72
C LEU A 399 -24.39 3.12 15.79
N LEU A 400 -24.69 2.60 16.97
CA LEU A 400 -24.98 1.18 17.15
C LEU A 400 -26.38 1.00 17.73
N PRO A 401 -27.12 -0.01 17.30
CA PRO A 401 -28.48 -0.20 17.81
C PRO A 401 -28.50 -0.76 19.22
N ALA A 402 -29.71 -0.93 19.74
CA ALA A 402 -29.88 -1.40 21.11
C ALA A 402 -29.71 -2.91 21.23
N GLY A 403 -29.56 -3.63 20.11
CA GLY A 403 -29.40 -5.07 20.16
C GLY A 403 -28.03 -5.54 20.61
N ILE A 404 -27.06 -4.63 20.73
CA ILE A 404 -25.74 -5.00 21.24
C ILE A 404 -25.82 -5.36 22.72
N ALA A 405 -26.51 -4.53 23.52
CA ALA A 405 -26.79 -4.73 24.94
C ALA A 405 -25.52 -4.92 25.78
N LEU A 406 -24.51 -4.08 25.50
CA LEU A 406 -23.20 -4.02 26.19
C LEU A 406 -22.53 -5.39 26.34
N ARG A 407 -22.60 -6.19 25.27
CA ARG A 407 -22.12 -7.56 25.32
C ARG A 407 -20.60 -7.61 25.27
N TRP A 408 -20.01 -8.50 26.06
CA TRP A 408 -18.58 -8.78 26.00
C TRP A 408 -18.32 -10.04 25.19
N VAL A 409 -17.16 -10.07 24.54
CA VAL A 409 -16.68 -11.23 23.80
C VAL A 409 -15.38 -11.69 24.44
N THR A 410 -15.32 -12.98 24.78
CA THR A 410 -14.15 -13.55 25.46
C THR A 410 -13.50 -14.58 24.56
N PHE A 411 -12.20 -14.45 24.36
CA PHE A 411 -11.41 -15.41 23.60
C PHE A 411 -10.52 -16.19 24.57
N LEU A 412 -10.65 -17.50 24.56
CA LEU A 412 -9.84 -18.38 25.40
C LEU A 412 -8.69 -18.90 24.56
N LEU A 413 -7.62 -18.10 24.48
CA LEU A 413 -6.44 -18.49 23.72
C LEU A 413 -5.58 -19.39 24.60
N LYS A 414 -5.88 -20.68 24.57
CA LYS A 414 -5.09 -21.69 25.27
C LYS A 414 -3.73 -21.80 24.61
N ILE A 415 -2.67 -21.78 25.41
CA ILE A 415 -1.31 -21.92 24.93
C ILE A 415 -0.72 -23.15 25.60
N TYR A 416 -0.55 -24.23 24.83
CA TYR A 416 -0.16 -25.50 25.40
C TYR A 416 1.35 -25.58 25.60
N ARG A 417 2.11 -25.52 24.50
CA ARG A 417 3.54 -25.78 24.58
C ARG A 417 4.22 -25.15 23.38
N ALA A 418 5.53 -25.39 23.28
CA ALA A 418 6.32 -24.97 22.15
C ALA A 418 7.45 -25.96 21.94
N GLU A 419 8.01 -25.95 20.73
CA GLU A 419 9.09 -26.84 20.34
C GLU A 419 10.15 -26.05 19.60
N ASP A 420 11.39 -26.54 19.67
CA ASP A 420 12.53 -26.11 18.84
C ASP A 420 12.85 -24.63 18.99
N ILE A 421 12.77 -24.10 20.21
CA ILE A 421 13.14 -22.70 20.42
C ILE A 421 14.65 -22.58 20.45
N PRO A 422 15.24 -21.67 19.67
CA PRO A 422 16.71 -21.64 19.54
C PRO A 422 17.40 -21.10 20.78
N GLN A 423 18.72 -21.28 20.81
CA GLN A 423 19.54 -20.80 21.91
C GLN A 423 19.63 -19.28 21.90
N MET A 424 19.22 -18.66 23.02
CA MET A 424 19.34 -17.22 23.20
C MET A 424 20.03 -16.81 24.49
N ASP A 425 20.86 -17.66 25.08
CA ASP A 425 21.60 -17.29 26.27
C ASP A 425 23.10 -17.47 26.01
N ASP A 426 23.89 -17.00 26.97
CA ASP A 426 25.31 -16.73 26.73
C ASP A 426 26.15 -17.99 26.60
N ALA A 427 25.71 -19.11 27.18
CA ALA A 427 26.37 -20.42 27.20
C ALA A 427 27.74 -20.41 27.89
N PHE A 428 28.09 -19.32 28.57
CA PHE A 428 29.35 -19.28 29.31
C PHE A 428 29.14 -19.78 30.73
N SER A 429 27.94 -19.58 31.27
CA SER A 429 27.62 -20.04 32.62
C SER A 429 27.58 -21.55 32.69
N GLN A 430 27.11 -22.20 31.63
CA GLN A 430 27.07 -23.66 31.62
C GLN A 430 28.44 -24.26 31.36
N THR A 431 29.35 -23.49 30.76
CA THR A 431 30.73 -23.93 30.65
C THR A 431 31.40 -23.96 32.02
N VAL A 432 31.10 -22.97 32.86
CA VAL A 432 31.62 -22.95 34.22
C VAL A 432 31.01 -24.08 35.05
N LYS A 433 29.70 -24.25 34.94
CA LYS A 433 29.01 -25.32 35.66
C LYS A 433 29.28 -26.66 34.98
N ASP A 441 24.08 -29.45 28.40
CA ASP A 441 23.11 -28.45 28.81
C ASP A 441 22.95 -27.37 27.76
N LYS A 442 23.64 -27.53 26.64
CA LYS A 442 23.67 -26.49 25.61
C LYS A 442 22.42 -26.49 24.74
N LYS A 443 21.58 -27.52 24.85
CA LYS A 443 20.41 -27.61 23.99
C LYS A 443 19.26 -26.71 24.46
N ASN A 444 19.24 -26.35 25.74
CA ASN A 444 18.09 -25.70 26.36
C ASN A 444 18.44 -24.34 26.96
N LEU A 445 19.13 -23.49 26.19
CA LEU A 445 19.61 -22.21 26.70
C LEU A 445 18.65 -21.07 26.34
N VAL A 446 17.41 -21.19 26.80
CA VAL A 446 16.40 -20.17 26.57
C VAL A 446 15.39 -20.27 27.71
N ASP A 447 14.78 -19.14 28.06
CA ASP A 447 13.79 -19.05 29.14
C ASP A 447 12.50 -18.45 28.57
N PRO A 448 11.73 -19.24 27.82
CA PRO A 448 10.67 -18.64 27.01
C PRO A 448 9.41 -18.32 27.79
N PHE A 449 8.70 -17.30 27.32
CA PHE A 449 7.34 -16.99 27.74
C PHE A 449 6.65 -16.31 26.57
N VAL A 450 5.33 -16.29 26.57
CA VAL A 450 4.55 -15.81 25.44
C VAL A 450 3.92 -14.48 25.80
N GLU A 451 4.19 -13.47 24.98
CA GLU A 451 3.50 -12.20 25.06
C GLU A 451 2.32 -12.21 24.10
N VAL A 452 1.11 -12.03 24.62
CA VAL A 452 -0.10 -11.99 23.80
C VAL A 452 -0.59 -10.55 23.78
N SER A 453 -0.52 -9.92 22.62
CA SER A 453 -0.96 -8.55 22.42
C SER A 453 -2.31 -8.58 21.73
N PHE A 454 -3.31 -8.03 22.39
CA PHE A 454 -4.67 -8.04 21.86
C PHE A 454 -5.38 -6.79 22.34
N ALA A 455 -5.80 -5.95 21.37
CA ALA A 455 -6.49 -4.67 21.61
C ALA A 455 -5.69 -3.74 22.52
N GLY A 456 -4.36 -3.73 22.34
CA GLY A 456 -3.50 -2.88 23.13
C GLY A 456 -3.14 -3.39 24.50
N LYS A 457 -3.61 -4.57 24.88
CA LYS A 457 -3.31 -5.15 26.19
C LYS A 457 -2.34 -6.31 26.03
N LYS A 458 -1.38 -6.40 26.95
CA LYS A 458 -0.27 -7.33 26.85
C LYS A 458 -0.32 -8.30 28.03
N VAL A 459 -0.57 -9.58 27.74
CA VAL A 459 -0.65 -10.62 28.75
C VAL A 459 0.50 -11.58 28.56
N CYS A 460 1.38 -11.66 29.56
CA CYS A 460 2.56 -12.51 29.50
C CYS A 460 2.32 -13.78 30.29
N THR A 461 2.74 -14.91 29.72
CA THR A 461 2.60 -16.19 30.40
C THR A 461 3.77 -16.42 31.36
N ASN A 462 3.79 -17.60 31.96
CA ASN A 462 4.84 -17.94 32.91
C ASN A 462 6.15 -18.22 32.18
N ILE A 463 7.24 -18.07 32.92
CA ILE A 463 8.58 -18.24 32.38
C ILE A 463 9.08 -19.64 32.73
N ILE A 464 9.47 -20.41 31.73
CA ILE A 464 9.99 -21.76 31.91
C ILE A 464 11.51 -21.67 31.88
N GLU A 465 12.15 -21.98 33.00
CA GLU A 465 13.59 -21.81 33.11
C GLU A 465 14.33 -22.93 32.39
N LYS A 466 15.17 -22.54 31.42
CA LYS A 466 16.12 -23.42 30.73
C LYS A 466 15.43 -24.59 30.03
N ASN A 467 14.59 -24.25 29.06
CA ASN A 467 13.82 -25.26 28.34
C ASN A 467 13.55 -24.77 26.94
N ALA A 468 14.15 -25.44 25.94
CA ALA A 468 13.87 -25.14 24.55
C ALA A 468 12.56 -25.75 24.06
N ASN A 469 11.98 -26.66 24.82
CA ASN A 469 10.67 -27.25 24.52
C ASN A 469 9.78 -27.06 25.74
N PRO A 470 9.27 -25.84 25.95
CA PRO A 470 8.53 -25.54 27.17
C PRO A 470 7.12 -26.11 27.11
N GLU A 471 6.46 -26.14 28.28
CA GLU A 471 5.10 -26.62 28.40
C GLU A 471 4.37 -25.69 29.38
N TRP A 472 3.73 -24.65 28.82
CA TRP A 472 3.08 -23.65 29.67
C TRP A 472 1.74 -24.16 30.20
N ASN A 473 0.85 -24.57 29.28
CA ASN A 473 -0.53 -25.01 29.56
C ASN A 473 -1.30 -23.94 30.32
N GLN A 474 -1.49 -22.80 29.66
CA GLN A 474 -2.18 -21.66 30.25
C GLN A 474 -3.14 -21.03 29.25
N VAL A 475 -4.42 -20.99 29.63
CA VAL A 475 -5.43 -20.23 28.91
C VAL A 475 -5.16 -18.74 29.13
N VAL A 476 -5.23 -17.96 28.06
CA VAL A 476 -5.17 -16.51 28.14
C VAL A 476 -6.56 -15.97 27.86
N ASN A 477 -7.17 -15.37 28.89
CA ASN A 477 -8.56 -14.92 28.80
C ASN A 477 -8.58 -13.51 28.23
N LEU A 478 -8.52 -13.42 26.90
CA LEU A 478 -8.65 -12.14 26.22
C LEU A 478 -10.09 -11.65 26.28
N GLN A 479 -10.26 -10.33 26.36
CA GLN A 479 -11.58 -9.74 26.46
C GLN A 479 -11.65 -8.45 25.65
N ILE A 480 -12.72 -8.31 24.90
CA ILE A 480 -13.07 -7.05 24.22
C ILE A 480 -14.56 -6.83 24.38
N LYS A 481 -14.94 -5.61 24.72
CA LYS A 481 -16.35 -5.24 24.63
C LYS A 481 -16.71 -5.14 23.16
N PHE A 482 -17.88 -5.66 22.80
CA PHE A 482 -18.25 -5.83 21.40
C PHE A 482 -18.29 -4.55 20.54
N PRO A 483 -18.59 -3.32 21.06
CA PRO A 483 -18.39 -2.12 20.23
C PRO A 483 -16.97 -1.89 19.71
N SER A 484 -15.95 -2.38 20.41
CA SER A 484 -14.57 -2.25 19.97
C SER A 484 -13.89 -3.61 19.90
N VAL A 485 -13.71 -4.10 18.67
CA VAL A 485 -13.09 -5.40 18.45
C VAL A 485 -11.69 -5.20 17.89
N CYS A 486 -10.80 -6.14 18.19
CA CYS A 486 -9.49 -6.20 17.59
C CYS A 486 -9.36 -7.49 16.79
N GLU A 487 -8.69 -7.40 15.65
CA GLU A 487 -8.62 -8.51 14.71
C GLU A 487 -7.33 -9.31 14.79
N LYS A 488 -6.21 -8.69 15.16
CA LYS A 488 -4.89 -9.29 15.01
C LYS A 488 -4.34 -9.64 16.39
N ILE A 489 -4.49 -10.89 16.80
CA ILE A 489 -3.82 -11.38 18.00
C ILE A 489 -2.36 -11.64 17.66
N LYS A 490 -1.45 -11.07 18.45
CA LYS A 490 -0.03 -11.16 18.18
C LYS A 490 0.63 -11.95 19.31
N LEU A 491 1.11 -13.15 18.99
CA LEU A 491 1.87 -13.97 19.92
C LEU A 491 3.35 -13.79 19.64
N THR A 492 4.13 -13.50 20.67
CA THR A 492 5.54 -13.22 20.54
C THR A 492 6.29 -13.88 21.67
N ILE A 493 6.97 -14.99 21.37
CA ILE A 493 7.80 -15.66 22.36
C ILE A 493 9.02 -14.80 22.65
N TYR A 494 9.32 -14.60 23.93
CA TYR A 494 10.48 -13.86 24.38
C TYR A 494 11.38 -14.75 25.23
N ASP A 495 12.67 -14.67 24.99
CA ASP A 495 13.64 -15.22 25.94
C ASP A 495 13.78 -14.23 27.09
N TRP A 496 13.37 -14.65 28.28
CA TRP A 496 13.50 -13.79 29.45
C TRP A 496 14.97 -13.69 29.85
N ASP A 497 15.44 -12.46 30.04
CA ASP A 497 16.81 -12.19 30.45
C ASP A 497 16.78 -11.43 31.77
N ARG A 498 17.58 -11.91 32.72
CA ARG A 498 17.58 -11.32 34.06
C ARG A 498 18.24 -9.95 34.06
N LEU A 499 19.38 -9.82 33.40
CA LEU A 499 20.18 -8.60 33.47
C LEU A 499 20.01 -7.70 32.25
N THR A 500 19.62 -8.24 31.11
CA THR A 500 19.51 -7.46 29.88
C THR A 500 18.06 -7.45 29.42
N LYS A 501 17.85 -6.87 28.24
CA LYS A 501 16.52 -6.83 27.65
C LYS A 501 16.11 -8.23 27.19
N ASN A 502 14.81 -8.52 27.31
CA ASN A 502 14.28 -9.79 26.85
C ASN A 502 14.35 -9.89 25.34
N ASP A 503 15.07 -10.88 24.84
CA ASP A 503 15.26 -11.06 23.40
C ASP A 503 13.99 -11.60 22.77
N VAL A 504 13.88 -11.44 21.46
CA VAL A 504 12.68 -11.90 20.75
C VAL A 504 13.00 -13.20 20.04
N VAL A 505 12.19 -14.24 20.31
CA VAL A 505 12.33 -15.49 19.61
C VAL A 505 11.65 -15.41 18.23
N GLY A 506 10.38 -15.05 18.22
CA GLY A 506 9.65 -14.96 16.98
C GLY A 506 8.24 -14.47 17.24
N THR A 507 7.57 -14.11 16.15
CA THR A 507 6.23 -13.56 16.21
C THR A 507 5.34 -14.22 15.17
N THR A 508 4.22 -14.76 15.61
CA THR A 508 3.19 -15.25 14.70
C THR A 508 1.88 -14.59 15.09
N TYR A 509 0.88 -14.71 14.22
CA TYR A 509 -0.38 -14.03 14.44
C TYR A 509 -1.55 -14.98 14.23
N LEU A 510 -2.61 -14.76 15.00
CA LEU A 510 -3.95 -15.22 14.66
C LEU A 510 -4.70 -14.05 14.06
N HIS A 511 -5.22 -14.25 12.86
CA HIS A 511 -6.12 -13.28 12.24
C HIS A 511 -7.53 -13.79 12.48
N LEU A 512 -8.29 -13.05 13.30
CA LEU A 512 -9.62 -13.52 13.71
C LEU A 512 -10.61 -13.49 12.55
N SER A 513 -10.38 -12.65 11.56
CA SER A 513 -11.25 -12.60 10.39
C SER A 513 -11.06 -13.81 9.47
N LYS A 514 -9.90 -14.45 9.52
CA LYS A 514 -9.65 -15.64 8.71
C LYS A 514 -10.16 -16.91 9.37
N ILE A 515 -10.28 -16.92 10.69
CA ILE A 515 -10.77 -18.08 11.42
C ILE A 515 -12.24 -17.93 11.81
N ALA A 516 -12.94 -16.95 11.23
CA ALA A 516 -14.37 -16.76 11.46
C ALA A 516 -15.04 -16.47 10.14
N ALA A 517 -16.31 -16.88 10.03
CA ALA A 517 -17.04 -16.70 8.79
C ALA A 517 -18.53 -16.62 9.08
N SER A 518 -19.28 -16.15 8.08
CA SER A 518 -20.73 -16.11 8.14
C SER A 518 -21.32 -16.30 6.74
N VAL A 544 -25.24 -21.16 10.12
CA VAL A 544 -24.57 -20.87 8.86
C VAL A 544 -23.10 -20.55 9.10
N GLY A 545 -22.84 -19.52 9.90
CA GLY A 545 -21.49 -19.10 10.22
C GLY A 545 -21.00 -19.68 11.54
N PHE A 546 -19.80 -19.24 11.92
CA PHE A 546 -19.19 -19.70 13.15
C PHE A 546 -18.32 -18.60 13.76
N VAL A 547 -18.18 -18.66 15.07
CA VAL A 547 -17.33 -17.76 15.86
C VAL A 547 -15.87 -18.12 15.62
N PRO A 548 -14.89 -17.23 15.98
CA PRO A 548 -13.48 -17.60 15.88
C PRO A 548 -13.10 -18.88 16.63
N THR A 549 -12.70 -19.88 15.86
CA THR A 549 -12.18 -21.13 16.40
C THR A 549 -10.86 -21.40 15.70
N PHE A 550 -9.92 -21.98 16.42
CA PHE A 550 -8.62 -22.33 15.85
C PHE A 550 -8.07 -23.48 16.68
N GLY A 551 -7.26 -24.32 16.06
CA GLY A 551 -6.43 -25.24 16.80
C GLY A 551 -7.18 -26.40 17.41
N PRO A 552 -6.46 -27.25 18.19
CA PRO A 552 -5.04 -27.20 18.57
C PRO A 552 -4.08 -27.55 17.44
N CYS A 553 -3.32 -26.54 17.01
CA CYS A 553 -2.46 -26.65 15.84
C CYS A 553 -1.21 -25.81 16.10
N TYR A 554 -0.09 -26.28 15.56
CA TYR A 554 1.16 -25.56 15.71
C TYR A 554 1.22 -24.39 14.74
N LEU A 555 1.74 -23.27 15.23
CA LEU A 555 2.00 -22.09 14.41
C LEU A 555 3.50 -21.85 14.35
N ASN A 556 4.04 -21.82 13.15
CA ASN A 556 5.49 -21.75 12.98
C ASN A 556 5.97 -20.31 13.05
N LEU A 557 7.05 -20.10 13.80
CA LEU A 557 7.69 -18.80 13.93
C LEU A 557 8.85 -18.70 12.95
N TYR A 558 9.10 -17.50 12.45
CA TYR A 558 10.21 -17.26 11.54
C TYR A 558 10.88 -15.94 11.87
N GLY A 559 12.19 -15.87 11.59
CA GLY A 559 12.94 -14.69 11.94
C GLY A 559 14.42 -14.76 11.58
N SER A 560 15.28 -14.33 12.50
CA SER A 560 16.72 -14.30 12.28
C SER A 560 17.27 -15.74 12.23
N PRO A 561 18.48 -15.92 11.68
CA PRO A 561 19.12 -17.24 11.75
C PRO A 561 19.37 -17.70 13.20
N ARG A 562 19.29 -19.01 13.40
CA ARG A 562 19.24 -19.58 14.73
C ARG A 562 20.59 -19.54 15.45
N GLU A 563 21.67 -19.24 14.75
CA GLU A 563 22.99 -19.32 15.36
C GLU A 563 23.19 -18.19 16.35
N TYR A 564 23.62 -18.53 17.55
CA TYR A 564 23.74 -17.56 18.62
C TYR A 564 25.02 -16.76 18.48
N THR A 565 24.89 -15.44 18.61
CA THR A 565 26.02 -14.53 18.69
C THR A 565 25.83 -13.64 19.91
N GLY A 566 26.88 -13.49 20.71
CA GLY A 566 26.80 -12.59 21.85
C GLY A 566 26.70 -11.14 21.42
N PHE A 567 27.24 -10.81 20.26
CA PHE A 567 27.04 -9.51 19.64
C PHE A 567 25.59 -9.36 19.20
N PRO A 568 25.10 -8.13 19.04
CA PRO A 568 23.75 -7.94 18.50
C PRO A 568 23.65 -8.43 17.06
N ASP A 569 22.69 -9.33 16.85
CA ASP A 569 22.48 -9.94 15.54
C ASP A 569 21.88 -8.90 14.60
N PRO A 570 22.28 -8.86 13.32
CA PRO A 570 21.77 -7.80 12.44
C PRO A 570 20.29 -7.94 12.07
N TYR A 571 19.65 -9.06 12.36
CA TYR A 571 18.30 -9.33 11.88
C TYR A 571 17.29 -9.52 13.01
N ASP A 572 17.38 -8.74 14.09
CA ASP A 572 16.34 -8.84 15.12
C ASP A 572 15.03 -8.21 14.68
N GLU A 573 15.03 -7.43 13.61
CA GLU A 573 13.78 -6.89 13.10
C GLU A 573 12.93 -7.98 12.46
N LEU A 574 13.55 -9.08 12.03
CA LEU A 574 12.80 -10.21 11.50
C LEU A 574 12.10 -10.98 12.61
N ASN A 575 12.67 -10.96 13.82
CA ASN A 575 12.07 -11.66 14.95
C ASN A 575 10.77 -11.00 15.40
N THR A 576 10.61 -9.71 15.14
CA THR A 576 9.43 -8.98 15.59
C THR A 576 8.28 -9.02 14.59
N GLY A 577 8.33 -9.91 13.61
CA GLY A 577 7.23 -10.04 12.68
C GLY A 577 7.28 -9.09 11.50
N LYS A 578 8.30 -8.26 11.40
CA LYS A 578 8.48 -7.34 10.29
C LYS A 578 9.49 -7.93 9.33
N GLY A 579 9.15 -7.99 8.06
CA GLY A 579 9.90 -8.80 7.11
C GLY A 579 9.33 -10.19 7.09
N GLU A 580 9.79 -11.05 6.17
CA GLU A 580 9.14 -12.35 6.06
C GLU A 580 9.78 -13.38 6.99
N GLY A 581 11.05 -13.21 7.34
CA GLY A 581 11.70 -14.18 8.20
C GLY A 581 12.43 -15.25 7.41
N VAL A 582 13.67 -15.54 7.78
CA VAL A 582 14.56 -16.34 6.96
C VAL A 582 14.89 -17.70 7.58
N ALA A 583 14.58 -17.92 8.86
CA ALA A 583 14.92 -19.18 9.49
C ALA A 583 13.79 -19.60 10.43
N TYR A 584 13.68 -20.90 10.64
CA TYR A 584 12.63 -21.44 11.49
C TYR A 584 13.01 -21.21 12.96
N ARG A 585 12.13 -20.55 13.70
CA ARG A 585 12.41 -20.13 15.07
C ARG A 585 11.67 -20.97 16.09
N GLY A 586 11.15 -22.12 15.71
CA GLY A 586 10.30 -22.91 16.58
C GLY A 586 8.86 -22.85 16.14
N ARG A 587 8.00 -23.48 16.94
CA ARG A 587 6.56 -23.43 16.70
C ARG A 587 5.83 -23.64 18.02
N ILE A 588 4.65 -23.04 18.12
CA ILE A 588 3.89 -22.99 19.37
C ILE A 588 2.51 -23.59 19.13
N LEU A 589 2.11 -24.51 20.02
CA LEU A 589 0.81 -25.17 19.93
C LEU A 589 -0.23 -24.35 20.67
N VAL A 590 -1.18 -23.77 19.94
CA VAL A 590 -2.23 -22.96 20.52
C VAL A 590 -3.59 -23.44 20.05
N GLU A 591 -4.61 -23.08 20.82
CA GLU A 591 -6.00 -23.31 20.47
C GLU A 591 -6.80 -22.06 20.81
N LEU A 592 -7.74 -21.70 19.95
CA LEU A 592 -8.60 -20.55 20.19
C LEU A 592 -10.05 -21.01 20.24
N ALA A 593 -10.78 -20.55 21.25
CA ALA A 593 -12.21 -20.78 21.36
C ALA A 593 -12.89 -19.47 21.71
N THR A 594 -14.09 -19.26 21.22
CA THR A 594 -14.84 -18.05 21.50
C THR A 594 -16.01 -18.38 22.41
N PHE A 595 -16.02 -17.78 23.60
CA PHE A 595 -17.12 -17.89 24.54
C PHE A 595 -17.81 -16.53 24.64
N LEU A 596 -19.04 -16.46 24.16
CA LEU A 596 -19.80 -15.22 24.22
C LEU A 596 -20.24 -14.95 25.65
N GLU A 597 -20.16 -13.66 26.04
CA GLU A 597 -20.49 -13.14 27.36
C GLU A 597 -19.64 -13.82 28.44
N LYS A 598 -20.12 -13.79 29.69
CA LYS A 598 -19.63 -14.43 30.92
C LYS A 598 -18.35 -13.81 31.48
N THR A 599 -17.66 -12.96 30.67
CA THR A 599 -16.71 -11.87 30.94
C THR A 599 -15.94 -11.98 32.27
N PRO A 600 -15.15 -13.04 32.50
CA PRO A 600 -14.62 -13.28 33.86
C PRO A 600 -13.43 -12.41 34.18
N PRO A 601 -13.55 -11.48 35.12
CA PRO A 601 -12.40 -10.62 35.45
C PRO A 601 -11.36 -11.31 36.30
N ASP A 602 -11.74 -12.35 37.04
CA ASP A 602 -10.78 -13.11 37.85
C ASP A 602 -9.95 -14.00 36.95
N LYS A 603 -8.66 -14.14 37.29
CA LYS A 603 -7.71 -15.03 36.63
C LYS A 603 -7.57 -14.76 35.14
N LYS A 604 -6.95 -13.62 34.79
CA LYS A 604 -6.59 -13.34 33.40
C LYS A 604 -5.66 -14.40 32.84
N LEU A 605 -4.83 -15.00 33.68
CA LEU A 605 -4.10 -16.22 33.35
C LEU A 605 -4.68 -17.35 34.18
N GLU A 606 -5.18 -18.39 33.51
CA GLU A 606 -5.83 -19.52 34.15
C GLU A 606 -5.16 -20.79 33.66
N PRO A 607 -4.91 -21.77 34.53
CA PRO A 607 -4.29 -23.01 34.06
C PRO A 607 -5.24 -23.85 33.22
N ILE A 608 -4.64 -24.68 32.34
CA ILE A 608 -5.41 -25.60 31.52
C ILE A 608 -5.96 -26.72 32.38
N SER A 609 -7.27 -26.99 32.23
CA SER A 609 -7.91 -28.10 32.92
C SER A 609 -7.35 -29.43 32.42
N ASN A 610 -7.25 -30.40 33.33
CA ASN A 610 -6.49 -31.62 33.09
C ASN A 610 -7.13 -32.55 32.08
N ASP A 611 -8.38 -32.32 31.68
CA ASP A 611 -8.99 -33.12 30.62
C ASP A 611 -8.72 -32.56 29.23
N ASP A 612 -8.31 -31.29 29.12
CA ASP A 612 -7.91 -30.76 27.83
C ASP A 612 -6.52 -31.24 27.43
N LEU A 613 -5.69 -31.59 28.41
CA LEU A 613 -4.38 -32.18 28.12
C LEU A 613 -4.50 -33.60 27.56
N LEU A 614 -5.63 -34.27 27.78
CA LEU A 614 -5.89 -35.55 27.13
C LEU A 614 -6.46 -35.36 25.73
N VAL A 615 -7.19 -34.27 25.51
CA VAL A 615 -7.70 -33.95 24.18
C VAL A 615 -6.55 -33.54 23.26
N VAL A 616 -5.60 -32.76 23.79
CA VAL A 616 -4.55 -32.18 22.96
C VAL A 616 -3.48 -33.22 22.59
N GLU A 617 -3.54 -34.42 23.18
CA GLU A 617 -2.59 -35.47 22.85
C GLU A 617 -2.78 -35.95 21.41
N LYS A 618 -4.02 -36.02 20.94
CA LYS A 618 -4.29 -36.55 19.60
C LYS A 618 -3.92 -35.58 18.49
N TYR A 619 -3.66 -34.32 18.81
CA TYR A 619 -3.15 -33.37 17.83
C TYR A 619 -1.63 -33.27 17.84
N GLN A 620 -0.96 -34.10 18.65
CA GLN A 620 0.48 -34.06 18.79
C GLN A 620 1.17 -35.28 18.20
N ARG A 621 0.45 -36.12 17.47
CA ARG A 621 1.03 -37.36 16.96
C ARG A 621 1.84 -37.08 15.72
N ARG A 622 3.07 -37.60 15.69
CA ARG A 622 4.00 -37.34 14.61
C ARG A 622 3.97 -38.46 13.58
N ARG A 623 4.28 -38.10 12.34
CA ARG A 623 4.44 -39.04 11.25
C ARG A 623 5.75 -38.75 10.54
N LYS A 624 6.39 -39.81 10.05
CA LYS A 624 7.69 -39.67 9.41
C LYS A 624 7.53 -39.12 8.01
N TYR A 625 8.37 -38.16 7.65
CA TYR A 625 8.36 -37.53 6.34
C TYR A 625 9.74 -37.67 5.70
N SER A 626 9.75 -37.99 4.41
CA SER A 626 10.97 -38.11 3.62
C SER A 626 11.00 -37.01 2.58
N LEU A 627 12.09 -36.25 2.54
CA LEU A 627 12.24 -35.12 1.64
C LEU A 627 13.42 -35.37 0.72
N SER A 628 13.24 -35.10 -0.56
CA SER A 628 14.30 -35.20 -1.56
C SER A 628 14.36 -33.90 -2.34
N ALA A 629 15.57 -33.54 -2.79
CA ALA A 629 15.79 -32.33 -3.56
C ALA A 629 16.93 -32.57 -4.52
N VAL A 630 16.64 -32.49 -5.81
CA VAL A 630 17.63 -32.68 -6.86
C VAL A 630 17.97 -31.33 -7.45
N PHE A 631 19.21 -30.89 -7.26
CA PHE A 631 19.64 -29.54 -7.63
C PHE A 631 20.05 -29.53 -9.08
N HIS A 632 19.25 -28.90 -9.93
CA HIS A 632 19.45 -28.97 -11.37
C HIS A 632 20.44 -27.92 -11.86
N SER A 633 20.23 -26.65 -11.49
CA SER A 633 21.09 -25.59 -11.99
C SER A 633 21.09 -24.42 -11.02
N ALA A 634 22.29 -23.96 -10.67
CA ALA A 634 22.47 -22.77 -9.84
C ALA A 634 23.22 -21.74 -10.66
N THR A 635 22.51 -20.77 -11.21
CA THR A 635 23.05 -19.87 -12.22
C THR A 635 22.91 -18.43 -11.74
N MET A 636 23.37 -17.50 -12.58
CA MET A 636 23.41 -16.06 -12.32
C MET A 636 24.20 -15.71 -11.06
N LEU A 637 25.25 -16.47 -10.76
CA LEU A 637 26.14 -16.12 -9.67
C LEU A 637 26.99 -14.92 -10.06
N GLN A 638 27.08 -13.94 -9.17
CA GLN A 638 27.72 -12.69 -9.56
C GLN A 638 29.25 -12.76 -9.48
N ASP A 639 29.77 -13.53 -8.54
CA ASP A 639 31.22 -13.75 -8.46
C ASP A 639 31.47 -15.14 -7.93
N VAL A 640 32.66 -15.67 -8.20
CA VAL A 640 32.97 -17.03 -7.79
C VAL A 640 33.20 -17.10 -6.28
N GLY A 641 34.06 -16.23 -5.74
CA GLY A 641 34.43 -16.20 -4.34
C GLY A 641 35.02 -17.51 -3.86
N GLU A 642 34.50 -17.98 -2.73
CA GLU A 642 34.82 -19.32 -2.27
C GLU A 642 33.81 -20.32 -2.82
N ALA A 643 33.90 -21.55 -2.33
CA ALA A 643 32.99 -22.59 -2.80
C ALA A 643 31.58 -22.39 -2.23
N ILE A 644 30.60 -22.92 -2.94
CA ILE A 644 29.19 -22.64 -2.70
C ILE A 644 28.46 -23.96 -2.47
N GLN A 645 27.68 -24.01 -1.38
CA GLN A 645 27.00 -25.20 -0.92
C GLN A 645 25.54 -24.86 -0.66
N PHE A 646 24.64 -25.80 -0.90
CA PHE A 646 23.22 -25.58 -0.65
C PHE A 646 22.71 -26.53 0.43
N GLU A 647 22.10 -25.96 1.46
CA GLU A 647 21.58 -26.71 2.60
C GLU A 647 20.06 -26.66 2.59
N VAL A 648 19.43 -27.82 2.63
CA VAL A 648 17.98 -27.92 2.70
C VAL A 648 17.59 -28.29 4.12
N SER A 649 16.58 -27.61 4.65
CA SER A 649 16.07 -27.90 5.98
C SER A 649 14.61 -27.50 6.06
N ILE A 650 13.79 -28.40 6.61
CA ILE A 650 12.41 -28.09 6.94
C ILE A 650 12.27 -28.16 8.45
N GLY A 651 11.83 -27.06 9.05
CA GLY A 651 11.91 -26.94 10.49
C GLY A 651 13.36 -26.90 10.95
N ASN A 652 13.62 -27.54 12.08
CA ASN A 652 14.99 -27.67 12.58
C ASN A 652 15.66 -28.94 12.07
N TYR A 653 14.94 -29.80 11.36
CA TYR A 653 15.54 -30.97 10.75
C TYR A 653 16.36 -30.55 9.53
N GLY A 654 17.60 -31.01 9.47
CA GLY A 654 18.46 -30.64 8.36
C GLY A 654 19.26 -29.37 8.56
N ASN A 655 19.33 -28.85 9.78
CA ASN A 655 20.13 -27.67 10.06
C ASN A 655 21.59 -28.09 10.14
N ARG A 656 22.42 -27.54 9.25
CA ARG A 656 23.81 -27.96 9.18
C ARG A 656 24.63 -27.41 10.35
N PHE A 657 24.24 -26.27 10.91
CA PHE A 657 24.99 -25.66 11.99
C PHE A 657 24.63 -26.24 13.36
N ASP A 658 23.65 -27.14 13.43
CA ASP A 658 23.36 -27.85 14.67
C ASP A 658 24.32 -29.04 14.79
N THR A 659 25.52 -28.74 15.28
CA THR A 659 26.59 -29.72 15.36
C THR A 659 26.42 -30.68 16.52
N THR A 660 25.46 -30.44 17.42
CA THR A 660 25.24 -31.35 18.54
C THR A 660 24.61 -32.67 18.08
N CYS A 661 23.96 -32.67 16.92
CA CYS A 661 23.32 -33.86 16.40
C CYS A 661 24.29 -34.69 15.57
N LYS A 662 23.80 -35.81 15.06
CA LYS A 662 24.57 -36.64 14.15
C LYS A 662 24.68 -35.97 12.79
N PRO A 663 25.67 -36.39 11.95
CA PRO A 663 25.73 -35.91 10.56
C PRO A 663 24.46 -36.20 9.77
N LEU A 664 23.76 -35.14 9.37
CA LEU A 664 22.43 -35.26 8.79
C LEU A 664 22.44 -35.52 7.30
N ALA A 665 23.54 -35.17 6.61
CA ALA A 665 23.70 -35.29 5.15
C ALA A 665 22.59 -34.59 4.39
N SER A 666 22.21 -33.39 4.84
CA SER A 666 21.16 -32.61 4.22
C SER A 666 21.70 -31.44 3.40
N THR A 667 22.90 -31.59 2.85
CA THR A 667 23.52 -30.47 2.13
C THR A 667 24.30 -31.02 0.95
N THR A 668 24.56 -30.16 -0.03
CA THR A 668 25.27 -30.56 -1.23
C THR A 668 26.77 -30.47 -1.01
N GLN A 669 27.52 -30.94 -2.00
CA GLN A 669 28.96 -30.77 -1.98
C GLN A 669 29.32 -29.31 -2.29
N TYR A 670 30.52 -28.92 -1.89
CA TYR A 670 31.02 -27.61 -2.23
C TYR A 670 31.39 -27.56 -3.71
N SER A 671 30.84 -26.58 -4.42
CA SER A 671 31.04 -26.44 -5.85
C SER A 671 31.55 -25.04 -6.16
N ARG A 672 32.53 -24.95 -7.06
CA ARG A 672 33.16 -23.70 -7.43
C ARG A 672 32.58 -23.21 -8.75
N ALA A 673 32.23 -21.92 -8.79
CA ALA A 673 31.51 -21.35 -9.92
C ALA A 673 32.42 -21.25 -11.15
N VAL A 674 31.78 -21.36 -12.32
CA VAL A 674 32.45 -21.34 -13.61
C VAL A 674 31.85 -20.20 -14.44
N PHE A 675 32.72 -19.37 -15.01
CA PHE A 675 32.31 -18.25 -15.86
C PHE A 675 31.59 -18.76 -17.11
N ASP A 676 30.44 -18.17 -17.40
CA ASP A 676 29.64 -18.62 -18.53
C ASP A 676 30.09 -18.02 -19.85
N GLY A 677 31.10 -17.16 -19.84
CA GLY A 677 31.61 -16.56 -21.05
C GLY A 677 31.18 -15.15 -21.30
N ASN A 678 30.09 -14.68 -20.69
CA ASN A 678 29.71 -13.30 -20.92
C ASN A 678 29.73 -12.42 -19.68
N TYR A 679 28.87 -12.71 -18.70
CA TYR A 679 28.85 -11.87 -17.51
C TYR A 679 28.78 -12.65 -16.20
N TYR A 680 28.00 -13.74 -16.17
CA TYR A 680 27.64 -14.39 -14.93
C TYR A 680 28.47 -15.66 -14.70
N TYR A 681 28.10 -16.37 -13.66
CA TYR A 681 28.73 -17.60 -13.24
C TYR A 681 27.66 -18.65 -12.96
N TYR A 682 28.07 -19.91 -12.95
CA TYR A 682 27.12 -20.99 -12.69
C TYR A 682 27.88 -22.16 -12.08
N LEU A 683 27.19 -22.88 -11.22
CA LEU A 683 27.79 -24.09 -10.67
C LEU A 683 27.75 -25.20 -11.72
N PRO A 684 28.87 -25.86 -11.98
CA PRO A 684 28.96 -26.81 -13.12
C PRO A 684 28.45 -28.20 -12.78
N TRP A 685 27.13 -28.34 -12.73
CA TRP A 685 26.56 -29.61 -12.30
C TRP A 685 26.43 -30.60 -13.44
N ALA A 686 25.97 -30.13 -14.61
CA ALA A 686 25.92 -30.88 -15.89
C ALA A 686 25.03 -32.11 -15.72
N HIS A 687 25.50 -33.31 -16.06
CA HIS A 687 24.68 -34.51 -16.02
C HIS A 687 24.62 -35.14 -14.64
N THR A 688 25.35 -34.62 -13.66
CA THR A 688 25.42 -35.19 -12.31
C THR A 688 24.90 -34.15 -11.33
N LYS A 689 23.59 -34.15 -11.12
CA LYS A 689 22.96 -33.21 -10.21
C LYS A 689 23.19 -33.63 -8.77
N PRO A 690 23.41 -32.70 -7.84
CA PRO A 690 23.46 -33.08 -6.42
C PRO A 690 22.10 -33.47 -5.89
N VAL A 691 22.10 -34.37 -4.91
CA VAL A 691 20.87 -34.88 -4.29
C VAL A 691 20.98 -34.69 -2.78
N VAL A 692 19.94 -34.11 -2.19
CA VAL A 692 19.85 -33.90 -0.74
C VAL A 692 18.63 -34.65 -0.24
N THR A 693 18.82 -35.52 0.75
CA THR A 693 17.74 -36.25 1.38
C THR A 693 17.78 -36.04 2.88
N LEU A 694 16.62 -35.81 3.48
CA LEU A 694 16.52 -35.62 4.92
C LEU A 694 15.18 -36.12 5.42
N THR A 695 15.16 -36.53 6.68
CA THR A 695 13.98 -37.09 7.32
C THR A 695 13.52 -36.18 8.45
N SER A 696 12.24 -35.80 8.41
CA SER A 696 11.65 -34.97 9.45
C SER A 696 10.44 -35.69 10.03
N TYR A 697 9.82 -35.06 11.03
CA TYR A 697 8.63 -35.60 11.68
C TYR A 697 7.66 -34.46 11.95
N TRP A 698 6.53 -34.47 11.27
CA TRP A 698 5.48 -33.47 11.48
C TRP A 698 4.15 -34.18 11.59
N GLU A 699 3.15 -33.44 12.06
CA GLU A 699 1.80 -33.97 12.19
C GLU A 699 1.20 -34.19 10.80
N ASP A 700 0.51 -35.31 10.63
CA ASP A 700 -0.11 -35.63 9.35
C ASP A 700 -1.37 -34.79 9.18
N ILE A 701 -1.24 -33.66 8.49
CA ILE A 701 -2.34 -32.72 8.34
C ILE A 701 -2.78 -32.73 6.88
N SER A 702 -2.70 -33.90 6.24
CA SER A 702 -3.07 -34.05 4.83
C SER A 702 -4.54 -33.73 4.58
N HIS A 703 -5.42 -33.94 5.56
CA HIS A 703 -6.83 -33.57 5.40
C HIS A 703 -7.04 -32.08 5.17
N ARG A 704 -6.08 -31.24 5.56
CA ARG A 704 -6.08 -29.83 5.20
C ARG A 704 -5.41 -29.60 3.85
N LEU A 705 -4.25 -30.23 3.62
CA LEU A 705 -3.39 -29.83 2.51
C LEU A 705 -3.81 -30.44 1.17
N ASP A 706 -4.47 -31.61 1.16
CA ASP A 706 -5.18 -32.05 -0.05
C ASP A 706 -6.24 -31.04 -0.48
N ALA A 707 -7.03 -30.54 0.45
CA ALA A 707 -8.06 -29.56 0.11
C ALA A 707 -7.44 -28.26 -0.37
N VAL A 708 -6.37 -27.83 0.28
CA VAL A 708 -5.66 -26.59 -0.11
C VAL A 708 -5.06 -26.74 -1.50
N ASN A 709 -4.41 -27.88 -1.78
CA ASN A 709 -3.76 -28.07 -3.06
C ASN A 709 -4.76 -28.26 -4.19
N THR A 710 -5.88 -28.95 -3.92
CA THR A 710 -6.89 -29.13 -4.95
C THR A 710 -7.61 -27.81 -5.27
N LEU A 711 -7.91 -27.00 -4.25
CA LEU A 711 -8.50 -25.69 -4.51
C LEU A 711 -7.51 -24.76 -5.19
N LEU A 712 -6.22 -24.90 -4.88
CA LEU A 712 -5.20 -24.10 -5.58
C LEU A 712 -5.07 -24.52 -7.04
N ALA A 713 -5.16 -25.83 -7.32
CA ALA A 713 -5.12 -26.29 -8.70
C ALA A 713 -6.37 -25.84 -9.46
N MET A 714 -7.52 -25.81 -8.77
CA MET A 714 -8.74 -25.25 -9.31
C MET A 714 -8.54 -23.79 -9.71
N ALA A 715 -7.96 -23.01 -8.80
CA ALA A 715 -7.74 -21.59 -9.03
C ALA A 715 -6.71 -21.36 -10.13
N GLU A 716 -5.69 -22.21 -10.21
CA GLU A 716 -4.68 -22.03 -11.26
C GLU A 716 -5.22 -22.42 -12.64
N ARG A 717 -6.06 -23.46 -12.70
CA ARG A 717 -6.71 -23.81 -13.96
C ARG A 717 -7.66 -22.70 -14.41
N LEU A 718 -8.43 -22.15 -13.48
CA LEU A 718 -9.36 -21.08 -13.86
C LEU A 718 -8.61 -19.78 -14.15
N GLN A 719 -7.46 -19.56 -13.52
CA GLN A 719 -6.64 -18.39 -13.83
C GLN A 719 -6.03 -18.50 -15.21
N THR A 720 -5.58 -19.71 -15.59
CA THR A 720 -5.11 -19.95 -16.95
C THR A 720 -6.23 -19.76 -17.96
N ASN A 721 -7.44 -20.21 -17.62
CA ASN A 721 -8.57 -20.07 -18.53
C ASN A 721 -9.01 -18.61 -18.68
N ILE A 722 -8.95 -17.81 -17.61
CA ILE A 722 -9.34 -16.41 -17.76
C ILE A 722 -8.22 -15.62 -18.44
N GLU A 723 -6.96 -16.05 -18.30
CA GLU A 723 -5.90 -15.45 -19.10
C GLU A 723 -6.10 -15.73 -20.58
N ALA A 724 -6.55 -16.95 -20.91
CA ALA A 724 -6.91 -17.30 -22.28
C ALA A 724 -8.08 -16.45 -22.76
N LEU A 725 -9.07 -16.22 -21.90
CA LEU A 725 -10.22 -15.41 -22.29
C LEU A 725 -9.86 -13.94 -22.51
N LYS A 726 -9.01 -13.37 -21.65
CA LYS A 726 -8.67 -11.97 -21.82
C LYS A 726 -7.73 -11.78 -23.00
N SER A 727 -6.88 -12.78 -23.28
CA SER A 727 -6.09 -12.76 -24.50
C SER A 727 -6.98 -12.89 -25.74
N GLY A 728 -8.05 -13.69 -25.63
CA GLY A 728 -8.97 -13.82 -26.76
C GLY A 728 -9.73 -12.55 -27.05
N ILE A 729 -10.21 -11.86 -26.02
CA ILE A 729 -10.94 -10.62 -26.27
C ILE A 729 -10.00 -9.46 -26.57
N GLN A 730 -8.75 -9.52 -26.14
CA GLN A 730 -7.78 -8.50 -26.52
C GLN A 730 -7.30 -8.69 -27.96
N GLY A 731 -7.18 -9.94 -28.40
CA GLY A 731 -6.74 -10.24 -29.75
C GLY A 731 -7.82 -10.17 -30.80
N LYS A 732 -9.07 -9.91 -30.41
CA LYS A 732 -10.23 -9.79 -31.31
C LYS A 732 -10.42 -11.06 -32.14
N ILE A 733 -10.26 -12.22 -31.51
CA ILE A 733 -10.39 -13.53 -32.15
C ILE A 733 -11.89 -13.76 -32.39
N PRO A 734 -12.28 -14.58 -33.38
CA PRO A 734 -13.70 -14.67 -33.76
C PRO A 734 -14.59 -15.26 -32.67
N ALA A 735 -15.89 -14.95 -32.78
CA ALA A 735 -16.82 -15.15 -31.67
C ALA A 735 -17.10 -16.64 -31.43
N ASN A 736 -16.99 -17.47 -32.46
CA ASN A 736 -17.23 -18.90 -32.29
C ASN A 736 -16.14 -19.54 -31.44
N GLN A 737 -14.88 -19.18 -31.70
CA GLN A 737 -13.78 -19.70 -30.90
C GLN A 737 -13.79 -19.12 -29.50
N LEU A 738 -14.23 -17.87 -29.35
CA LEU A 738 -14.36 -17.26 -28.03
C LEU A 738 -15.45 -17.96 -27.21
N ALA A 739 -16.57 -18.29 -27.86
CA ALA A 739 -17.64 -19.02 -27.18
C ALA A 739 -17.21 -20.43 -26.83
N GLU A 740 -16.42 -21.07 -27.71
CA GLU A 740 -15.89 -22.40 -27.42
C GLU A 740 -14.92 -22.38 -26.25
N LEU A 741 -14.07 -21.34 -26.17
CA LEU A 741 -13.13 -21.22 -25.06
C LEU A 741 -13.86 -20.91 -23.76
N TRP A 742 -14.92 -20.09 -23.82
CA TRP A 742 -15.72 -19.82 -22.63
C TRP A 742 -16.47 -21.06 -22.17
N LEU A 743 -16.97 -21.87 -23.12
CA LEU A 743 -17.63 -23.12 -22.74
C LEU A 743 -16.64 -24.10 -22.15
N LYS A 744 -15.40 -24.09 -22.65
CA LYS A 744 -14.33 -24.88 -22.04
C LYS A 744 -14.06 -24.44 -20.61
N LEU A 745 -14.05 -23.12 -20.37
CA LEU A 745 -13.88 -22.58 -19.02
C LEU A 745 -15.02 -23.02 -18.09
N ILE A 746 -16.26 -22.91 -18.56
CA ILE A 746 -17.41 -23.23 -17.72
C ILE A 746 -17.49 -24.73 -17.46
N ASP A 747 -17.15 -25.54 -18.46
CA ASP A 747 -17.10 -26.98 -18.25
C ASP A 747 -15.95 -27.38 -17.35
N GLU A 748 -14.85 -26.62 -17.36
CA GLU A 748 -13.77 -26.84 -16.41
C GLU A 748 -14.24 -26.57 -14.99
N VAL A 749 -15.02 -25.50 -14.80
CA VAL A 749 -15.58 -25.19 -13.48
C VAL A 749 -16.56 -26.28 -13.04
N ILE A 750 -17.39 -26.76 -13.96
CA ILE A 750 -18.40 -27.78 -13.66
C ILE A 750 -17.71 -29.10 -13.30
N GLU A 751 -16.68 -29.48 -14.05
CA GLU A 751 -15.95 -30.71 -13.78
C GLU A 751 -15.10 -30.60 -12.52
N ASP A 752 -14.59 -29.42 -12.21
CA ASP A 752 -13.73 -29.27 -11.04
C ASP A 752 -14.55 -29.20 -9.76
N THR A 753 -15.54 -28.31 -9.69
CA THR A 753 -16.19 -28.04 -8.40
C THR A 753 -17.27 -29.04 -8.03
N ARG A 754 -17.24 -30.25 -8.57
CA ARG A 754 -17.98 -31.37 -8.02
C ARG A 754 -17.09 -32.25 -7.16
N TYR A 755 -15.91 -31.70 -6.89
CA TYR A 755 -14.92 -32.32 -6.03
C TYR A 755 -15.42 -32.38 -4.60
N THR A 756 -15.51 -33.59 -4.05
CA THR A 756 -15.84 -33.77 -2.66
C THR A 756 -14.59 -33.54 -1.82
N LEU A 757 -14.69 -32.66 -0.83
CA LEU A 757 -13.60 -32.40 0.08
C LEU A 757 -13.32 -33.64 0.93
N PRO A 758 -12.07 -33.82 1.39
CA PRO A 758 -11.72 -35.07 2.09
C PRO A 758 -12.49 -35.25 3.39
N LEU A 759 -12.87 -36.51 3.65
CA LEU A 759 -13.74 -36.84 4.76
C LEU A 759 -12.96 -36.68 6.06
N THR A 760 -13.43 -35.77 6.92
CA THR A 760 -12.74 -35.50 8.18
C THR A 760 -12.93 -36.62 9.18
N GLU A 761 -13.97 -37.44 9.01
CA GLU A 761 -14.18 -38.57 9.90
C GLU A 761 -13.15 -39.66 9.62
N GLY A 762 -12.51 -40.14 10.68
CA GLY A 762 -11.45 -41.11 10.56
C GLY A 762 -10.04 -40.54 10.65
N LYS A 763 -9.88 -39.23 10.44
CA LYS A 763 -8.58 -38.60 10.57
C LYS A 763 -8.38 -38.12 12.00
N ALA A 764 -7.14 -38.26 12.49
CA ALA A 764 -6.84 -38.00 13.88
C ALA A 764 -6.80 -36.51 14.21
N ASN A 765 -6.19 -35.70 13.34
CA ASN A 765 -5.91 -34.30 13.66
C ASN A 765 -7.02 -33.34 13.23
N VAL A 766 -8.26 -33.79 13.17
CA VAL A 766 -9.35 -32.91 12.74
C VAL A 766 -9.82 -32.08 13.92
N THR A 767 -9.76 -30.76 13.78
CA THR A 767 -10.22 -29.83 14.80
C THR A 767 -11.67 -29.43 14.54
N VAL A 768 -12.17 -28.56 15.41
CA VAL A 768 -13.49 -27.96 15.17
C VAL A 768 -13.43 -27.02 13.98
N LEU A 769 -12.33 -26.28 13.87
CA LEU A 769 -12.13 -25.37 12.74
C LEU A 769 -12.04 -26.15 11.43
N ASP A 770 -11.50 -27.37 11.47
CA ASP A 770 -11.44 -28.19 10.26
C ASP A 770 -12.84 -28.56 9.77
N THR A 771 -13.74 -28.89 10.71
CA THR A 771 -15.13 -29.17 10.35
C THR A 771 -15.82 -27.93 9.82
N GLN A 772 -15.58 -26.76 10.44
CA GLN A 772 -16.22 -25.53 9.99
C GLN A 772 -15.73 -25.09 8.61
N ILE A 773 -14.42 -25.19 8.36
CA ILE A 773 -13.88 -24.83 7.06
C ILE A 773 -14.32 -25.84 6.00
N ARG A 774 -14.44 -27.13 6.36
CA ARG A 774 -14.96 -28.10 5.39
C ARG A 774 -16.42 -27.83 5.03
N LYS A 775 -17.23 -27.44 6.04
CA LYS A 775 -18.62 -27.08 5.78
C LYS A 775 -18.72 -25.82 4.90
N LEU A 776 -17.88 -24.82 5.20
CA LEU A 776 -17.82 -23.59 4.40
C LEU A 776 -17.39 -23.89 2.98
N ARG A 777 -16.40 -24.76 2.82
CA ARG A 777 -15.87 -25.07 1.50
C ARG A 777 -16.86 -25.88 0.67
N SER A 778 -17.59 -26.79 1.32
CA SER A 778 -18.66 -27.51 0.63
C SER A 778 -19.77 -26.59 0.19
N ARG A 779 -20.14 -25.63 1.06
CA ARG A 779 -21.16 -24.64 0.70
C ARG A 779 -20.71 -23.77 -0.47
N SER A 780 -19.46 -23.30 -0.43
CA SER A 780 -18.94 -22.44 -1.49
C SER A 780 -18.79 -23.20 -2.80
N LEU A 781 -18.33 -24.46 -2.73
CA LEU A 781 -18.16 -25.24 -3.95
C LEU A 781 -19.50 -25.63 -4.54
N SER A 782 -20.51 -25.88 -3.71
CA SER A 782 -21.85 -26.13 -4.23
C SER A 782 -22.45 -24.89 -4.87
N GLN A 783 -22.19 -23.72 -4.28
CA GLN A 783 -22.66 -22.46 -4.86
C GLN A 783 -21.99 -22.20 -6.22
N ILE A 784 -20.68 -22.44 -6.31
CA ILE A 784 -19.97 -22.24 -7.57
C ILE A 784 -20.42 -23.25 -8.62
N HIS A 785 -20.64 -24.50 -8.22
CA HIS A 785 -21.09 -25.54 -9.16
C HIS A 785 -22.49 -25.25 -9.68
N GLU A 786 -23.41 -24.84 -8.80
CA GLU A 786 -24.76 -24.55 -9.24
C GLU A 786 -24.87 -23.26 -10.02
N ALA A 787 -24.05 -22.25 -9.70
CA ALA A 787 -24.01 -21.06 -10.52
C ALA A 787 -23.38 -21.34 -11.88
N ALA A 788 -22.46 -22.31 -11.94
CA ALA A 788 -21.89 -22.71 -13.23
C ALA A 788 -22.91 -23.45 -14.08
N VAL A 789 -23.71 -24.33 -13.45
CA VAL A 789 -24.73 -25.03 -14.24
C VAL A 789 -25.89 -24.10 -14.57
N ARG A 790 -26.02 -22.98 -13.85
CA ARG A 790 -26.96 -21.94 -14.26
C ARG A 790 -26.42 -21.15 -15.43
N MET A 791 -25.12 -20.82 -15.40
CA MET A 791 -24.53 -19.96 -16.40
C MET A 791 -24.34 -20.68 -17.73
N ARG A 792 -24.13 -22.00 -17.68
CA ARG A 792 -23.89 -22.78 -18.89
C ARG A 792 -25.14 -22.88 -19.75
N SER A 793 -26.32 -22.77 -19.13
CA SER A 793 -27.58 -22.84 -19.87
C SER A 793 -28.30 -21.50 -19.97
N GLU A 794 -27.93 -20.51 -19.16
CA GLU A 794 -28.65 -19.25 -19.16
C GLU A 794 -27.93 -18.18 -19.97
N ALA A 795 -26.66 -17.91 -19.65
CA ALA A 795 -25.95 -16.79 -20.23
C ALA A 795 -25.55 -17.08 -21.68
N THR A 796 -25.43 -16.01 -22.45
CA THR A 796 -25.01 -16.09 -23.85
C THR A 796 -23.84 -15.16 -24.17
N ASP A 797 -23.50 -14.22 -23.30
CA ASP A 797 -22.45 -13.25 -23.57
C ASP A 797 -21.35 -13.40 -22.53
N VAL A 798 -20.10 -13.38 -22.99
CA VAL A 798 -18.99 -13.64 -22.06
C VAL A 798 -18.52 -12.36 -21.37
N LYS A 799 -18.80 -11.19 -21.96
CA LYS A 799 -18.32 -9.93 -21.42
C LYS A 799 -19.07 -9.53 -20.16
N SER A 800 -20.33 -9.96 -20.05
CA SER A 800 -21.06 -9.78 -18.80
C SER A 800 -20.57 -10.74 -17.74
N THR A 801 -20.08 -11.91 -18.15
CA THR A 801 -19.86 -12.98 -17.17
C THR A 801 -18.42 -13.04 -16.66
N LEU A 802 -17.46 -12.34 -17.30
CA LEU A 802 -16.10 -12.35 -16.74
C LEU A 802 -16.00 -11.71 -15.37
N ALA A 803 -16.89 -10.76 -15.05
CA ALA A 803 -16.91 -10.18 -13.71
C ALA A 803 -17.34 -11.19 -12.66
N GLU A 804 -18.25 -12.11 -13.02
CA GLU A 804 -18.62 -13.19 -12.10
C GLU A 804 -17.54 -14.27 -12.05
N ILE A 805 -16.85 -14.50 -13.18
CA ILE A 805 -15.82 -15.55 -13.21
C ILE A 805 -14.62 -15.12 -12.38
N GLU A 806 -14.23 -13.85 -12.47
CA GLU A 806 -13.19 -13.32 -11.61
C GLU A 806 -13.60 -13.32 -10.14
N ASP A 807 -14.90 -13.14 -9.85
CA ASP A 807 -15.39 -13.30 -8.48
C ASP A 807 -15.27 -14.74 -8.02
N TRP A 808 -15.47 -15.70 -8.92
CA TRP A 808 -15.24 -17.11 -8.57
C TRP A 808 -13.77 -17.37 -8.30
N LEU A 809 -12.88 -16.75 -9.07
CA LEU A 809 -11.45 -16.86 -8.82
C LEU A 809 -11.10 -16.29 -7.45
N ASP A 810 -11.73 -15.16 -7.09
CA ASP A 810 -11.51 -14.57 -5.77
C ASP A 810 -12.02 -15.48 -4.66
N LYS A 811 -13.20 -16.08 -4.86
CA LYS A 811 -13.76 -16.97 -3.84
C LYS A 811 -12.94 -18.24 -3.70
N LEU A 812 -12.44 -18.78 -4.82
CA LEU A 812 -11.59 -19.97 -4.78
C LEU A 812 -10.27 -19.67 -4.11
N MET A 813 -9.70 -18.49 -4.35
CA MET A 813 -8.44 -18.14 -3.71
C MET A 813 -8.64 -17.79 -2.22
N GLN A 814 -9.86 -17.42 -1.82
CA GLN A 814 -10.13 -17.32 -0.39
C GLN A 814 -10.48 -18.67 0.23
N LEU A 815 -10.80 -19.67 -0.59
CA LEU A 815 -10.98 -21.01 -0.03
C LEU A 815 -9.64 -21.67 0.27
N THR A 816 -8.55 -21.20 -0.33
CA THR A 816 -7.24 -21.79 -0.08
C THR A 816 -6.55 -21.24 1.15
N GLU A 817 -7.17 -20.29 1.85
CA GLU A 817 -6.57 -19.77 3.06
C GLU A 817 -6.66 -20.80 4.18
N GLU A 818 -5.51 -21.25 4.66
CA GLU A 818 -5.45 -22.27 5.70
C GLU A 818 -4.63 -21.74 6.86
N PRO A 819 -5.29 -21.27 7.92
CA PRO A 819 -4.54 -20.82 9.10
C PRO A 819 -3.92 -21.97 9.88
N GLN A 820 -4.39 -23.20 9.68
CA GLN A 820 -3.92 -24.34 10.46
C GLN A 820 -2.86 -25.13 9.70
N ASN A 821 -2.01 -24.43 8.94
CA ASN A 821 -0.92 -25.08 8.21
C ASN A 821 0.23 -25.29 9.18
N SER A 822 0.28 -26.48 9.78
CA SER A 822 1.30 -26.78 10.77
C SER A 822 2.62 -27.18 10.14
N MET A 823 2.64 -27.44 8.84
CA MET A 823 3.88 -27.84 8.16
C MET A 823 4.77 -26.62 7.99
N PRO A 824 5.99 -26.63 8.52
CA PRO A 824 6.89 -25.49 8.31
C PRO A 824 7.45 -25.49 6.89
N ASP A 825 7.88 -24.30 6.46
CA ASP A 825 8.40 -24.14 5.11
C ASP A 825 9.78 -24.78 4.99
N ILE A 826 10.08 -25.24 3.78
CA ILE A 826 11.41 -25.71 3.44
C ILE A 826 12.29 -24.51 3.08
N ILE A 827 13.32 -24.27 3.88
CA ILE A 827 14.23 -23.15 3.68
C ILE A 827 15.51 -23.70 3.06
N ILE A 828 15.88 -23.16 1.91
CA ILE A 828 17.10 -23.54 1.21
C ILE A 828 18.11 -22.41 1.37
N TRP A 829 19.26 -22.72 1.95
CA TRP A 829 20.28 -21.74 2.27
C TRP A 829 21.48 -21.95 1.36
N MET A 830 21.96 -20.87 0.74
CA MET A 830 23.26 -20.91 0.09
C MET A 830 24.32 -20.49 1.09
N ILE A 831 25.32 -21.33 1.28
CA ILE A 831 26.39 -21.10 2.24
C ILE A 831 27.68 -20.92 1.47
N ARG A 832 28.07 -19.67 1.26
CA ARG A 832 29.32 -19.34 0.61
C ARG A 832 30.41 -19.32 1.67
N GLY A 833 31.42 -20.15 1.48
CA GLY A 833 32.37 -20.36 2.56
C GLY A 833 31.73 -21.14 3.68
N GLU A 834 31.81 -20.61 4.89
CA GLU A 834 31.16 -21.21 6.05
C GLU A 834 30.02 -20.36 6.58
N LYS A 835 29.60 -19.34 5.84
CA LYS A 835 28.64 -18.36 6.33
C LYS A 835 27.38 -18.40 5.47
N ARG A 836 26.23 -18.19 6.11
CA ARG A 836 24.96 -18.15 5.40
C ARG A 836 24.87 -16.87 4.57
N LEU A 837 24.36 -17.02 3.34
CA LEU A 837 24.36 -15.92 2.39
C LEU A 837 22.95 -15.55 1.93
N ALA A 838 22.17 -16.54 1.50
CA ALA A 838 20.89 -16.27 0.89
C ALA A 838 19.93 -17.40 1.16
N TYR A 839 18.63 -17.10 1.10
CA TYR A 839 17.59 -18.03 1.51
C TYR A 839 16.44 -18.01 0.52
N ALA A 840 15.65 -19.07 0.52
CA ALA A 840 14.32 -19.07 -0.09
C ALA A 840 13.43 -19.99 0.69
N ARG A 841 12.16 -19.61 0.81
CA ARG A 841 11.18 -20.38 1.56
C ARG A 841 10.13 -20.94 0.60
N ILE A 842 10.12 -22.26 0.46
CA ILE A 842 9.11 -22.99 -0.30
C ILE A 842 8.06 -23.44 0.71
N PRO A 843 6.78 -23.11 0.52
CA PRO A 843 5.73 -23.70 1.36
C PRO A 843 5.68 -25.20 1.19
N ALA A 844 5.46 -25.89 2.32
CA ALA A 844 5.58 -27.35 2.32
C ALA A 844 4.43 -28.02 1.59
N HIS A 845 3.28 -27.35 1.51
CA HIS A 845 2.17 -27.90 0.75
C HIS A 845 2.39 -27.83 -0.75
N GLN A 846 3.32 -26.99 -1.21
CA GLN A 846 3.56 -26.86 -2.63
C GLN A 846 4.35 -28.04 -3.20
N VAL A 847 5.04 -28.80 -2.35
CA VAL A 847 5.79 -29.97 -2.79
C VAL A 847 5.33 -31.25 -2.11
N LEU A 848 4.26 -31.20 -1.33
CA LEU A 848 3.83 -32.37 -0.58
C LEU A 848 3.11 -33.34 -1.50
N TYR A 849 3.37 -34.63 -1.32
CA TYR A 849 2.74 -35.68 -2.10
C TYR A 849 1.56 -36.26 -1.34
N SER A 850 0.48 -36.53 -2.06
CA SER A 850 -0.68 -37.17 -1.47
C SER A 850 -1.07 -38.37 -2.33
N THR A 851 -1.63 -39.39 -1.68
CA THR A 851 -2.13 -40.55 -2.40
C THR A 851 -3.47 -40.30 -3.07
N SER A 852 -4.09 -39.15 -2.81
CA SER A 852 -5.39 -38.84 -3.42
C SER A 852 -5.30 -38.44 -4.87
N GLY A 853 -4.11 -38.19 -5.40
CA GLY A 853 -3.93 -37.96 -6.82
C GLY A 853 -2.96 -36.83 -7.10
N GLU A 854 -2.98 -36.38 -8.35
CA GLU A 854 -2.08 -35.31 -8.80
C GLU A 854 -2.49 -33.97 -8.20
N ASN A 855 -3.78 -33.63 -8.26
CA ASN A 855 -4.28 -32.34 -7.80
C ASN A 855 -4.17 -32.15 -6.30
N ALA A 856 -4.34 -33.23 -5.53
CA ALA A 856 -4.16 -33.16 -4.09
C ALA A 856 -2.69 -33.01 -3.71
N SER A 857 -1.78 -33.41 -4.59
CA SER A 857 -0.37 -33.11 -4.39
C SER A 857 -0.09 -31.65 -4.72
N GLY A 858 1.11 -31.20 -4.39
CA GLY A 858 1.45 -29.82 -4.61
C GLY A 858 1.66 -29.50 -6.08
N LYS A 859 1.74 -28.20 -6.36
CA LYS A 859 1.97 -27.73 -7.73
C LYS A 859 3.34 -28.15 -8.23
N TYR A 860 4.35 -28.09 -7.36
CA TYR A 860 5.70 -28.48 -7.69
C TYR A 860 6.13 -29.75 -6.99
N CYS A 861 5.20 -30.67 -6.72
CA CYS A 861 5.55 -31.94 -6.09
C CYS A 861 6.24 -32.86 -7.07
N GLY A 862 7.54 -33.09 -6.87
CA GLY A 862 8.29 -33.90 -7.81
C GLY A 862 8.53 -33.24 -9.14
N LYS A 863 8.50 -31.91 -9.17
CA LYS A 863 8.70 -31.14 -10.40
C LYS A 863 9.73 -30.05 -10.15
N THR A 864 10.52 -29.75 -11.18
CA THR A 864 11.59 -28.78 -11.03
C THR A 864 11.01 -27.37 -11.07
N GLN A 865 11.26 -26.60 -10.02
CA GLN A 865 10.77 -25.24 -9.91
C GLN A 865 11.94 -24.28 -9.84
N THR A 866 11.73 -23.08 -10.37
CA THR A 866 12.74 -22.03 -10.38
C THR A 866 12.44 -21.04 -9.27
N ILE A 867 13.35 -20.94 -8.31
CA ILE A 867 13.24 -19.99 -7.21
C ILE A 867 14.47 -19.10 -7.19
N PHE A 868 14.27 -17.84 -6.85
CA PHE A 868 15.36 -16.89 -6.72
C PHE A 868 15.63 -16.68 -5.24
N LEU A 869 16.86 -16.92 -4.82
CA LEU A 869 17.20 -16.66 -3.43
C LEU A 869 17.30 -15.16 -3.19
N LYS A 870 17.13 -14.78 -1.92
CA LYS A 870 17.16 -13.40 -1.51
C LYS A 870 18.15 -13.23 -0.37
N TYR A 871 18.73 -12.04 -0.26
CA TYR A 871 19.52 -11.72 0.90
C TYR A 871 18.59 -11.53 2.10
N PRO A 872 19.05 -11.84 3.33
CA PRO A 872 18.11 -12.07 4.44
C PRO A 872 17.27 -10.88 4.89
N GLN A 873 17.58 -9.65 4.52
CA GLN A 873 16.63 -8.59 4.84
C GLN A 873 16.22 -7.79 3.60
N GLU A 874 15.99 -8.46 2.48
CA GLU A 874 15.47 -7.79 1.30
C GLU A 874 14.03 -8.22 1.05
N LYS A 875 13.16 -7.23 0.87
CA LYS A 875 11.77 -7.48 0.49
C LYS A 875 11.68 -8.11 -0.91
N ASN A 876 12.51 -7.66 -1.85
CA ASN A 876 12.62 -8.27 -3.17
C ASN A 876 14.07 -8.20 -3.59
N ASN A 877 14.34 -8.72 -4.79
CA ASN A 877 15.70 -8.71 -5.32
C ASN A 877 16.10 -7.30 -5.73
N GLY A 878 17.31 -6.89 -5.32
CA GLY A 878 17.80 -5.58 -5.63
C GLY A 878 18.70 -5.59 -6.86
N PRO A 879 19.84 -4.92 -6.79
CA PRO A 879 20.79 -4.96 -7.90
C PRO A 879 21.41 -6.33 -8.12
N LYS A 880 21.53 -7.13 -7.07
CA LYS A 880 22.22 -8.41 -7.14
C LYS A 880 21.26 -9.53 -6.72
N VAL A 881 20.90 -10.38 -7.66
CA VAL A 881 20.34 -11.69 -7.31
C VAL A 881 21.50 -12.59 -6.88
N PRO A 882 21.46 -13.20 -5.70
CA PRO A 882 22.55 -14.06 -5.25
C PRO A 882 22.74 -15.31 -6.11
N VAL A 883 21.66 -16.09 -6.31
CA VAL A 883 21.68 -17.20 -7.24
C VAL A 883 20.24 -17.47 -7.67
N GLU A 884 20.07 -17.89 -8.92
CA GLU A 884 18.80 -18.42 -9.41
C GLU A 884 18.92 -19.94 -9.43
N LEU A 885 18.09 -20.59 -8.64
CA LEU A 885 18.23 -22.01 -8.35
C LEU A 885 17.02 -22.77 -8.87
N ARG A 886 17.26 -23.79 -9.70
CA ARG A 886 16.25 -24.72 -10.14
C ARG A 886 16.42 -26.01 -9.34
N VAL A 887 15.38 -26.43 -8.64
CA VAL A 887 15.49 -27.56 -7.72
C VAL A 887 14.22 -28.39 -7.83
N ASN A 888 14.38 -29.71 -7.75
CA ASN A 888 13.30 -30.67 -7.93
C ASN A 888 12.99 -31.27 -6.56
N ILE A 889 12.03 -30.68 -5.85
CA ILE A 889 11.73 -31.02 -4.47
C ILE A 889 10.51 -31.93 -4.44
N TRP A 890 10.65 -33.07 -3.77
CA TRP A 890 9.55 -33.99 -3.49
C TRP A 890 9.50 -34.22 -2.00
N LEU A 891 8.37 -33.89 -1.38
CA LEU A 891 8.11 -34.17 0.02
C LEU A 891 6.97 -35.17 0.10
N GLY A 892 6.97 -36.01 1.13
CA GLY A 892 5.89 -36.96 1.27
C GLY A 892 6.06 -37.78 2.53
N LEU A 893 5.06 -38.60 2.80
CA LEU A 893 5.15 -39.51 3.94
C LEU A 893 6.12 -40.63 3.65
N SER A 894 6.87 -41.06 4.67
CA SER A 894 7.84 -42.13 4.49
C SER A 894 7.17 -43.48 4.33
N ALA A 895 5.91 -43.60 4.76
CA ALA A 895 5.18 -44.84 4.54
C ALA A 895 4.79 -45.02 3.08
N VAL A 896 4.69 -43.93 2.32
CA VAL A 896 4.40 -43.99 0.89
C VAL A 896 5.58 -43.46 0.07
N GLU A 897 6.81 -43.61 0.59
CA GLU A 897 7.98 -43.10 -0.12
C GLU A 897 8.33 -43.95 -1.33
N LYS A 898 7.73 -45.13 -1.49
CA LYS A 898 7.93 -45.91 -2.71
C LYS A 898 7.28 -45.25 -3.92
N LYS A 899 6.31 -44.35 -3.69
CA LYS A 899 5.68 -43.60 -4.77
C LYS A 899 6.59 -42.51 -5.33
N PHE A 900 7.76 -42.29 -4.73
CA PHE A 900 8.75 -41.37 -5.30
C PHE A 900 9.33 -41.91 -6.60
N ASN A 901 9.19 -43.21 -6.87
CA ASN A 901 9.73 -43.81 -8.09
C ASN A 901 9.07 -43.25 -9.34
N SER A 902 7.78 -42.93 -9.28
CA SER A 902 7.10 -42.32 -10.40
C SER A 902 7.51 -40.87 -10.64
N PHE A 903 7.99 -40.19 -9.60
CA PHE A 903 8.41 -38.80 -9.71
C PHE A 903 9.89 -38.64 -10.03
N ALA A 904 10.69 -39.67 -9.84
CA ALA A 904 12.13 -39.55 -10.00
C ALA A 904 12.52 -39.65 -11.47
N GLU A 905 13.58 -38.93 -11.83
CA GLU A 905 14.16 -39.00 -13.16
C GLU A 905 15.64 -39.27 -13.00
N GLY A 906 16.21 -39.97 -13.97
CA GLY A 906 17.60 -40.34 -13.85
C GLY A 906 17.80 -41.50 -12.89
N THR A 907 19.08 -41.81 -12.66
CA THR A 907 19.48 -42.92 -11.81
C THR A 907 20.28 -42.37 -10.63
N PHE A 908 19.75 -42.58 -9.42
CA PHE A 908 20.43 -42.10 -8.22
C PHE A 908 21.63 -42.97 -7.92
N THR A 909 22.70 -42.37 -7.44
CA THR A 909 24.01 -43.00 -7.40
C THR A 909 24.82 -42.50 -6.23
N VAL A 910 25.31 -43.43 -5.42
CA VAL A 910 26.21 -43.11 -4.31
C VAL A 910 27.47 -43.96 -4.46
N PHE A 911 28.62 -43.31 -4.35
CA PHE A 911 29.91 -43.98 -4.53
C PHE A 911 30.55 -44.26 -3.17
N ALA A 912 30.89 -45.53 -2.94
CA ALA A 912 31.84 -45.85 -1.89
C ALA A 912 33.24 -45.46 -2.35
N GLU A 913 34.07 -44.99 -1.42
CA GLU A 913 35.35 -44.44 -1.82
C GLU A 913 36.46 -44.94 -0.89
N MET A 914 37.67 -44.95 -1.42
CA MET A 914 38.87 -45.36 -0.71
C MET A 914 40.03 -44.53 -1.24
N TYR A 915 41.05 -44.31 -0.40
CA TYR A 915 42.19 -43.48 -0.77
C TYR A 915 43.48 -44.24 -0.54
N GLU A 916 44.34 -44.24 -1.56
CA GLU A 916 45.64 -44.93 -1.52
C GLU A 916 46.74 -43.90 -1.78
N ASN A 917 47.74 -43.86 -0.90
CA ASN A 917 48.76 -42.83 -0.92
C ASN A 917 50.14 -43.44 -1.20
N GLN A 918 50.99 -42.64 -1.85
CA GLN A 918 52.36 -43.03 -2.19
C GLN A 918 53.25 -41.80 -2.10
N ALA A 919 54.56 -42.04 -2.19
CA ALA A 919 55.56 -40.98 -2.09
C ALA A 919 56.71 -41.27 -3.05
N LEU A 920 57.47 -40.21 -3.35
CA LEU A 920 58.53 -40.25 -4.36
C LEU A 920 59.89 -40.13 -3.68
N MET A 921 60.72 -41.16 -3.83
CA MET A 921 62.12 -41.12 -3.42
C MET A 921 62.97 -41.70 -4.53
N PHE A 922 64.10 -41.02 -4.81
CA PHE A 922 65.12 -41.44 -5.78
C PHE A 922 64.55 -41.63 -7.18
N GLY A 923 63.57 -40.81 -7.55
CA GLY A 923 63.00 -40.85 -8.88
C GLY A 923 62.02 -41.97 -9.13
N LYS A 924 61.67 -42.76 -8.11
CA LYS A 924 60.74 -43.87 -8.25
C LYS A 924 59.66 -43.77 -7.19
N TRP A 925 58.41 -43.88 -7.61
CA TRP A 925 57.29 -43.84 -6.69
C TRP A 925 57.17 -45.17 -5.96
N GLY A 926 56.78 -45.10 -4.69
CA GLY A 926 56.69 -46.30 -3.88
C GLY A 926 55.89 -46.06 -2.62
N THR A 927 55.94 -47.03 -1.72
CA THR A 927 55.16 -47.01 -0.49
C THR A 927 55.97 -46.52 0.71
N SER A 928 57.17 -46.01 0.50
CA SER A 928 57.99 -45.55 1.61
C SER A 928 57.55 -44.17 2.08
N GLY A 929 57.89 -43.84 3.32
CA GLY A 929 57.67 -42.52 3.85
C GLY A 929 56.24 -42.17 4.17
N LEU A 930 55.36 -43.16 4.32
CA LEU A 930 53.95 -42.91 4.63
C LEU A 930 53.79 -42.91 6.14
N VAL A 931 54.32 -41.85 6.76
CA VAL A 931 54.36 -41.72 8.21
C VAL A 931 53.47 -40.55 8.61
N GLY A 932 52.59 -40.79 9.59
CA GLY A 932 51.62 -39.81 10.02
C GLY A 932 50.25 -39.96 9.39
N ARG A 933 50.17 -40.39 8.14
CA ARG A 933 48.92 -40.68 7.48
C ARG A 933 48.98 -42.10 6.92
N HIS A 934 47.86 -42.80 6.96
CA HIS A 934 47.82 -44.19 6.57
C HIS A 934 47.93 -44.34 5.06
N LYS A 935 48.44 -45.51 4.62
CA LYS A 935 48.53 -45.80 3.20
C LYS A 935 47.14 -45.99 2.59
N PHE A 936 46.32 -46.82 3.23
CA PHE A 936 44.93 -47.01 2.84
C PHE A 936 44.07 -46.33 3.90
N SER A 937 43.39 -45.26 3.51
CA SER A 937 42.78 -44.37 4.47
C SER A 937 41.62 -43.63 3.85
N ASP A 938 41.10 -42.65 4.60
CA ASP A 938 40.04 -41.77 4.15
C ASP A 938 40.64 -40.56 3.43
N VAL A 939 39.79 -39.56 3.19
CA VAL A 939 40.21 -38.36 2.46
C VAL A 939 41.19 -37.52 3.29
N THR A 940 41.10 -37.57 4.62
CA THR A 940 42.02 -36.82 5.46
C THR A 940 43.27 -37.62 5.81
N GLY A 941 43.24 -38.94 5.66
CA GLY A 941 44.38 -39.77 5.99
C GLY A 941 44.53 -40.13 7.45
N LYS A 942 43.61 -39.69 8.31
CA LYS A 942 43.75 -39.93 9.74
C LYS A 942 43.16 -41.27 10.16
N ILE A 943 42.14 -41.76 9.46
CA ILE A 943 41.45 -42.99 9.79
C ILE A 943 41.88 -44.07 8.81
N LYS A 944 42.41 -45.17 9.33
CA LYS A 944 42.81 -46.28 8.48
C LYS A 944 41.59 -47.05 7.99
N LEU A 945 41.48 -47.21 6.68
CA LEU A 945 40.35 -47.88 6.06
C LEU A 945 40.86 -48.96 5.12
N LYS A 946 39.95 -49.84 4.71
CA LYS A 946 40.27 -50.93 3.81
C LYS A 946 39.28 -50.96 2.65
N ARG A 947 39.62 -51.76 1.65
CA ARG A 947 38.73 -51.92 0.50
C ARG A 947 37.53 -52.80 0.84
N GLU A 948 37.62 -53.62 1.88
CA GLU A 948 36.56 -54.51 2.31
C GLU A 948 35.66 -53.90 3.37
N PHE A 949 35.91 -52.66 3.79
CA PHE A 949 35.14 -52.04 4.87
C PHE A 949 33.78 -51.54 4.43
N PHE A 950 33.52 -51.45 3.12
CA PHE A 950 32.30 -50.84 2.61
C PHE A 950 31.39 -51.88 1.99
N LEU A 951 30.15 -51.90 2.44
CA LEU A 951 29.10 -52.80 1.96
C LEU A 951 27.86 -51.97 1.69
N PRO A 952 27.03 -52.35 0.72
CA PRO A 952 25.86 -51.55 0.40
C PRO A 952 24.79 -51.70 1.47
N PRO A 953 24.02 -50.65 1.73
CA PRO A 953 22.95 -50.75 2.73
C PRO A 953 21.73 -51.47 2.20
N LYS A 954 20.65 -51.48 3.00
CA LYS A 954 19.41 -52.11 2.59
C LYS A 954 18.79 -51.38 1.41
N GLY A 955 18.41 -52.14 0.38
CA GLY A 955 17.88 -51.55 -0.83
C GLY A 955 18.91 -51.14 -1.86
N TRP A 956 20.19 -51.42 -1.62
CA TRP A 956 21.26 -51.06 -2.54
C TRP A 956 22.09 -52.28 -2.89
N GLU A 957 22.66 -52.25 -4.10
CA GLU A 957 23.54 -53.30 -4.58
C GLU A 957 24.66 -52.66 -5.38
N TRP A 958 25.76 -53.40 -5.53
CA TRP A 958 26.87 -52.90 -6.33
C TRP A 958 26.54 -52.90 -7.80
N GLU A 959 27.03 -51.88 -8.51
CA GLU A 959 27.01 -51.85 -9.97
C GLU A 959 28.45 -51.77 -10.46
N GLY A 960 28.86 -52.79 -11.21
CA GLY A 960 30.24 -52.83 -11.67
C GLY A 960 31.20 -53.20 -10.56
N GLU A 961 32.46 -52.87 -10.80
CA GLU A 961 33.55 -53.17 -9.88
C GLU A 961 34.21 -51.87 -9.42
N TRP A 962 35.10 -51.97 -8.43
CA TRP A 962 35.94 -50.85 -8.04
C TRP A 962 36.81 -50.42 -9.22
N ILE A 963 36.79 -49.12 -9.53
CA ILE A 963 37.59 -48.55 -10.60
C ILE A 963 38.31 -47.32 -10.07
N VAL A 964 39.42 -46.98 -10.74
CA VAL A 964 40.11 -45.73 -10.44
C VAL A 964 39.31 -44.58 -11.03
N ASP A 965 39.28 -43.44 -10.32
CA ASP A 965 38.50 -42.28 -10.73
C ASP A 965 39.36 -41.02 -10.77
N PRO A 966 40.22 -40.86 -11.80
CA PRO A 966 41.00 -39.62 -11.92
C PRO A 966 40.41 -38.60 -12.87
N GLU A 967 39.35 -38.95 -13.60
CA GLU A 967 38.90 -38.16 -14.74
C GLU A 967 37.89 -37.09 -14.38
N ARG A 968 37.69 -36.79 -13.09
CA ARG A 968 36.67 -35.83 -12.70
C ARG A 968 37.03 -34.40 -13.05
N SER A 969 38.32 -34.13 -13.30
CA SER A 969 38.70 -32.81 -13.80
C SER A 969 38.29 -32.64 -15.26
N LEU A 970 38.47 -33.69 -16.07
CA LEU A 970 38.16 -33.61 -17.49
C LEU A 970 36.66 -33.73 -17.75
N LEU A 971 35.94 -34.46 -16.90
CA LEU A 971 34.54 -34.77 -17.19
C LEU A 971 33.58 -33.62 -16.84
N THR A 972 34.08 -32.50 -16.33
CA THR A 972 33.21 -31.38 -15.96
C THR A 972 33.01 -30.48 -17.18
N GLU A 973 32.15 -30.97 -18.08
CA GLU A 973 31.48 -30.26 -19.19
C GLU A 973 32.39 -29.90 -20.36
N ALA A 974 33.72 -30.07 -20.19
CA ALA A 974 34.75 -29.95 -21.23
C ALA A 974 34.81 -28.59 -21.95
N ASP A 975 34.14 -27.56 -21.40
CA ASP A 975 33.99 -26.23 -21.99
C ASP A 975 33.47 -26.27 -23.43
N ALA A 976 32.51 -27.15 -23.72
CA ALA A 976 32.04 -27.33 -25.09
C ALA A 976 30.68 -26.70 -25.34
N GLY A 977 30.04 -26.14 -24.31
CA GLY A 977 28.71 -25.59 -24.44
C GLY A 977 28.63 -24.16 -24.92
N HIS A 978 29.73 -23.57 -25.36
CA HIS A 978 29.76 -22.18 -25.77
C HIS A 978 30.44 -22.05 -27.13
N THR A 979 30.04 -21.02 -27.87
CA THR A 979 30.71 -20.66 -29.12
C THR A 979 31.31 -19.25 -29.12
N GLU A 980 30.74 -18.31 -28.37
CA GLU A 980 31.35 -17.01 -28.13
C GLU A 980 31.68 -16.91 -26.65
N PHE A 981 32.93 -16.56 -26.33
CA PHE A 981 33.43 -16.66 -24.97
C PHE A 981 34.22 -15.40 -24.64
N THR A 982 34.56 -15.25 -23.36
CA THR A 982 35.49 -14.24 -22.89
C THR A 982 36.28 -14.84 -21.73
N ASP A 983 37.60 -14.97 -21.91
CA ASP A 983 38.44 -15.53 -20.87
C ASP A 983 38.73 -14.49 -19.79
N GLU A 984 39.20 -14.97 -18.64
CA GLU A 984 39.57 -14.08 -17.54
C GLU A 984 40.79 -14.62 -16.81
N VAL A 985 41.79 -13.76 -16.63
CA VAL A 985 43.01 -14.06 -15.90
C VAL A 985 43.25 -12.93 -14.90
N TYR A 986 43.46 -13.29 -13.64
CA TYR A 986 43.64 -12.31 -12.57
C TYR A 986 45.12 -12.08 -12.29
N GLN A 987 45.42 -10.89 -11.75
CA GLN A 987 46.76 -10.42 -11.46
C GLN A 987 46.80 -9.83 -10.06
N ASN A 988 47.90 -10.05 -9.32
CA ASN A 988 47.96 -9.66 -7.92
C ASN A 988 49.26 -8.91 -7.63
N GLU A 989 49.19 -8.03 -6.63
CA GLU A 989 50.35 -7.35 -6.08
C GLU A 989 50.22 -7.34 -4.56
N SER A 990 51.36 -7.21 -3.87
CA SER A 990 51.40 -7.26 -2.42
C SER A 990 52.35 -6.21 -1.87
N ARG A 991 52.11 -5.84 -0.61
CA ARG A 991 52.95 -4.89 0.10
C ARG A 991 52.74 -5.06 1.61
N TYR A 992 53.68 -4.51 2.37
CA TYR A 992 53.49 -4.35 3.81
C TYR A 992 52.51 -3.19 4.06
N PRO A 993 51.87 -3.16 5.24
CA PRO A 993 51.01 -2.02 5.57
C PRO A 993 51.79 -0.71 5.67
N GLY A 994 51.40 0.25 4.84
CA GLY A 994 52.09 1.52 4.76
C GLY A 994 53.27 1.56 3.81
N GLY A 995 53.58 0.45 3.15
CA GLY A 995 54.72 0.40 2.25
C GLY A 995 54.35 0.68 0.80
N ASP A 996 55.30 0.41 -0.08
CA ASP A 996 55.10 0.61 -1.51
C ASP A 996 54.74 -0.72 -2.18
N TRP A 997 53.95 -0.62 -3.25
CA TRP A 997 53.49 -1.82 -3.94
C TRP A 997 54.59 -2.45 -4.78
N LYS A 998 54.49 -3.77 -4.95
CA LYS A 998 55.39 -4.56 -5.76
C LYS A 998 54.63 -5.80 -6.20
N PRO A 999 55.07 -6.49 -7.28
CA PRO A 999 54.40 -7.74 -7.70
C PRO A 999 54.38 -8.83 -6.63
N ALA A 1000 53.29 -9.59 -6.59
CA ALA A 1000 52.97 -10.46 -5.47
C ALA A 1000 53.84 -11.72 -5.48
N GLU A 1001 53.67 -12.51 -4.42
CA GLU A 1001 54.26 -13.84 -4.39
C GLU A 1001 53.63 -14.75 -5.44
N ASP A 1002 52.34 -14.56 -5.69
CA ASP A 1002 51.62 -15.18 -6.80
C ASP A 1002 51.04 -14.04 -7.63
N THR A 1003 51.81 -13.56 -8.59
CA THR A 1003 51.44 -12.37 -9.35
C THR A 1003 50.34 -12.64 -10.38
N TYR A 1004 49.98 -13.90 -10.62
CA TYR A 1004 48.79 -14.27 -11.36
C TYR A 1004 48.12 -15.43 -10.65
N THR A 1005 46.82 -15.32 -10.39
CA THR A 1005 46.08 -16.36 -9.69
C THR A 1005 44.78 -16.65 -10.43
N ASP A 1006 44.11 -17.71 -9.97
CA ASP A 1006 42.73 -17.99 -10.31
C ASP A 1006 41.95 -18.17 -9.02
N ALA A 1007 40.71 -18.64 -9.14
CA ALA A 1007 39.82 -18.74 -7.98
C ALA A 1007 40.15 -19.91 -7.06
N ASN A 1008 40.98 -20.86 -7.50
CA ASN A 1008 41.28 -22.03 -6.68
C ASN A 1008 42.20 -21.73 -5.51
N GLY A 1009 42.99 -20.67 -5.58
CA GLY A 1009 43.83 -20.27 -4.47
C GLY A 1009 45.33 -20.39 -4.66
N ASP A 1010 45.78 -20.82 -5.84
CA ASP A 1010 47.22 -20.93 -6.11
C ASP A 1010 47.54 -20.15 -7.38
N LYS A 1011 48.81 -20.21 -7.77
CA LYS A 1011 49.27 -19.43 -8.92
C LYS A 1011 48.79 -20.05 -10.23
N ALA A 1012 48.59 -19.21 -11.24
CA ALA A 1012 48.10 -19.63 -12.53
C ALA A 1012 49.06 -19.22 -13.65
N ALA A 1013 48.62 -19.45 -14.88
CA ALA A 1013 49.43 -19.08 -16.03
C ALA A 1013 49.30 -17.58 -16.33
N SER A 1014 50.39 -17.00 -16.84
CA SER A 1014 50.36 -15.62 -17.27
C SER A 1014 49.54 -15.49 -18.56
N PRO A 1015 49.02 -14.29 -18.85
CA PRO A 1015 48.30 -14.09 -20.13
C PRO A 1015 49.14 -14.29 -21.38
N SER A 1016 50.47 -14.19 -21.28
CA SER A 1016 51.32 -14.50 -22.42
C SER A 1016 51.38 -16.00 -22.71
N GLU A 1017 51.04 -16.84 -21.75
CA GLU A 1017 51.06 -18.29 -21.95
C GLU A 1017 49.72 -18.86 -22.42
N LEU A 1018 48.65 -18.08 -22.33
CA LEU A 1018 47.33 -18.59 -22.72
C LEU A 1018 47.20 -18.70 -24.23
N THR A 1019 46.67 -19.83 -24.68
CA THR A 1019 46.42 -20.08 -26.09
C THR A 1019 45.01 -20.61 -26.25
N CYS A 1020 44.49 -20.51 -27.48
CA CYS A 1020 43.14 -20.95 -27.75
C CYS A 1020 43.06 -22.48 -27.75
N PRO A 1021 41.90 -23.05 -27.44
CA PRO A 1021 41.66 -24.46 -27.72
C PRO A 1021 41.55 -24.70 -29.22
N PRO A 1022 41.71 -25.94 -29.69
CA PRO A 1022 41.52 -26.22 -31.11
C PRO A 1022 40.10 -25.95 -31.57
N GLY A 1023 39.96 -25.25 -32.69
CA GLY A 1023 38.67 -24.78 -33.14
C GLY A 1023 38.29 -23.41 -32.62
N TRP A 1024 39.24 -22.65 -32.08
CA TRP A 1024 38.99 -21.34 -31.52
C TRP A 1024 40.06 -20.37 -31.99
N GLU A 1025 39.72 -19.08 -31.98
CA GLU A 1025 40.66 -18.02 -32.33
C GLU A 1025 40.32 -16.77 -31.53
N TRP A 1026 41.29 -15.87 -31.43
CA TRP A 1026 41.11 -14.65 -30.66
C TRP A 1026 40.32 -13.61 -31.44
N GLU A 1027 39.49 -12.86 -30.72
CA GLU A 1027 38.79 -11.72 -31.30
C GLU A 1027 39.64 -10.46 -31.28
N ASP A 1028 40.32 -10.18 -30.16
CA ASP A 1028 41.17 -9.02 -30.01
C ASP A 1028 42.63 -9.43 -30.10
N ASP A 1029 43.48 -8.45 -30.45
CA ASP A 1029 44.89 -8.74 -30.64
C ASP A 1029 45.63 -8.92 -29.32
N ALA A 1030 45.15 -8.30 -28.24
CA ALA A 1030 45.84 -8.34 -26.97
C ALA A 1030 44.85 -8.21 -25.83
N TRP A 1031 45.32 -8.55 -24.62
CA TRP A 1031 44.49 -8.47 -23.44
C TRP A 1031 44.27 -7.01 -23.02
N SER A 1032 43.27 -6.81 -22.17
CA SER A 1032 42.97 -5.50 -21.62
C SER A 1032 42.43 -5.67 -20.20
N TYR A 1033 42.59 -4.63 -19.39
CA TYR A 1033 42.17 -4.69 -18.00
C TYR A 1033 40.73 -4.21 -17.84
N ASP A 1034 40.10 -4.66 -16.77
CA ASP A 1034 38.68 -4.43 -16.55
C ASP A 1034 38.43 -3.09 -15.87
N ILE A 1035 37.39 -2.39 -16.35
CA ILE A 1035 36.95 -1.14 -15.75
C ILE A 1035 35.56 -1.24 -15.13
N ASN A 1036 34.69 -2.11 -15.64
CA ASN A 1036 33.29 -2.19 -15.24
C ASN A 1036 33.05 -3.05 -14.00
N ARG A 1037 33.77 -2.77 -12.91
CA ARG A 1037 33.56 -3.43 -11.64
C ARG A 1037 33.75 -2.40 -10.53
N ALA A 1038 33.84 -2.89 -9.29
CA ALA A 1038 34.11 -2.01 -8.16
C ALA A 1038 35.61 -1.78 -8.01
N VAL A 1039 36.19 -1.03 -8.95
CA VAL A 1039 37.63 -0.80 -9.00
C VAL A 1039 37.91 0.68 -9.23
N ASP A 1040 39.17 1.05 -9.09
CA ASP A 1040 39.61 2.42 -9.34
C ASP A 1040 39.86 2.64 -10.84
N GLU A 1041 40.57 3.74 -11.14
CA GLU A 1041 40.82 4.12 -12.54
C GLU A 1041 41.69 3.11 -13.28
N LYS A 1042 42.58 2.41 -12.58
CA LYS A 1042 43.48 1.44 -13.20
C LYS A 1042 42.96 0.01 -13.13
N GLY A 1043 41.77 -0.21 -12.59
CA GLY A 1043 41.18 -1.53 -12.57
C GLY A 1043 41.56 -2.40 -11.38
N TRP A 1044 41.98 -1.80 -10.27
CA TRP A 1044 42.42 -2.55 -9.11
C TRP A 1044 41.44 -2.42 -7.94
N GLU A 1045 41.30 -3.51 -7.20
CA GLU A 1045 40.56 -3.55 -5.94
C GLU A 1045 41.54 -3.98 -4.85
N TYR A 1046 41.26 -3.60 -3.60
CA TYR A 1046 42.23 -3.74 -2.52
C TYR A 1046 41.66 -4.56 -1.37
N GLY A 1047 42.54 -5.34 -0.74
CA GLY A 1047 42.14 -6.22 0.35
C GLY A 1047 43.22 -6.31 1.41
N ILE A 1048 42.90 -7.02 2.49
CA ILE A 1048 43.74 -7.07 3.68
C ILE A 1048 43.92 -8.54 4.09
N THR A 1049 45.02 -8.83 4.77
CA THR A 1049 45.25 -10.11 5.42
C THR A 1049 45.20 -9.94 6.93
N ILE A 1050 44.35 -10.71 7.59
CA ILE A 1050 44.23 -10.69 9.05
C ILE A 1050 44.57 -12.08 9.56
N PRO A 1051 45.39 -12.21 10.61
CA PRO A 1051 45.70 -13.52 11.18
C PRO A 1051 44.45 -14.15 11.80
N PRO A 1052 44.35 -15.50 11.78
CA PRO A 1052 45.34 -16.49 11.34
C PRO A 1052 45.30 -16.80 9.84
N ASP A 1053 44.49 -16.08 9.07
CA ASP A 1053 44.43 -16.30 7.63
C ASP A 1053 45.63 -15.65 6.94
N HIS A 1054 46.18 -16.34 5.94
CA HIS A 1054 47.35 -15.86 5.23
C HIS A 1054 47.03 -15.15 3.92
N LYS A 1055 45.83 -15.32 3.39
CA LYS A 1055 45.45 -14.77 2.10
C LYS A 1055 44.11 -14.07 2.20
N PRO A 1056 43.88 -13.01 1.43
CA PRO A 1056 42.65 -12.23 1.60
C PRO A 1056 41.42 -12.95 1.07
N LYS A 1057 40.26 -12.49 1.53
CA LYS A 1057 38.97 -13.06 1.13
C LYS A 1057 37.96 -12.03 0.67
N SER A 1058 38.22 -10.74 0.85
CA SER A 1058 37.27 -9.71 0.43
C SER A 1058 38.05 -8.53 -0.14
N TRP A 1059 37.38 -7.77 -1.00
CA TRP A 1059 37.99 -6.63 -1.67
C TRP A 1059 37.04 -5.43 -1.64
N VAL A 1060 37.63 -4.24 -1.72
CA VAL A 1060 36.89 -2.98 -1.78
C VAL A 1060 37.42 -2.16 -2.95
N ALA A 1061 36.72 -1.07 -3.25
CA ALA A 1061 37.01 -0.28 -4.45
C ALA A 1061 38.13 0.74 -4.24
N ALA A 1062 38.52 1.04 -3.01
CA ALA A 1062 39.47 2.11 -2.77
C ALA A 1062 40.61 1.60 -1.89
N GLU A 1063 41.75 2.27 -1.98
CA GLU A 1063 42.92 1.86 -1.21
C GLU A 1063 42.97 2.58 0.13
N LYS A 1064 43.16 1.81 1.20
CA LYS A 1064 43.46 2.34 2.52
C LYS A 1064 44.87 1.93 2.91
N MET A 1065 45.35 2.49 4.03
CA MET A 1065 46.74 2.27 4.42
C MET A 1065 46.96 0.87 4.97
N TYR A 1066 45.93 0.24 5.54
CA TYR A 1066 46.10 -1.07 6.15
C TYR A 1066 46.01 -2.22 5.16
N HIS A 1067 45.69 -1.96 3.89
CA HIS A 1067 45.55 -3.03 2.91
C HIS A 1067 46.91 -3.58 2.52
N THR A 1068 46.98 -4.91 2.34
CA THR A 1068 48.23 -5.59 2.05
C THR A 1068 48.26 -6.24 0.68
N HIS A 1069 47.14 -6.33 -0.02
CA HIS A 1069 47.06 -7.01 -1.30
C HIS A 1069 46.15 -6.24 -2.24
N ARG A 1070 46.28 -6.53 -3.53
CA ARG A 1070 45.39 -5.96 -4.53
C ARG A 1070 45.24 -6.92 -5.70
N ARG A 1071 44.18 -6.72 -6.48
CA ARG A 1071 43.80 -7.65 -7.54
C ARG A 1071 43.23 -6.89 -8.73
N ARG A 1072 43.43 -7.45 -9.93
CA ARG A 1072 42.96 -6.87 -11.17
C ARG A 1072 42.52 -7.98 -12.12
N ARG A 1073 41.41 -7.74 -12.83
CA ARG A 1073 40.87 -8.70 -13.79
C ARG A 1073 41.27 -8.29 -15.20
N LEU A 1074 41.68 -9.27 -16.01
CA LEU A 1074 42.03 -9.06 -17.40
C LEU A 1074 41.19 -9.97 -18.28
N VAL A 1075 40.66 -9.43 -19.39
CA VAL A 1075 39.74 -10.17 -20.25
C VAL A 1075 40.15 -10.02 -21.71
N ARG A 1076 39.73 -10.99 -22.52
CA ARG A 1076 39.82 -10.94 -23.97
C ARG A 1076 38.79 -11.88 -24.56
N LYS A 1077 38.05 -11.41 -25.56
CA LYS A 1077 37.01 -12.22 -26.19
C LYS A 1077 37.61 -13.31 -27.06
N ARG A 1078 36.81 -14.36 -27.27
CA ARG A 1078 37.21 -15.54 -28.03
C ARG A 1078 36.05 -15.95 -28.94
N LYS A 1079 36.39 -16.48 -30.11
CA LYS A 1079 35.41 -16.79 -31.15
C LYS A 1079 35.56 -18.23 -31.61
N LYS A 1080 34.46 -18.76 -32.16
CA LYS A 1080 34.34 -20.12 -32.70
C LYS A 1080 34.70 -21.22 -31.69
N ASP A 1098 51.53 -35.69 -14.90
CA ASP A 1098 50.57 -35.92 -15.97
C ASP A 1098 49.42 -36.80 -15.50
N GLN A 1099 48.65 -37.32 -16.46
CA GLN A 1099 47.51 -38.17 -16.13
C GLN A 1099 47.92 -39.64 -16.05
N GLU A 1100 48.69 -39.99 -15.02
CA GLU A 1100 49.02 -41.37 -14.72
C GLU A 1100 47.94 -42.08 -13.92
N GLY A 1101 46.87 -41.37 -13.55
CA GLY A 1101 45.89 -41.89 -12.63
C GLY A 1101 46.08 -41.42 -11.21
N TRP A 1102 46.92 -40.42 -10.99
CA TRP A 1102 47.23 -39.93 -9.65
C TRP A 1102 47.19 -38.41 -9.67
N GLU A 1103 46.94 -37.83 -8.48
CA GLU A 1103 47.08 -36.41 -8.24
C GLU A 1103 48.19 -36.20 -7.23
N TYR A 1104 48.96 -35.14 -7.43
CA TYR A 1104 50.25 -34.95 -6.78
C TYR A 1104 50.23 -33.68 -5.92
N ALA A 1105 50.99 -33.74 -4.82
CA ALA A 1105 51.14 -32.59 -3.93
C ALA A 1105 52.48 -32.69 -3.21
N SER A 1106 52.84 -31.60 -2.53
CA SER A 1106 54.12 -31.54 -1.83
C SER A 1106 54.13 -32.35 -0.54
N LEU A 1107 52.97 -32.61 0.05
CA LEU A 1107 52.90 -33.31 1.33
C LEU A 1107 51.84 -34.39 1.25
N ILE A 1108 51.82 -35.24 2.28
CA ILE A 1108 50.77 -36.26 2.37
C ILE A 1108 49.53 -35.66 3.00
N GLY A 1109 48.37 -35.96 2.41
CA GLY A 1109 47.13 -35.32 2.83
C GLY A 1109 47.04 -33.85 2.47
N TRP A 1110 47.82 -33.40 1.50
CA TRP A 1110 47.91 -32.00 1.14
C TRP A 1110 46.90 -31.70 0.02
N LYS A 1111 47.05 -30.54 -0.63
CA LYS A 1111 46.21 -30.17 -1.76
C LYS A 1111 46.67 -30.86 -3.03
N PHE A 1112 46.20 -32.07 -3.29
CA PHE A 1112 46.58 -32.80 -4.49
C PHE A 1112 45.89 -32.22 -5.73
N HIS A 1113 46.67 -32.08 -6.80
CA HIS A 1113 46.18 -31.56 -8.07
C HIS A 1113 46.73 -32.43 -9.20
N TRP A 1114 46.01 -32.41 -10.32
CA TRP A 1114 46.10 -33.47 -11.33
C TRP A 1114 47.42 -33.53 -12.08
N LYS A 1115 48.26 -32.49 -12.00
CA LYS A 1115 49.56 -32.50 -12.68
C LYS A 1115 50.67 -32.22 -11.68
N GLN A 1116 51.78 -32.92 -11.84
CA GLN A 1116 52.89 -32.82 -10.89
C GLN A 1116 53.74 -31.60 -11.19
N ARG A 1117 54.03 -30.82 -10.16
CA ARG A 1117 54.95 -29.69 -10.27
C ARG A 1117 56.33 -30.10 -9.76
N SER A 1118 57.23 -29.11 -9.69
CA SER A 1118 58.61 -29.40 -9.30
C SER A 1118 58.75 -29.65 -7.81
N SER A 1119 57.80 -29.18 -7.01
CA SER A 1119 57.90 -29.27 -5.55
C SER A 1119 57.07 -30.40 -4.96
N ASP A 1120 56.51 -31.29 -5.79
CA ASP A 1120 55.63 -32.34 -5.32
C ASP A 1120 56.40 -33.66 -5.20
N THR A 1121 56.39 -34.23 -3.99
CA THR A 1121 57.00 -35.53 -3.75
C THR A 1121 56.02 -36.54 -3.17
N PHE A 1122 54.71 -36.29 -3.28
CA PHE A 1122 53.69 -37.20 -2.78
C PHE A 1122 52.57 -37.31 -3.82
N ARG A 1123 51.82 -38.40 -3.76
CA ARG A 1123 50.68 -38.57 -4.66
C ARG A 1123 49.63 -39.47 -4.02
N ARG A 1124 48.43 -39.45 -4.61
CA ARG A 1124 47.33 -40.27 -4.14
C ARG A 1124 46.35 -40.47 -5.29
N ARG A 1125 45.42 -41.42 -5.11
CA ARG A 1125 44.40 -41.69 -6.11
C ARG A 1125 43.13 -42.17 -5.44
N ARG A 1126 42.03 -42.13 -6.19
CA ARG A 1126 40.73 -42.52 -5.67
C ARG A 1126 40.35 -43.91 -6.16
N TRP A 1127 39.79 -44.71 -5.25
CA TRP A 1127 39.38 -46.08 -5.55
C TRP A 1127 37.88 -46.15 -5.27
N ARG A 1128 37.06 -45.94 -6.29
CA ARG A 1128 35.63 -45.75 -6.08
C ARG A 1128 34.82 -46.82 -6.80
N ARG A 1129 33.76 -47.27 -6.14
CA ARG A 1129 32.82 -48.23 -6.70
C ARG A 1129 31.41 -47.66 -6.64
N LYS A 1130 30.65 -47.89 -7.70
CA LYS A 1130 29.30 -47.36 -7.82
C LYS A 1130 28.29 -48.27 -7.13
N MET A 1131 27.35 -47.66 -6.40
CA MET A 1131 26.17 -48.36 -5.93
C MET A 1131 24.95 -47.95 -6.76
N ALA A 1132 24.21 -48.94 -7.23
CA ALA A 1132 22.95 -48.72 -7.92
C ALA A 1132 21.81 -49.18 -7.01
N PRO A 1133 20.67 -48.50 -7.05
CA PRO A 1133 19.53 -48.95 -6.25
C PRO A 1133 18.96 -50.25 -6.78
N SER A 1134 18.49 -51.09 -5.85
CA SER A 1134 17.95 -52.39 -6.22
C SER A 1134 16.59 -52.24 -6.89
N GLU A 1135 16.20 -53.28 -7.64
CA GLU A 1135 14.92 -53.27 -8.33
C GLU A 1135 13.74 -53.42 -7.39
N THR A 1136 13.97 -53.95 -6.19
CA THR A 1136 12.90 -54.11 -5.21
C THR A 1136 12.54 -52.81 -4.52
N HIS A 1137 13.34 -51.76 -4.66
CA HIS A 1137 13.09 -50.48 -4.02
C HIS A 1137 12.95 -49.34 -5.00
N GLY A 1138 13.60 -49.42 -6.17
CA GLY A 1138 13.57 -48.32 -7.10
C GLY A 1138 14.43 -47.16 -6.61
N ALA A 1139 14.04 -45.96 -7.04
CA ALA A 1139 14.79 -44.76 -6.66
C ALA A 1139 14.48 -44.32 -5.23
N ALA A 1140 13.55 -45.00 -4.56
CA ALA A 1140 13.17 -44.66 -3.20
C ALA A 1140 14.19 -45.08 -2.17
N ALA A 1141 15.25 -45.81 -2.58
CA ALA A 1141 16.23 -46.32 -1.63
C ALA A 1141 17.13 -45.23 -1.07
N ILE A 1142 17.08 -44.01 -1.63
CA ILE A 1142 17.90 -42.92 -1.12
C ILE A 1142 17.41 -42.43 0.24
N PHE A 1143 16.14 -42.71 0.57
CA PHE A 1143 15.62 -42.36 1.88
C PHE A 1143 16.00 -43.37 2.96
N LYS A 1144 16.58 -44.51 2.58
CA LYS A 1144 16.95 -45.55 3.53
C LYS A 1144 18.44 -45.57 3.80
N LEU A 1145 19.06 -44.38 3.88
CA LEU A 1145 20.48 -44.25 4.16
C LEU A 1145 20.75 -43.78 5.59
N GLU A 1146 19.91 -44.18 6.53
CA GLU A 1146 20.07 -43.79 7.93
C GLU A 1146 21.20 -44.57 8.58
N THR A 1177 29.99 -39.89 5.39
CA THR A 1177 28.58 -39.97 5.03
C THR A 1177 28.43 -40.25 3.53
N PRO A 1178 27.38 -41.01 3.16
CA PRO A 1178 27.08 -41.20 1.74
C PRO A 1178 26.66 -39.89 1.07
N ILE A 1179 27.09 -39.72 -0.17
CA ILE A 1179 26.78 -38.53 -0.97
C ILE A 1179 26.00 -39.01 -2.18
N VAL A 1180 24.74 -38.59 -2.30
CA VAL A 1180 23.91 -39.03 -3.40
C VAL A 1180 23.96 -38.01 -4.54
N SER A 1181 24.03 -38.52 -5.77
CA SER A 1181 24.01 -37.68 -6.95
C SER A 1181 23.23 -38.39 -8.04
N CYS A 1182 22.35 -37.64 -8.69
CA CYS A 1182 21.46 -38.15 -9.72
C CYS A 1182 22.14 -38.01 -11.08
N ASN A 1183 22.28 -39.13 -11.78
CA ASN A 1183 22.95 -39.16 -13.07
C ASN A 1183 21.90 -39.29 -14.17
N PHE A 1184 21.92 -38.36 -15.12
CA PHE A 1184 21.04 -38.43 -16.27
C PHE A 1184 21.76 -39.13 -17.41
N ASP A 1185 21.10 -40.13 -17.99
CA ASP A 1185 21.75 -40.98 -18.98
C ASP A 1185 21.83 -40.35 -20.37
N ARG A 1186 21.11 -39.25 -20.61
CA ARG A 1186 21.14 -38.61 -21.91
C ARG A 1186 20.82 -37.13 -21.76
N VAL A 1187 21.20 -36.36 -22.76
CA VAL A 1187 21.02 -34.92 -22.74
C VAL A 1187 20.06 -34.52 -23.86
N TYR A 1188 19.35 -33.42 -23.66
CA TYR A 1188 18.48 -32.84 -24.67
C TYR A 1188 18.98 -31.44 -25.01
N ILE A 1189 19.19 -31.20 -26.29
CA ILE A 1189 19.76 -29.96 -26.80
C ILE A 1189 18.63 -29.02 -27.16
N TYR A 1190 18.76 -27.75 -26.77
CA TYR A 1190 17.74 -26.74 -27.01
C TYR A 1190 18.33 -25.57 -27.79
N HIS A 1191 17.48 -24.60 -28.07
CA HIS A 1191 17.82 -23.45 -28.90
C HIS A 1191 16.89 -22.31 -28.54
N LEU A 1192 17.41 -21.30 -27.86
CA LEU A 1192 16.61 -20.21 -27.33
C LEU A 1192 16.82 -18.95 -28.17
N ARG A 1193 15.73 -18.26 -28.48
CA ARG A 1193 15.78 -16.97 -29.15
C ARG A 1193 14.97 -15.96 -28.34
N CYS A 1194 15.60 -14.88 -27.94
CA CYS A 1194 14.95 -13.81 -27.17
C CYS A 1194 14.81 -12.59 -28.06
N TYR A 1195 13.58 -12.13 -28.23
CA TYR A 1195 13.29 -11.00 -29.11
C TYR A 1195 13.16 -9.76 -28.24
N VAL A 1196 14.30 -9.17 -27.88
CA VAL A 1196 14.34 -7.95 -27.10
C VAL A 1196 14.08 -6.81 -28.07
N TYR A 1197 12.87 -6.26 -28.03
CA TYR A 1197 12.50 -5.26 -29.02
C TYR A 1197 12.81 -3.85 -28.52
N GLN A 1198 12.20 -3.44 -27.41
CA GLN A 1198 12.36 -2.08 -26.93
C GLN A 1198 12.04 -2.05 -25.44
N ALA A 1199 12.37 -0.92 -24.81
CA ALA A 1199 12.03 -0.66 -23.42
C ALA A 1199 11.46 0.74 -23.32
N ARG A 1200 10.70 0.98 -22.25
CA ARG A 1200 10.09 2.27 -22.01
C ARG A 1200 10.21 2.64 -20.54
N ASN A 1201 10.21 3.94 -20.28
CA ASN A 1201 10.12 4.55 -18.95
C ASN A 1201 11.22 4.08 -18.00
N LEU A 1202 12.44 3.96 -18.54
CA LEU A 1202 13.55 3.55 -17.70
C LEU A 1202 14.01 4.71 -16.81
N LEU A 1203 14.76 4.36 -15.78
CA LEU A 1203 15.28 5.36 -14.86
C LEU A 1203 16.38 6.19 -15.52
N ALA A 1204 16.46 7.45 -15.14
CA ALA A 1204 17.55 8.31 -15.59
C ALA A 1204 18.70 8.18 -14.62
N LEU A 1205 19.85 7.71 -15.10
CA LEU A 1205 20.98 7.43 -14.22
C LEU A 1205 22.28 8.06 -14.70
N ASP A 1206 22.19 9.11 -15.52
CA ASP A 1206 23.34 9.96 -15.82
C ASP A 1206 23.00 11.40 -15.45
N LYS A 1207 24.01 12.26 -15.47
CA LYS A 1207 23.79 13.66 -15.13
C LYS A 1207 23.21 14.44 -16.30
N ASP A 1208 23.26 13.89 -17.52
CA ASP A 1208 22.66 14.53 -18.67
C ASP A 1208 21.21 14.10 -18.90
N SER A 1209 20.52 13.67 -17.84
CA SER A 1209 19.09 13.37 -17.71
C SER A 1209 18.68 12.10 -18.44
N PHE A 1210 19.60 11.36 -19.06
CA PHE A 1210 19.24 10.13 -19.74
C PHE A 1210 20.09 8.97 -19.26
N SER A 1211 20.04 7.85 -19.98
CA SER A 1211 20.87 6.69 -19.65
C SER A 1211 21.45 6.14 -20.94
N ASP A 1212 22.23 5.08 -20.80
CA ASP A 1212 22.69 4.35 -21.97
C ASP A 1212 22.35 2.87 -21.80
N PRO A 1213 21.08 2.49 -21.90
CA PRO A 1213 20.68 1.15 -21.45
C PRO A 1213 21.10 0.03 -22.41
N TYR A 1214 21.55 -1.06 -21.81
CA TYR A 1214 21.77 -2.33 -22.48
C TYR A 1214 21.22 -3.41 -21.57
N ALA A 1215 21.25 -4.65 -22.03
CA ALA A 1215 20.61 -5.75 -21.33
C ALA A 1215 21.48 -6.99 -21.32
N HIS A 1216 21.61 -7.61 -20.15
CA HIS A 1216 22.18 -8.95 -20.04
C HIS A 1216 21.06 -9.98 -20.08
N ILE A 1217 20.95 -10.68 -21.19
CA ILE A 1217 20.01 -11.78 -21.33
C ILE A 1217 20.68 -13.04 -20.80
N CYS A 1218 20.10 -13.62 -19.76
CA CYS A 1218 20.66 -14.82 -19.14
C CYS A 1218 19.62 -15.92 -19.13
N PHE A 1219 20.07 -17.14 -19.40
CA PHE A 1219 19.20 -18.31 -19.41
C PHE A 1219 20.09 -19.52 -19.12
N LEU A 1220 19.92 -20.08 -17.93
CA LEU A 1220 20.75 -21.16 -17.38
C LEU A 1220 22.23 -20.78 -17.44
N HIS A 1221 23.07 -21.67 -17.98
CA HIS A 1221 24.50 -21.48 -17.98
C HIS A 1221 24.97 -20.65 -19.18
N ARG A 1222 24.08 -19.88 -19.78
CA ARG A 1222 24.39 -19.08 -20.95
C ARG A 1222 24.00 -17.63 -20.70
N SER A 1223 24.74 -16.72 -21.32
CA SER A 1223 24.47 -15.29 -21.19
C SER A 1223 25.00 -14.58 -22.43
N LYS A 1224 24.32 -13.50 -22.80
CA LYS A 1224 24.71 -12.65 -23.91
C LYS A 1224 24.28 -11.22 -23.61
N THR A 1225 24.89 -10.27 -24.30
CA THR A 1225 24.65 -8.85 -24.07
C THR A 1225 24.10 -8.20 -25.32
N THR A 1226 23.07 -7.38 -25.15
CA THR A 1226 22.56 -6.56 -26.24
C THR A 1226 23.45 -5.35 -26.46
N GLU A 1227 23.19 -4.63 -27.54
CA GLU A 1227 23.94 -3.42 -27.85
C GLU A 1227 23.55 -2.29 -26.90
N ILE A 1228 24.40 -1.28 -26.82
CA ILE A 1228 24.14 -0.12 -25.98
C ILE A 1228 23.49 0.97 -26.82
N ILE A 1229 22.30 1.40 -26.43
CA ILE A 1229 21.62 2.52 -27.06
C ILE A 1229 21.86 3.75 -26.22
N HIS A 1230 22.52 4.75 -26.79
CA HIS A 1230 23.00 5.87 -26.01
C HIS A 1230 21.96 6.98 -25.88
N SER A 1231 21.99 7.66 -24.73
CA SER A 1231 21.33 8.95 -24.50
C SER A 1231 19.80 8.87 -24.58
N THR A 1232 19.27 7.72 -24.17
CA THR A 1232 17.83 7.55 -24.18
C THR A 1232 17.38 6.81 -22.93
N LEU A 1233 16.13 7.03 -22.55
CA LEU A 1233 15.43 6.22 -21.55
C LEU A 1233 14.42 5.28 -22.17
N ASN A 1234 14.22 5.36 -23.48
CA ASN A 1234 13.26 4.52 -24.19
C ASN A 1234 13.98 3.87 -25.38
N PRO A 1235 14.84 2.90 -25.11
CA PRO A 1235 15.68 2.35 -26.18
C PRO A 1235 14.89 1.44 -27.09
N THR A 1236 15.37 1.27 -28.31
CA THR A 1236 14.85 0.26 -29.21
C THR A 1236 16.05 -0.58 -29.66
N TRP A 1237 16.31 -1.66 -28.93
CA TRP A 1237 17.42 -2.54 -29.28
C TRP A 1237 17.17 -3.24 -30.60
N ASP A 1238 15.93 -3.70 -30.82
CA ASP A 1238 15.45 -4.35 -32.03
C ASP A 1238 16.31 -5.56 -32.38
N GLN A 1239 16.61 -6.34 -31.35
CA GLN A 1239 17.69 -7.30 -31.38
C GLN A 1239 17.18 -8.68 -31.00
N THR A 1240 17.66 -9.70 -31.70
CA THR A 1240 17.40 -11.09 -31.37
C THR A 1240 18.66 -11.71 -30.79
N ILE A 1241 18.54 -12.25 -29.58
CA ILE A 1241 19.65 -12.87 -28.87
C ILE A 1241 19.49 -14.37 -28.96
N ILE A 1242 20.45 -15.05 -29.57
CA ILE A 1242 20.33 -16.46 -29.89
C ILE A 1242 21.35 -17.25 -29.06
N PHE A 1243 20.85 -18.17 -28.25
CA PHE A 1243 21.66 -19.16 -27.53
C PHE A 1243 21.42 -20.50 -28.21
N ASP A 1244 22.26 -20.83 -29.19
CA ASP A 1244 22.17 -22.15 -29.78
C ASP A 1244 22.88 -23.17 -28.91
N GLU A 1245 22.32 -24.39 -28.88
CA GLU A 1245 22.83 -25.55 -28.15
C GLU A 1245 22.95 -25.28 -26.64
N VAL A 1246 21.79 -25.14 -26.01
CA VAL A 1246 21.71 -25.05 -24.55
C VAL A 1246 21.36 -26.43 -24.01
N GLU A 1247 22.17 -26.92 -23.07
CA GLU A 1247 21.98 -28.27 -22.55
C GLU A 1247 21.07 -28.25 -21.33
N ILE A 1248 19.88 -28.82 -21.48
CA ILE A 1248 18.92 -28.93 -20.38
C ILE A 1248 18.65 -30.40 -20.13
N TYR A 1249 18.73 -30.80 -18.86
CA TYR A 1249 18.57 -32.19 -18.45
C TYR A 1249 17.17 -32.42 -17.93
N GLY A 1250 16.76 -33.69 -17.95
CA GLY A 1250 15.37 -34.04 -17.75
C GLY A 1250 14.65 -34.21 -19.07
N GLU A 1251 13.46 -34.80 -18.99
CA GLU A 1251 12.66 -35.02 -20.18
C GLU A 1251 12.15 -33.69 -20.74
N PRO A 1252 11.94 -33.60 -22.06
CA PRO A 1252 11.43 -32.34 -22.64
C PRO A 1252 10.05 -31.94 -22.17
N GLN A 1253 9.23 -32.89 -21.72
CA GLN A 1253 7.94 -32.55 -21.14
C GLN A 1253 8.09 -31.81 -19.82
N THR A 1254 9.11 -32.17 -19.03
CA THR A 1254 9.34 -31.46 -17.77
C THR A 1254 9.84 -30.04 -18.03
N VAL A 1255 10.53 -29.83 -19.15
CA VAL A 1255 10.87 -28.47 -19.56
C VAL A 1255 9.62 -27.73 -20.04
N LEU A 1256 8.70 -28.46 -20.69
CA LEU A 1256 7.48 -27.84 -21.20
C LEU A 1256 6.57 -27.36 -20.08
N GLN A 1257 6.37 -28.17 -19.04
CA GLN A 1257 5.52 -27.74 -17.94
C GLN A 1257 6.18 -26.65 -17.10
N ASN A 1258 7.48 -26.75 -16.87
CA ASN A 1258 8.22 -25.76 -16.10
C ASN A 1258 9.42 -25.29 -16.89
N PRO A 1259 9.25 -24.24 -17.69
CA PRO A 1259 10.39 -23.67 -18.41
C PRO A 1259 11.33 -22.94 -17.46
N PRO A 1260 12.64 -23.07 -17.67
CA PRO A 1260 13.59 -22.24 -16.92
C PRO A 1260 13.43 -20.78 -17.29
N LYS A 1261 13.56 -19.90 -16.30
CA LYS A 1261 13.27 -18.49 -16.50
C LYS A 1261 14.37 -17.81 -17.31
N VAL A 1262 13.96 -16.98 -18.26
CA VAL A 1262 14.87 -16.05 -18.91
C VAL A 1262 14.86 -14.75 -18.12
N ILE A 1263 16.04 -14.31 -17.70
CA ILE A 1263 16.18 -13.13 -16.83
C ILE A 1263 16.98 -12.08 -17.58
N MET A 1264 16.38 -10.92 -17.76
CA MET A 1264 17.02 -9.75 -18.37
C MET A 1264 17.36 -8.75 -17.27
N GLU A 1265 18.61 -8.30 -17.24
CA GLU A 1265 19.03 -7.26 -16.30
C GLU A 1265 19.47 -6.05 -17.11
N LEU A 1266 18.80 -4.92 -16.90
CA LEU A 1266 19.08 -3.71 -17.64
C LEU A 1266 20.10 -2.87 -16.88
N PHE A 1267 21.08 -2.33 -17.60
CA PHE A 1267 22.14 -1.54 -17.00
C PHE A 1267 22.39 -0.29 -17.82
N ASP A 1268 22.60 0.83 -17.14
CA ASP A 1268 22.99 2.09 -17.77
C ASP A 1268 24.51 2.00 -17.94
N ASN A 1269 24.96 2.04 -19.19
CA ASN A 1269 26.39 2.02 -19.45
C ASN A 1269 27.00 3.37 -19.11
N ASP A 1270 28.09 3.34 -18.34
CA ASP A 1270 28.86 4.53 -18.02
C ASP A 1270 30.28 4.33 -18.49
N GLN A 1271 30.84 5.36 -19.14
CA GLN A 1271 32.20 5.25 -19.67
C GLN A 1271 33.25 5.19 -18.57
N VAL A 1272 33.04 5.91 -17.47
CA VAL A 1272 33.89 5.78 -16.29
C VAL A 1272 33.02 5.25 -15.15
N GLY A 1273 33.65 4.62 -14.18
CA GLY A 1273 32.91 4.03 -13.09
C GLY A 1273 32.25 2.72 -13.48
N LYS A 1274 31.35 2.27 -12.61
CA LYS A 1274 30.65 1.00 -12.79
C LYS A 1274 29.25 1.26 -13.32
N ASP A 1275 28.77 0.36 -14.17
CA ASP A 1275 27.48 0.55 -14.82
C ASP A 1275 26.35 0.30 -13.83
N GLU A 1276 25.41 1.23 -13.78
CA GLU A 1276 24.39 1.25 -12.73
C GLU A 1276 23.20 0.40 -13.11
N PHE A 1277 22.47 -0.06 -12.09
CA PHE A 1277 21.39 -1.01 -12.27
C PHE A 1277 20.08 -0.29 -12.56
N LEU A 1278 19.41 -0.67 -13.65
CA LEU A 1278 18.14 -0.06 -14.02
C LEU A 1278 16.97 -0.88 -13.53
N GLY A 1279 17.03 -2.19 -13.68
CA GLY A 1279 15.94 -3.06 -13.26
C GLY A 1279 16.14 -4.46 -13.79
N ARG A 1280 15.14 -5.30 -13.54
CA ARG A 1280 15.22 -6.71 -13.90
C ARG A 1280 13.85 -7.24 -14.27
N SER A 1281 13.78 -7.88 -15.43
CA SER A 1281 12.56 -8.47 -15.94
C SER A 1281 12.74 -9.99 -16.03
N ILE A 1282 11.81 -10.73 -15.45
CA ILE A 1282 11.85 -12.18 -15.42
C ILE A 1282 10.61 -12.72 -16.12
N PHE A 1283 10.81 -13.61 -17.09
CA PHE A 1283 9.71 -14.10 -17.90
C PHE A 1283 10.04 -15.52 -18.36
N SER A 1284 9.02 -16.21 -18.87
CA SER A 1284 9.20 -17.60 -19.28
C SER A 1284 9.20 -17.71 -20.79
N PRO A 1285 10.07 -18.52 -21.38
CA PRO A 1285 10.04 -18.72 -22.83
C PRO A 1285 8.89 -19.63 -23.25
N VAL A 1286 8.59 -19.60 -24.54
CA VAL A 1286 7.55 -20.45 -25.11
C VAL A 1286 8.22 -21.73 -25.61
N VAL A 1287 8.04 -22.81 -24.87
CA VAL A 1287 8.73 -24.06 -25.18
C VAL A 1287 8.04 -24.76 -26.35
N LYS A 1288 8.84 -25.21 -27.31
CA LYS A 1288 8.35 -25.99 -28.44
C LYS A 1288 9.13 -27.29 -28.48
N LEU A 1289 8.43 -28.40 -28.66
CA LEU A 1289 9.11 -29.70 -28.75
C LEU A 1289 9.04 -30.33 -30.13
N ASN A 1290 8.11 -29.90 -30.98
CA ASN A 1290 7.98 -30.48 -32.31
C ASN A 1290 7.43 -29.43 -33.27
N SER A 1291 7.12 -29.87 -34.48
CA SER A 1291 6.72 -28.94 -35.53
C SER A 1291 5.25 -28.56 -35.42
N GLU A 1292 4.48 -29.23 -34.58
CA GLU A 1292 3.08 -28.89 -34.39
C GLU A 1292 2.92 -27.59 -33.60
N MET A 1293 3.72 -27.38 -32.56
CA MET A 1293 3.55 -26.24 -31.67
C MET A 1293 4.49 -25.08 -32.04
N ASP A 1294 4.74 -24.90 -33.34
CA ASP A 1294 5.62 -23.88 -33.91
C ASP A 1294 4.92 -22.52 -34.13
N ILE A 1295 3.85 -22.20 -33.41
CA ILE A 1295 3.21 -20.90 -33.56
C ILE A 1295 4.14 -19.79 -33.08
N THR A 1296 4.03 -18.62 -33.71
CA THR A 1296 4.99 -17.55 -33.48
C THR A 1296 4.79 -16.96 -32.09
N PRO A 1297 5.87 -16.62 -31.38
CA PRO A 1297 5.72 -16.01 -30.04
C PRO A 1297 5.20 -14.59 -30.15
N LYS A 1298 4.55 -14.15 -29.08
CA LYS A 1298 3.91 -12.84 -29.02
C LYS A 1298 4.66 -11.97 -28.01
N LEU A 1299 5.07 -10.78 -28.45
CA LEU A 1299 5.76 -9.86 -27.57
C LEU A 1299 4.83 -9.35 -26.48
N LEU A 1300 5.36 -9.24 -25.27
CA LEU A 1300 4.59 -8.77 -24.13
C LEU A 1300 5.43 -7.78 -23.32
N TRP A 1301 4.76 -6.81 -22.72
CA TRP A 1301 5.42 -5.81 -21.89
C TRP A 1301 5.59 -6.38 -20.49
N HIS A 1302 6.71 -7.03 -20.24
CA HIS A 1302 6.98 -7.49 -18.89
C HIS A 1302 7.58 -6.37 -18.06
N PRO A 1303 7.23 -6.27 -16.77
CA PRO A 1303 7.75 -5.17 -15.95
C PRO A 1303 9.23 -5.29 -15.65
N VAL A 1304 9.84 -4.14 -15.42
CA VAL A 1304 11.27 -4.04 -15.15
C VAL A 1304 11.38 -3.61 -13.70
N MET A 1305 11.48 -4.58 -12.81
CA MET A 1305 11.38 -4.29 -11.38
C MET A 1305 12.73 -3.91 -10.81
N ASN A 1306 12.81 -2.71 -10.23
CA ASN A 1306 13.96 -2.27 -9.46
C ASN A 1306 13.48 -2.09 -8.02
N GLY A 1307 13.96 -2.94 -7.12
CA GLY A 1307 13.45 -2.90 -5.76
C GLY A 1307 12.06 -3.49 -5.69
N ASP A 1308 11.11 -2.72 -5.16
CA ASP A 1308 9.73 -3.14 -5.03
C ASP A 1308 8.78 -2.43 -5.97
N LYS A 1309 9.29 -1.61 -6.89
CA LYS A 1309 8.44 -0.84 -7.77
C LYS A 1309 8.88 -1.07 -9.21
N ALA A 1310 7.92 -0.93 -10.12
CA ALA A 1310 8.21 -1.05 -11.54
C ALA A 1310 8.82 0.24 -12.05
N CYS A 1311 10.02 0.13 -12.64
CA CYS A 1311 10.75 1.29 -13.15
C CYS A 1311 10.83 1.19 -14.67
N GLY A 1312 9.71 0.82 -15.28
CA GLY A 1312 9.59 0.69 -16.72
C GLY A 1312 9.06 -0.67 -17.10
N ASP A 1313 8.78 -0.82 -18.39
CA ASP A 1313 8.34 -2.07 -19.00
C ASP A 1313 9.21 -2.34 -20.23
N VAL A 1314 9.48 -3.62 -20.50
CA VAL A 1314 10.27 -4.02 -21.67
C VAL A 1314 9.42 -4.94 -22.54
N LEU A 1315 9.36 -4.65 -23.83
CA LEU A 1315 8.62 -5.47 -24.79
C LEU A 1315 9.54 -6.60 -25.25
N VAL A 1316 9.32 -7.79 -24.70
CA VAL A 1316 10.21 -8.93 -24.91
C VAL A 1316 9.39 -10.22 -24.91
N THR A 1317 9.85 -11.19 -25.69
CA THR A 1317 9.31 -12.54 -25.66
C THR A 1317 10.47 -13.49 -25.96
N ALA A 1318 10.23 -14.78 -25.75
CA ALA A 1318 11.26 -15.78 -26.02
C ALA A 1318 10.60 -17.07 -26.48
N GLU A 1319 11.38 -17.90 -27.16
CA GLU A 1319 10.97 -19.25 -27.52
C GLU A 1319 12.15 -20.19 -27.34
N LEU A 1320 11.86 -21.39 -26.84
CA LEU A 1320 12.87 -22.38 -26.50
C LEU A 1320 12.54 -23.66 -27.26
N ILE A 1321 13.25 -23.91 -28.34
CA ILE A 1321 12.94 -24.97 -29.30
C ILE A 1321 13.84 -26.16 -29.03
N LEU A 1322 13.24 -27.34 -28.93
CA LEU A 1322 14.03 -28.56 -28.81
C LEU A 1322 14.68 -28.89 -30.14
N ARG A 1323 16.01 -28.86 -30.17
CA ARG A 1323 16.74 -29.14 -31.39
C ARG A 1323 16.63 -30.62 -31.75
N GLY A 1324 16.39 -30.88 -33.03
CA GLY A 1324 16.20 -32.25 -33.49
C GLY A 1324 17.50 -32.99 -33.70
N LYS A 1325 17.54 -33.84 -34.74
CA LYS A 1325 18.76 -34.57 -35.06
C LYS A 1325 19.85 -33.64 -35.58
N ASP A 1326 19.44 -32.56 -36.25
CA ASP A 1326 20.34 -31.50 -36.66
C ASP A 1326 19.62 -30.18 -36.39
N GLY A 1327 20.14 -29.10 -36.95
CA GLY A 1327 19.51 -27.80 -36.80
C GLY A 1327 18.47 -27.51 -37.86
N SER A 1328 18.03 -28.56 -38.58
CA SER A 1328 17.08 -28.39 -39.68
C SER A 1328 15.68 -28.04 -39.21
N ASN A 1329 15.28 -28.48 -38.02
CA ASN A 1329 13.94 -28.19 -37.52
C ASN A 1329 13.81 -26.76 -36.99
N LEU A 1330 14.92 -26.06 -36.77
CA LEU A 1330 14.91 -24.69 -36.33
C LEU A 1330 14.46 -23.77 -37.48
N PRO A 1331 13.84 -22.63 -37.16
CA PRO A 1331 13.52 -21.65 -38.20
C PRO A 1331 14.77 -20.95 -38.72
N ILE A 1332 14.57 -20.16 -39.77
CA ILE A 1332 15.69 -19.46 -40.39
C ILE A 1332 16.24 -18.37 -39.48
N LEU A 1333 17.51 -18.03 -39.69
CA LEU A 1333 18.14 -16.98 -38.91
C LEU A 1333 17.54 -15.62 -39.28
N PRO A 1334 17.38 -14.72 -38.31
CA PRO A 1334 16.86 -13.39 -38.61
C PRO A 1334 17.88 -12.59 -39.41
N PRO A 1335 17.41 -11.63 -40.21
CA PRO A 1335 18.34 -10.84 -41.03
C PRO A 1335 19.21 -9.92 -40.19
N GLN A 1336 20.49 -9.88 -40.51
CA GLN A 1336 21.43 -9.04 -39.77
C GLN A 1336 21.45 -7.64 -40.34
N ARG A 1337 21.76 -6.67 -39.47
CA ARG A 1337 22.08 -5.32 -39.88
C ARG A 1337 23.49 -4.92 -39.46
N ALA A 1338 24.12 -5.69 -38.58
CA ALA A 1338 25.52 -5.57 -38.22
C ALA A 1338 26.04 -6.98 -38.01
N PRO A 1339 27.38 -7.20 -38.08
CA PRO A 1339 27.93 -8.53 -37.81
C PRO A 1339 27.60 -9.09 -36.43
N ASN A 1340 27.02 -10.29 -36.42
CA ASN A 1340 26.48 -10.98 -35.24
C ASN A 1340 25.46 -10.12 -34.49
N LEU A 1341 24.60 -9.42 -35.23
CA LEU A 1341 23.57 -8.55 -34.68
C LEU A 1341 22.29 -8.79 -35.46
N TYR A 1342 21.43 -9.65 -34.94
CA TYR A 1342 20.21 -10.01 -35.62
C TYR A 1342 19.09 -9.04 -35.27
N MET A 1343 18.22 -8.77 -36.24
CA MET A 1343 17.05 -7.97 -35.99
C MET A 1343 15.91 -8.86 -35.50
N VAL A 1344 14.86 -8.24 -34.96
CA VAL A 1344 13.68 -9.02 -34.61
C VAL A 1344 12.94 -9.39 -35.90
N PRO A 1345 12.62 -10.67 -36.12
CA PRO A 1345 12.06 -11.10 -37.40
C PRO A 1345 10.65 -10.59 -37.62
N GLN A 1346 10.15 -10.79 -38.84
CA GLN A 1346 8.95 -10.11 -39.31
C GLN A 1346 7.69 -10.55 -38.56
N GLY A 1347 7.57 -11.84 -38.27
CA GLY A 1347 6.37 -12.33 -37.60
C GLY A 1347 6.28 -11.94 -36.14
N ILE A 1348 7.42 -11.67 -35.50
CA ILE A 1348 7.45 -11.32 -34.09
C ILE A 1348 7.36 -9.81 -33.89
N ARG A 1349 8.01 -9.06 -34.78
CA ARG A 1349 8.04 -7.60 -34.74
C ARG A 1349 6.64 -7.03 -34.92
N PRO A 1350 6.28 -5.96 -34.20
CA PRO A 1350 5.01 -5.27 -34.45
C PRO A 1350 4.87 -4.75 -35.87
N VAL A 1351 3.72 -5.00 -36.49
CA VAL A 1351 3.49 -4.60 -37.87
C VAL A 1351 3.22 -3.09 -37.87
N VAL A 1352 4.08 -2.34 -38.55
CA VAL A 1352 4.00 -0.89 -38.51
C VAL A 1352 3.23 -0.38 -39.71
N GLN A 1353 2.55 0.74 -39.50
CA GLN A 1353 1.82 1.46 -40.54
C GLN A 1353 2.24 2.92 -40.47
N LEU A 1354 2.04 3.64 -41.58
CA LEU A 1354 2.31 5.06 -41.59
C LEU A 1354 1.27 5.78 -40.73
N THR A 1355 1.74 6.64 -39.83
CA THR A 1355 0.91 7.24 -38.80
C THR A 1355 1.39 8.66 -38.55
N ALA A 1356 0.47 9.60 -38.55
CA ALA A 1356 0.79 10.98 -38.22
C ALA A 1356 0.73 11.21 -36.71
N ILE A 1357 1.63 12.04 -36.21
CA ILE A 1357 1.58 12.54 -34.85
C ILE A 1357 1.63 14.06 -34.92
N GLU A 1358 0.55 14.71 -34.51
CA GLU A 1358 0.54 16.16 -34.35
C GLU A 1358 0.88 16.51 -32.92
N ILE A 1359 1.75 17.50 -32.74
CA ILE A 1359 2.17 17.94 -31.42
C ILE A 1359 1.78 19.40 -31.27
N LEU A 1360 0.88 19.69 -30.35
CA LEU A 1360 0.54 21.07 -30.03
C LEU A 1360 1.55 21.56 -29.01
N ALA A 1361 2.68 22.07 -29.49
CA ALA A 1361 3.67 22.69 -28.63
C ALA A 1361 3.15 24.07 -28.27
N TRP A 1362 2.40 24.16 -27.18
CA TRP A 1362 1.82 25.44 -26.80
C TRP A 1362 2.84 26.33 -26.12
N GLY A 1363 3.38 25.90 -25.00
CA GLY A 1363 4.37 26.72 -24.31
C GLY A 1363 5.03 25.95 -23.18
N LEU A 1364 6.02 26.60 -22.58
CA LEU A 1364 6.78 26.04 -21.48
C LEU A 1364 6.56 26.88 -20.22
N ARG A 1365 6.34 26.19 -19.11
CA ARG A 1365 6.03 26.81 -17.84
C ARG A 1365 7.05 26.38 -16.81
N ASN A 1366 7.35 27.30 -15.87
CA ASN A 1366 8.12 27.03 -14.65
C ASN A 1366 9.52 26.50 -14.95
N MET A 1367 10.15 27.03 -16.00
CA MET A 1367 11.48 26.58 -16.42
C MET A 1367 12.51 26.98 -15.37
N LYS A 1368 12.97 26.01 -14.60
CA LYS A 1368 14.00 26.27 -13.60
C LYS A 1368 15.35 26.46 -14.27
N ASN A 1369 16.27 27.10 -13.55
CA ASN A 1369 17.56 27.45 -14.13
C ASN A 1369 18.43 26.21 -14.29
N PHE A 1370 19.24 26.22 -15.36
CA PHE A 1370 20.14 25.14 -15.68
C PHE A 1370 21.55 25.68 -15.74
N GLN A 1371 22.45 25.08 -14.96
CA GLN A 1371 23.86 25.49 -14.82
C GLN A 1371 23.98 26.96 -14.41
N MET A 1372 23.11 27.37 -13.48
CA MET A 1372 23.01 28.74 -12.96
C MET A 1372 22.79 29.77 -14.05
N ALA A 1373 22.03 29.40 -15.09
CA ALA A 1373 21.62 30.31 -16.14
C ALA A 1373 20.16 30.04 -16.49
N SER A 1374 19.42 31.10 -16.72
CA SER A 1374 18.00 30.97 -17.02
C SER A 1374 17.81 30.37 -18.41
N ILE A 1375 16.66 29.70 -18.59
CA ILE A 1375 16.31 29.11 -19.87
C ILE A 1375 15.80 30.23 -20.77
N THR A 1376 16.69 30.83 -21.54
CA THR A 1376 16.33 32.02 -22.29
C THR A 1376 15.85 31.69 -23.71
N SER A 1377 16.42 30.66 -24.33
CA SER A 1377 16.10 30.34 -25.73
C SER A 1377 15.81 28.85 -25.89
N PRO A 1378 14.68 28.38 -25.36
CA PRO A 1378 14.39 26.94 -25.44
C PRO A 1378 13.78 26.55 -26.78
N SER A 1379 13.66 25.25 -26.98
CA SER A 1379 12.98 24.67 -28.12
C SER A 1379 12.51 23.27 -27.71
N LEU A 1380 11.59 22.71 -28.49
CA LEU A 1380 10.98 21.43 -28.16
C LEU A 1380 11.38 20.38 -29.19
N VAL A 1381 11.68 19.18 -28.73
CA VAL A 1381 12.02 18.05 -29.59
C VAL A 1381 11.13 16.88 -29.20
N VAL A 1382 10.37 16.35 -30.17
CA VAL A 1382 9.47 15.24 -29.94
C VAL A 1382 9.96 14.05 -30.75
N GLU A 1383 10.36 12.99 -30.06
CA GLU A 1383 10.91 11.78 -30.68
C GLU A 1383 9.95 10.62 -30.45
N CYS A 1384 9.65 9.89 -31.53
CA CYS A 1384 8.84 8.68 -31.43
C CYS A 1384 9.19 7.76 -32.59
N GLY A 1385 9.59 6.53 -32.25
CA GLY A 1385 9.88 5.52 -33.25
C GLY A 1385 11.06 5.84 -34.15
N GLY A 1386 12.09 6.49 -33.61
CA GLY A 1386 13.28 6.79 -34.36
C GLY A 1386 13.24 8.09 -35.14
N GLU A 1387 12.07 8.68 -35.33
CA GLU A 1387 11.94 9.97 -35.99
C GLU A 1387 11.78 11.07 -34.95
N ARG A 1388 12.24 12.27 -35.29
CA ARG A 1388 12.11 13.41 -34.39
C ARG A 1388 11.65 14.63 -35.17
N VAL A 1389 11.02 15.55 -34.45
CA VAL A 1389 10.59 16.84 -35.00
C VAL A 1389 10.98 17.91 -33.99
N GLU A 1390 11.50 19.02 -34.49
CA GLU A 1390 11.98 20.12 -33.65
C GLU A 1390 11.17 21.37 -33.94
N SER A 1391 10.71 22.03 -32.88
CA SER A 1391 9.93 23.24 -33.00
C SER A 1391 10.86 24.43 -33.31
N VAL A 1392 10.23 25.57 -33.58
CA VAL A 1392 10.99 26.80 -33.73
C VAL A 1392 11.54 27.22 -32.39
N VAL A 1393 12.69 27.89 -32.40
CA VAL A 1393 13.34 28.30 -31.16
C VAL A 1393 12.67 29.55 -30.64
N ILE A 1394 12.25 29.52 -29.38
CA ILE A 1394 11.75 30.71 -28.70
C ILE A 1394 12.92 31.68 -28.53
N LYS A 1395 12.75 32.91 -29.02
CA LYS A 1395 13.85 33.87 -28.96
C LYS A 1395 14.09 34.40 -27.55
N ASN A 1396 13.04 34.51 -26.74
CA ASN A 1396 13.17 34.96 -25.36
C ASN A 1396 12.00 34.36 -24.59
N LEU A 1397 12.28 33.53 -23.59
CA LEU A 1397 11.22 32.88 -22.85
C LEU A 1397 10.51 33.83 -21.90
N LYS A 1398 11.26 34.79 -21.33
CA LYS A 1398 10.64 35.77 -20.44
C LYS A 1398 9.68 36.68 -21.20
N LYS A 1399 10.02 37.04 -22.43
CA LYS A 1399 9.12 37.86 -23.24
C LYS A 1399 7.94 37.04 -23.75
N THR A 1400 8.20 36.03 -24.57
CA THR A 1400 7.16 35.13 -25.08
C THR A 1400 7.33 33.78 -24.39
N PRO A 1401 6.36 33.37 -23.57
CA PRO A 1401 6.41 32.05 -22.95
C PRO A 1401 5.86 30.94 -23.82
N ASN A 1402 5.38 31.25 -25.03
CA ASN A 1402 4.78 30.28 -25.92
C ASN A 1402 5.56 30.21 -27.22
N PHE A 1403 5.49 29.06 -27.86
CA PHE A 1403 6.15 28.88 -29.15
C PHE A 1403 5.43 29.71 -30.21
N PRO A 1404 6.17 30.41 -31.09
CA PRO A 1404 5.53 31.24 -32.12
C PRO A 1404 4.64 30.48 -33.10
N SER A 1405 5.04 29.27 -33.48
CA SER A 1405 4.18 28.38 -34.25
C SER A 1405 3.90 27.16 -33.40
N SER A 1406 2.62 26.93 -33.10
CA SER A 1406 2.24 26.00 -32.05
C SER A 1406 1.99 24.58 -32.55
N VAL A 1407 2.07 24.32 -33.85
CA VAL A 1407 1.73 23.02 -34.42
C VAL A 1407 2.97 22.39 -35.03
N LEU A 1408 3.30 21.18 -34.59
CA LEU A 1408 4.33 20.37 -35.18
C LEU A 1408 3.71 19.11 -35.78
N PHE A 1409 4.46 18.45 -36.66
CA PHE A 1409 3.93 17.35 -37.43
C PHE A 1409 5.06 16.46 -37.90
N MET A 1410 4.94 15.16 -37.65
CA MET A 1410 5.91 14.20 -38.15
C MET A 1410 5.16 12.95 -38.63
N LYS A 1411 5.76 12.26 -39.60
CA LYS A 1411 5.26 10.99 -40.08
C LYS A 1411 6.14 9.89 -39.52
N VAL A 1412 5.54 8.98 -38.75
CA VAL A 1412 6.27 7.93 -38.06
C VAL A 1412 5.64 6.60 -38.38
N PHE A 1413 6.43 5.54 -38.35
CA PHE A 1413 5.89 4.20 -38.47
C PHE A 1413 5.56 3.67 -37.08
N LEU A 1414 4.28 3.41 -36.83
CA LEU A 1414 3.81 3.02 -35.53
C LEU A 1414 3.05 1.69 -35.62
N PRO A 1415 3.12 0.86 -34.58
CA PRO A 1415 2.43 -0.44 -34.63
C PRO A 1415 0.92 -0.33 -34.72
N LYS A 1416 0.34 -1.27 -35.46
CA LYS A 1416 -1.12 -1.33 -35.60
C LYS A 1416 -1.78 -1.71 -34.28
N GLU A 1417 -1.19 -2.64 -33.55
CA GLU A 1417 -1.70 -3.05 -32.25
C GLU A 1417 -1.44 -1.94 -31.25
N GLU A 1418 -2.46 -1.60 -30.46
CA GLU A 1418 -2.34 -0.51 -29.50
C GLU A 1418 -1.51 -0.90 -28.29
N LEU A 1419 -1.31 -2.19 -28.07
CA LEU A 1419 -0.43 -2.64 -27.00
C LEU A 1419 1.02 -2.28 -27.28
N TYR A 1420 1.46 -2.45 -28.53
CA TYR A 1420 2.86 -2.33 -28.90
C TYR A 1420 3.32 -0.90 -29.15
N MET A 1421 2.55 0.10 -28.75
CA MET A 1421 2.83 1.47 -29.13
C MET A 1421 4.01 2.00 -28.33
N PRO A 1422 5.05 2.51 -28.98
CA PRO A 1422 6.23 3.01 -28.26
C PRO A 1422 5.91 4.32 -27.56
N PRO A 1423 6.66 4.66 -26.52
CA PRO A 1423 6.39 5.92 -25.80
C PRO A 1423 6.75 7.15 -26.63
N LEU A 1424 6.15 8.26 -26.24
CA LEU A 1424 6.38 9.55 -26.88
C LEU A 1424 7.35 10.33 -26.02
N VAL A 1425 8.51 10.65 -26.57
CA VAL A 1425 9.61 11.27 -25.84
C VAL A 1425 9.59 12.76 -26.12
N ILE A 1426 9.69 13.56 -25.07
CA ILE A 1426 9.76 15.02 -25.19
C ILE A 1426 11.04 15.49 -24.53
N LYS A 1427 11.83 16.28 -25.25
CA LYS A 1427 13.02 16.93 -24.70
C LYS A 1427 12.88 18.42 -24.92
N VAL A 1428 13.53 19.21 -24.08
CA VAL A 1428 13.63 20.65 -24.25
C VAL A 1428 15.10 21.02 -24.37
N ILE A 1429 15.47 21.66 -25.47
CA ILE A 1429 16.85 22.01 -25.77
C ILE A 1429 17.00 23.50 -25.67
N ASP A 1430 17.83 23.96 -24.73
CA ASP A 1430 18.11 25.38 -24.57
C ASP A 1430 19.29 25.74 -25.46
N HIS A 1431 19.11 26.76 -26.29
CA HIS A 1431 20.12 27.19 -27.24
C HIS A 1431 20.90 28.35 -26.64
N ARG A 1432 22.20 28.16 -26.47
CA ARG A 1432 23.02 29.14 -25.75
C ARG A 1432 24.21 29.59 -26.60
N GLN A 1433 25.14 30.30 -25.96
CA GLN A 1433 26.30 30.82 -26.65
C GLN A 1433 27.27 29.70 -27.00
N PHE A 1434 28.15 29.99 -27.96
CA PHE A 1434 29.14 29.08 -28.54
C PHE A 1434 28.51 27.83 -29.17
N GLY A 1435 27.27 27.94 -29.62
CA GLY A 1435 26.60 26.81 -30.26
C GLY A 1435 26.25 25.66 -29.35
N ARG A 1436 26.25 25.86 -28.03
CA ARG A 1436 25.96 24.78 -27.12
C ARG A 1436 24.45 24.57 -26.99
N LYS A 1437 24.03 23.31 -27.06
CA LYS A 1437 22.61 22.94 -27.01
C LYS A 1437 22.40 21.83 -26.00
N PRO A 1438 22.39 22.13 -24.70
CA PRO A 1438 22.13 21.09 -23.71
C PRO A 1438 20.65 20.76 -23.59
N VAL A 1439 20.36 19.63 -22.96
CA VAL A 1439 19.00 19.21 -22.67
C VAL A 1439 18.66 19.65 -21.25
N VAL A 1440 17.60 20.45 -21.11
CA VAL A 1440 17.23 21.01 -19.81
C VAL A 1440 15.93 20.42 -19.28
N GLY A 1441 15.41 19.36 -19.89
CA GLY A 1441 14.21 18.73 -19.39
C GLY A 1441 13.70 17.62 -20.30
N GLN A 1442 13.12 16.58 -19.70
CA GLN A 1442 12.60 15.46 -20.49
C GLN A 1442 11.44 14.81 -19.75
N CYS A 1443 10.46 14.36 -20.53
CA CYS A 1443 9.37 13.57 -19.98
C CYS A 1443 9.10 12.40 -20.90
N THR A 1444 8.61 11.32 -20.31
CA THR A 1444 8.23 10.11 -21.05
C THR A 1444 6.73 9.91 -20.90
N ILE A 1445 6.03 9.94 -22.01
CA ILE A 1445 4.57 9.81 -22.04
C ILE A 1445 4.29 8.46 -22.69
N GLU A 1446 3.97 7.46 -21.88
CA GLU A 1446 3.77 6.12 -22.43
C GLU A 1446 2.30 5.79 -22.68
N ARG A 1447 1.37 6.54 -22.09
CA ARG A 1447 -0.05 6.28 -22.25
C ARG A 1447 -0.61 7.19 -23.34
N LEU A 1448 -0.50 6.72 -24.58
CA LEU A 1448 -0.97 7.47 -25.74
C LEU A 1448 -2.33 7.01 -26.25
N ASP A 1449 -3.05 6.19 -25.50
CA ASP A 1449 -4.39 5.78 -25.93
C ASP A 1449 -5.38 6.94 -25.85
N ARG A 1450 -5.12 7.90 -24.95
CA ARG A 1450 -5.96 9.08 -24.86
C ARG A 1450 -5.75 10.04 -26.01
N PHE A 1451 -4.63 9.95 -26.73
CA PHE A 1451 -4.31 10.89 -27.80
C PHE A 1451 -4.74 10.42 -29.17
N ARG A 1452 -5.12 9.16 -29.33
CA ARG A 1452 -5.53 8.67 -30.64
C ARG A 1452 -6.95 9.13 -30.95
N CYS A 1453 -7.15 9.62 -32.17
CA CYS A 1453 -8.45 10.13 -32.57
C CYS A 1453 -8.68 9.81 -34.04
N ASP A 1454 -9.95 9.69 -34.40
CA ASP A 1454 -10.33 9.57 -35.80
C ASP A 1454 -10.37 10.98 -36.39
N PRO A 1455 -9.56 11.28 -37.41
CA PRO A 1455 -9.48 12.65 -37.91
C PRO A 1455 -10.71 13.11 -38.68
N TYR A 1456 -11.58 12.20 -39.11
CA TYR A 1456 -12.78 12.57 -39.85
C TYR A 1456 -14.00 12.73 -38.95
N ALA A 1457 -13.86 12.59 -37.64
CA ALA A 1457 -14.97 12.75 -36.73
C ALA A 1457 -15.33 14.22 -36.55
N GLU A 1500 -33.43 36.57 5.54
CA GLU A 1500 -34.53 37.24 4.86
C GLU A 1500 -34.01 38.41 4.04
N ILE A 1501 -32.87 38.97 4.47
CA ILE A 1501 -32.22 40.03 3.72
C ILE A 1501 -31.59 39.45 2.46
N VAL A 1502 -31.52 40.25 1.40
CA VAL A 1502 -31.08 39.77 0.09
C VAL A 1502 -29.63 40.20 -0.11
N ASP A 1503 -28.73 39.22 -0.07
CA ASP A 1503 -27.35 39.42 -0.51
C ASP A 1503 -26.82 38.09 -1.05
N TRP A 1504 -25.50 38.01 -1.17
CA TRP A 1504 -24.88 36.80 -1.72
C TRP A 1504 -24.99 35.62 -0.76
N TRP A 1505 -24.97 35.88 0.55
CA TRP A 1505 -24.98 34.80 1.52
C TRP A 1505 -26.32 34.10 1.57
N SER A 1506 -27.41 34.79 1.23
CA SER A 1506 -28.70 34.13 1.08
C SER A 1506 -28.68 33.13 -0.07
N LYS A 1507 -28.03 33.50 -1.18
CA LYS A 1507 -27.86 32.58 -2.30
C LYS A 1507 -27.00 31.38 -1.90
N PHE A 1508 -25.92 31.64 -1.15
CA PHE A 1508 -25.04 30.55 -0.71
C PHE A 1508 -25.75 29.60 0.25
N TYR A 1509 -26.52 30.14 1.19
CA TYR A 1509 -27.21 29.29 2.14
C TYR A 1509 -28.41 28.59 1.52
N ALA A 1510 -28.99 29.18 0.48
CA ALA A 1510 -30.04 28.50 -0.26
C ALA A 1510 -29.48 27.34 -1.07
N SER A 1511 -28.28 27.51 -1.63
CA SER A 1511 -27.66 26.42 -2.36
C SER A 1511 -27.15 25.32 -1.44
N SER A 1512 -26.59 25.68 -0.29
CA SER A 1512 -26.06 24.68 0.64
C SER A 1512 -27.18 23.92 1.34
N GLY A 1513 -28.26 24.61 1.70
CA GLY A 1513 -29.35 24.01 2.43
C GLY A 1513 -29.36 24.25 3.92
N GLU A 1514 -28.52 25.15 4.41
CA GLU A 1514 -28.40 25.38 5.84
C GLU A 1514 -29.49 26.32 6.34
N GLY A 1519 -40.26 31.65 4.85
CA GLY A 1519 -39.56 32.77 4.26
C GLY A 1519 -38.21 32.39 3.68
N GLN A 1520 -38.19 31.32 2.89
CA GLN A 1520 -36.95 30.85 2.29
C GLN A 1520 -36.57 31.74 1.11
N TYR A 1521 -35.31 31.63 0.68
CA TYR A 1521 -34.79 32.54 -0.33
C TYR A 1521 -35.29 32.17 -1.73
N ILE A 1522 -35.66 30.90 -1.93
CA ILE A 1522 -36.12 30.46 -3.24
C ILE A 1522 -37.56 30.91 -3.48
N GLN A 1523 -38.28 31.24 -2.40
CA GLN A 1523 -39.66 31.71 -2.54
C GLN A 1523 -39.73 33.09 -3.18
N LYS A 1524 -38.64 33.86 -3.14
CA LYS A 1524 -38.59 35.15 -3.81
C LYS A 1524 -38.21 35.02 -5.29
N GLY A 1525 -37.94 33.82 -5.78
CA GLY A 1525 -37.65 33.59 -7.17
C GLY A 1525 -36.19 33.79 -7.57
N TYR A 1526 -35.30 34.01 -6.61
CA TYR A 1526 -33.90 34.24 -6.94
C TYR A 1526 -33.20 32.92 -7.26
N SER A 1527 -31.98 33.03 -7.79
CA SER A 1527 -31.27 31.87 -8.32
C SER A 1527 -30.38 31.24 -7.27
N LYS A 1528 -29.67 30.19 -7.68
CA LYS A 1528 -28.76 29.45 -6.83
C LYS A 1528 -27.34 29.49 -7.42
N LEU A 1529 -26.46 28.72 -6.79
CA LEU A 1529 -25.12 28.44 -7.30
C LEU A 1529 -24.81 26.98 -7.05
N LYS A 1530 -23.79 26.46 -7.73
CA LYS A 1530 -23.44 25.05 -7.67
C LYS A 1530 -22.24 24.88 -6.73
N ILE A 1531 -22.49 24.36 -5.54
CA ILE A 1531 -21.40 24.07 -4.61
C ILE A 1531 -20.77 22.74 -4.99
N TYR A 1532 -19.49 22.78 -5.33
CA TYR A 1532 -18.73 21.57 -5.62
C TYR A 1532 -18.03 21.12 -4.35
N ASN A 1533 -18.06 19.82 -4.08
CA ASN A 1533 -17.39 19.27 -2.90
C ASN A 1533 -15.91 19.00 -3.15
N CYS A 1534 -15.43 19.26 -4.36
CA CYS A 1534 -14.02 19.11 -4.69
C CYS A 1534 -13.60 20.32 -5.51
N GLU A 1535 -12.39 20.24 -6.07
CA GLU A 1535 -11.89 21.31 -6.93
C GLU A 1535 -12.64 21.31 -8.25
N LEU A 1536 -12.57 22.44 -8.95
CA LEU A 1536 -13.16 22.53 -10.29
C LEU A 1536 -12.41 21.65 -11.29
N GLU A 1537 -11.11 21.47 -11.09
CA GLU A 1537 -10.36 20.53 -11.91
C GLU A 1537 -10.67 19.08 -11.54
N ASN A 1538 -11.12 18.81 -10.33
CA ASN A 1538 -11.45 17.45 -9.93
C ASN A 1538 -12.87 17.06 -10.27
N VAL A 1539 -13.67 17.98 -10.80
CA VAL A 1539 -14.98 17.60 -11.33
C VAL A 1539 -14.76 16.87 -12.64
N ALA A 1540 -15.36 15.69 -12.77
CA ALA A 1540 -15.09 14.83 -13.92
C ALA A 1540 -15.71 15.33 -15.20
N GLU A 1541 -16.68 16.24 -15.14
CA GLU A 1541 -17.36 16.65 -16.36
C GLU A 1541 -16.50 17.63 -17.15
N PHE A 1542 -15.65 18.41 -16.49
CA PHE A 1542 -14.83 19.43 -17.14
C PHE A 1542 -13.46 18.90 -17.58
N GLU A 1543 -13.22 17.59 -17.43
CA GLU A 1543 -12.03 16.89 -17.93
C GLU A 1543 -10.73 17.41 -17.33
N GLY A 1544 -10.79 17.94 -16.10
CA GLY A 1544 -9.60 18.48 -15.48
C GLY A 1544 -9.21 19.87 -15.94
N LEU A 1545 -10.06 20.51 -16.75
CA LEU A 1545 -9.80 21.82 -17.37
C LEU A 1545 -8.52 21.81 -18.22
N THR A 1546 -8.23 20.65 -18.81
CA THR A 1546 -7.12 20.50 -19.73
C THR A 1546 -7.57 20.02 -21.11
N ASP A 1547 -8.77 20.41 -21.53
CA ASP A 1547 -9.29 19.97 -22.82
C ASP A 1547 -8.57 20.67 -23.96
N PHE A 1548 -8.03 21.87 -23.72
CA PHE A 1548 -7.23 22.54 -24.74
C PHE A 1548 -5.85 21.89 -24.86
N SER A 1549 -5.16 21.74 -23.73
CA SER A 1549 -3.83 21.13 -23.72
C SER A 1549 -3.57 20.56 -22.33
N ASP A 1550 -3.05 19.34 -22.29
CA ASP A 1550 -2.67 18.71 -21.03
C ASP A 1550 -1.35 19.27 -20.54
N THR A 1551 -0.87 18.80 -19.40
CA THR A 1551 0.41 19.29 -18.88
C THR A 1551 1.23 18.10 -18.42
N PHE A 1552 2.47 18.01 -18.90
CA PHE A 1552 3.38 16.94 -18.57
C PHE A 1552 4.60 17.52 -17.86
N LYS A 1553 4.89 17.03 -16.66
CA LYS A 1553 6.02 17.54 -15.90
C LYS A 1553 7.33 17.09 -16.53
N LEU A 1554 8.28 18.01 -16.61
CA LEU A 1554 9.60 17.71 -17.17
C LEU A 1554 10.59 17.47 -16.04
N TYR A 1555 11.51 16.54 -16.27
CA TYR A 1555 12.46 16.10 -15.25
C TYR A 1555 13.87 16.30 -15.76
N ARG A 1556 14.82 16.35 -14.82
CA ARG A 1556 16.22 16.56 -15.18
C ARG A 1556 17.12 15.82 -14.21
N GLY A 1557 18.24 15.32 -14.73
CA GLY A 1557 19.28 14.76 -13.91
C GLY A 1557 19.00 13.33 -13.48
N LYS A 1558 19.97 12.78 -12.75
CA LYS A 1558 19.86 11.43 -12.23
C LYS A 1558 18.82 11.35 -11.13
N SER A 1559 17.97 10.34 -11.20
CA SER A 1559 16.93 10.10 -10.20
C SER A 1559 17.52 9.26 -9.08
N ASP A 1560 17.22 9.65 -7.84
CA ASP A 1560 17.74 8.97 -6.66
C ASP A 1560 16.62 8.22 -5.96
N GLU A 1561 16.98 7.05 -5.40
CA GLU A 1561 16.08 6.13 -4.70
C GLU A 1561 14.92 5.65 -5.59
N ASN A 1562 15.19 5.52 -6.89
CA ASN A 1562 14.30 4.93 -7.90
C ASN A 1562 12.95 5.64 -8.02
N GLU A 1563 12.88 6.93 -7.68
CA GLU A 1563 11.65 7.69 -7.85
C GLU A 1563 11.79 8.55 -9.11
N ASP A 1564 10.82 9.44 -9.33
CA ASP A 1564 10.91 10.40 -10.41
C ASP A 1564 12.01 11.41 -10.11
N PRO A 1565 12.70 11.94 -11.14
CA PRO A 1565 13.74 12.94 -10.89
C PRO A 1565 13.18 14.30 -10.52
N SER A 1566 14.06 15.29 -10.38
CA SER A 1566 13.63 16.62 -9.97
C SER A 1566 12.85 17.31 -11.08
N VAL A 1567 11.69 17.84 -10.74
CA VAL A 1567 10.84 18.51 -11.71
C VAL A 1567 11.39 19.90 -11.97
N VAL A 1568 11.86 20.12 -13.20
CA VAL A 1568 12.41 21.40 -13.60
C VAL A 1568 11.47 22.21 -14.48
N GLY A 1569 10.19 21.85 -14.51
CA GLY A 1569 9.24 22.63 -15.28
C GLY A 1569 8.09 21.75 -15.74
N GLU A 1570 7.32 22.31 -16.68
CA GLU A 1570 6.11 21.69 -17.20
C GLU A 1570 5.95 22.09 -18.65
N PHE A 1571 5.77 21.11 -19.52
CA PHE A 1571 5.43 21.37 -20.92
C PHE A 1571 3.92 21.30 -21.05
N LYS A 1572 3.33 22.32 -21.68
CA LYS A 1572 1.89 22.38 -21.87
C LYS A 1572 1.58 22.03 -23.32
N GLY A 1573 0.87 20.94 -23.53
CA GLY A 1573 0.49 20.55 -24.86
C GLY A 1573 -0.32 19.27 -24.87
N SER A 1574 -0.77 18.91 -26.07
CA SER A 1574 -1.53 17.70 -26.28
C SER A 1574 -1.26 17.21 -27.70
N PHE A 1575 -1.59 15.95 -27.95
CA PHE A 1575 -1.25 15.29 -29.20
C PHE A 1575 -2.46 14.62 -29.80
N ARG A 1576 -2.46 14.52 -31.13
CA ARG A 1576 -3.51 13.85 -31.89
C ARG A 1576 -2.86 12.88 -32.84
N ILE A 1577 -3.08 11.59 -32.62
CA ILE A 1577 -2.43 10.52 -33.36
C ILE A 1577 -3.48 9.82 -34.21
N TYR A 1578 -3.19 9.67 -35.49
CA TYR A 1578 -4.14 9.07 -36.41
C TYR A 1578 -3.37 8.43 -37.56
N PRO A 1579 -3.81 7.27 -38.05
CA PRO A 1579 -3.07 6.60 -39.13
C PRO A 1579 -3.24 7.35 -40.45
N LEU A 1580 -2.12 7.52 -41.16
CA LEU A 1580 -2.11 8.12 -42.48
C LEU A 1580 -2.45 7.09 -43.55
N PRO A 1581 -2.95 7.54 -44.71
CA PRO A 1581 -3.00 6.64 -45.87
C PRO A 1581 -1.61 6.28 -46.36
N ASP A 1582 -1.52 5.11 -46.99
CA ASP A 1582 -0.23 4.53 -47.35
C ASP A 1582 0.46 5.26 -48.49
N ASP A 1583 -0.28 5.71 -49.50
CA ASP A 1583 0.32 6.25 -50.71
C ASP A 1583 -0.26 7.63 -50.96
N PRO A 1584 0.50 8.55 -51.57
CA PRO A 1584 0.07 9.96 -51.61
C PRO A 1584 -1.07 10.28 -52.58
N SER A 1585 -1.61 9.30 -53.33
CA SER A 1585 -2.76 9.62 -54.18
C SER A 1585 -4.02 9.85 -53.35
N VAL A 1586 -4.15 9.19 -52.21
CA VAL A 1586 -5.21 9.45 -51.26
C VAL A 1586 -4.90 10.77 -50.56
N PRO A 1587 -5.85 11.70 -50.46
CA PRO A 1587 -5.58 12.98 -49.79
C PRO A 1587 -5.34 12.80 -48.30
N ALA A 1588 -4.55 13.71 -47.74
CA ALA A 1588 -4.18 13.64 -46.34
C ALA A 1588 -5.39 13.92 -45.44
N PRO A 1589 -5.42 13.35 -44.23
CA PRO A 1589 -6.50 13.68 -43.28
C PRO A 1589 -6.39 15.12 -42.83
N PRO A 1590 -7.51 15.74 -42.44
CA PRO A 1590 -7.47 17.14 -41.99
C PRO A 1590 -6.72 17.28 -40.67
N ARG A 1591 -6.09 18.44 -40.49
CA ARG A 1591 -5.32 18.70 -39.28
C ARG A 1591 -6.25 18.89 -38.10
N GLN A 1592 -5.76 18.59 -36.90
CA GLN A 1592 -6.58 18.59 -35.70
C GLN A 1592 -6.43 19.86 -34.87
N PHE A 1593 -5.56 20.78 -35.25
CA PHE A 1593 -5.32 22.00 -34.49
C PHE A 1593 -5.49 23.20 -35.42
N ARG A 1594 -6.71 23.76 -35.45
CA ARG A 1594 -7.02 24.88 -36.34
C ARG A 1594 -7.60 26.06 -35.58
N GLU A 1595 -8.29 25.79 -34.48
CA GLU A 1595 -9.01 26.83 -33.75
C GLU A 1595 -8.23 27.33 -32.55
N LEU A 1596 -6.91 27.45 -32.72
CA LEU A 1596 -6.04 27.87 -31.62
C LEU A 1596 -6.26 29.34 -31.30
N PRO A 1597 -6.21 29.71 -30.01
CA PRO A 1597 -6.22 31.13 -29.66
C PRO A 1597 -4.84 31.75 -29.85
N ASP A 1598 -4.76 33.05 -29.58
CA ASP A 1598 -3.52 33.78 -29.77
C ASP A 1598 -2.59 33.47 -28.60
N SER A 1599 -1.35 33.12 -28.92
CA SER A 1599 -0.37 32.68 -27.93
C SER A 1599 0.40 33.83 -27.29
N VAL A 1600 0.05 35.08 -27.56
CA VAL A 1600 0.73 36.22 -26.96
C VAL A 1600 0.30 36.33 -25.50
N PRO A 1601 1.11 36.91 -24.62
CA PRO A 1601 0.66 37.15 -23.24
C PRO A 1601 -0.47 38.17 -23.18
N GLN A 1602 -1.37 37.97 -22.23
CA GLN A 1602 -2.50 38.87 -22.01
C GLN A 1602 -2.51 39.29 -20.55
N GLU A 1603 -2.88 40.55 -20.30
CA GLU A 1603 -3.07 41.03 -18.94
C GLU A 1603 -4.49 40.72 -18.49
N CYS A 1604 -4.63 40.17 -17.29
CA CYS A 1604 -5.90 39.69 -16.78
C CYS A 1604 -6.17 40.28 -15.40
N THR A 1605 -7.42 40.66 -15.17
CA THR A 1605 -7.89 41.03 -13.84
C THR A 1605 -8.48 39.80 -13.16
N VAL A 1606 -7.81 39.32 -12.12
CA VAL A 1606 -8.17 38.09 -11.44
C VAL A 1606 -8.80 38.43 -10.10
N ARG A 1607 -10.06 38.06 -9.93
CA ARG A 1607 -10.81 38.32 -8.71
C ARG A 1607 -10.98 37.01 -7.95
N ILE A 1608 -10.30 36.88 -6.82
CA ILE A 1608 -10.36 35.69 -6.00
C ILE A 1608 -11.32 35.94 -4.84
N TYR A 1609 -12.52 35.41 -4.96
CA TYR A 1609 -13.51 35.47 -3.90
C TYR A 1609 -13.30 34.24 -3.01
N ILE A 1610 -12.87 34.46 -1.78
CA ILE A 1610 -12.67 33.38 -0.82
C ILE A 1610 -13.80 33.44 0.19
N VAL A 1611 -14.60 32.36 0.24
CA VAL A 1611 -15.84 32.35 0.99
C VAL A 1611 -15.56 32.00 2.46
N ARG A 1612 -15.10 30.77 2.69
CA ARG A 1612 -14.89 30.29 4.05
C ARG A 1612 -13.93 29.11 4.04
N GLY A 1613 -13.30 28.87 5.19
CA GLY A 1613 -12.49 27.68 5.36
C GLY A 1613 -13.24 26.64 6.19
N LEU A 1614 -12.93 25.37 5.94
CA LEU A 1614 -13.65 24.26 6.55
C LEU A 1614 -12.67 23.26 7.13
N GLU A 1615 -12.69 23.13 8.45
CA GLU A 1615 -11.95 22.10 9.22
C GLU A 1615 -10.45 22.15 8.96
N LEU A 1616 -9.86 23.30 9.30
CA LEU A 1616 -8.43 23.50 9.11
C LEU A 1616 -7.64 22.69 10.13
N GLN A 1617 -6.36 22.49 9.83
CA GLN A 1617 -5.46 21.86 10.79
C GLN A 1617 -5.12 22.86 11.89
N PRO A 1618 -5.22 22.47 13.16
CA PRO A 1618 -4.88 23.41 14.24
C PRO A 1618 -3.38 23.67 14.29
N GLN A 1619 -3.01 24.95 14.42
CA GLN A 1619 -1.62 25.36 14.45
C GLN A 1619 -1.27 26.17 15.69
N ASP A 1620 -2.06 26.08 16.76
CA ASP A 1620 -1.78 26.78 17.99
C ASP A 1620 -1.79 25.80 19.15
N ASN A 1621 -1.47 26.31 20.34
CA ASN A 1621 -1.43 25.47 21.53
C ASN A 1621 -2.84 25.12 22.02
N ASN A 1622 -3.81 26.00 21.75
CA ASN A 1622 -5.18 25.79 22.21
C ASN A 1622 -6.01 24.94 21.26
N GLY A 1623 -5.41 24.40 20.20
CA GLY A 1623 -6.14 23.60 19.25
C GLY A 1623 -6.91 24.37 18.21
N LEU A 1624 -6.60 25.65 18.03
CA LEU A 1624 -7.27 26.51 17.08
C LEU A 1624 -6.25 27.15 16.13
N CYS A 1625 -6.68 28.15 15.38
CA CYS A 1625 -5.87 28.78 14.36
C CYS A 1625 -6.39 30.19 14.14
N ASP A 1626 -5.49 31.11 13.81
CA ASP A 1626 -5.84 32.50 13.50
C ASP A 1626 -5.63 32.76 12.01
N PRO A 1627 -6.48 32.24 11.13
CA PRO A 1627 -6.11 32.19 9.71
C PRO A 1627 -6.22 33.53 9.01
N TYR A 1628 -5.36 33.72 8.02
CA TYR A 1628 -5.46 34.81 7.07
C TYR A 1628 -5.02 34.27 5.71
N ILE A 1629 -5.15 35.10 4.69
CA ILE A 1629 -4.94 34.64 3.32
C ILE A 1629 -3.68 35.30 2.76
N LYS A 1630 -2.74 34.47 2.33
CA LYS A 1630 -1.55 34.91 1.61
C LYS A 1630 -1.59 34.33 0.20
N ILE A 1631 -1.73 35.21 -0.79
CA ILE A 1631 -1.84 34.82 -2.19
C ILE A 1631 -0.55 35.22 -2.89
N THR A 1632 0.11 34.25 -3.52
CA THR A 1632 1.23 34.54 -4.42
C THR A 1632 0.77 34.27 -5.85
N LEU A 1633 1.00 35.24 -6.72
CA LEU A 1633 0.59 35.14 -8.11
C LEU A 1633 1.76 35.66 -8.95
N GLY A 1634 2.68 34.77 -9.30
CA GLY A 1634 3.88 35.20 -9.98
C GLY A 1634 4.77 35.98 -9.04
N LYS A 1635 4.84 37.30 -9.26
CA LYS A 1635 5.69 38.15 -8.43
C LYS A 1635 4.89 38.81 -7.31
N LYS A 1636 3.63 39.15 -7.55
CA LYS A 1636 2.82 39.89 -6.60
C LYS A 1636 2.37 38.99 -5.45
N VAL A 1637 2.54 39.51 -4.23
CA VAL A 1637 2.10 38.82 -3.02
C VAL A 1637 1.15 39.74 -2.26
N ILE A 1638 -0.05 39.22 -1.97
CA ILE A 1638 -1.04 39.92 -1.16
C ILE A 1638 -1.28 39.05 0.08
N GLU A 1639 -0.67 39.41 1.19
CA GLU A 1639 -0.92 38.74 2.47
C GLU A 1639 -1.88 39.61 3.27
N ASP A 1640 -2.65 38.98 4.16
CA ASP A 1640 -3.67 39.67 4.93
C ASP A 1640 -3.49 39.51 6.43
N ARG A 1641 -2.26 39.65 6.92
CA ARG A 1641 -1.95 39.38 8.33
C ARG A 1641 -2.60 40.39 9.26
N ASP A 1642 -2.89 41.59 8.76
CA ASP A 1642 -3.57 42.62 9.55
C ASP A 1642 -5.09 42.49 9.53
N HIS A 1643 -5.64 41.59 8.72
CA HIS A 1643 -7.08 41.34 8.68
C HIS A 1643 -7.37 39.86 8.91
N TYR A 1644 -6.62 39.25 9.82
CA TYR A 1644 -6.82 37.85 10.16
C TYR A 1644 -8.13 37.68 10.96
N ILE A 1645 -8.65 36.47 10.92
CA ILE A 1645 -9.83 36.09 11.70
C ILE A 1645 -9.35 35.40 12.96
N PRO A 1646 -9.74 35.86 14.14
CA PRO A 1646 -9.19 35.28 15.37
C PRO A 1646 -9.76 33.90 15.68
N ASN A 1647 -8.87 33.01 16.13
CA ASN A 1647 -9.04 31.73 16.84
C ASN A 1647 -10.30 30.93 16.50
N THR A 1648 -10.43 30.54 15.23
CA THR A 1648 -11.45 29.58 14.81
C THR A 1648 -10.83 28.61 13.82
N LEU A 1649 -11.35 27.38 13.81
CA LEU A 1649 -10.97 26.38 12.82
C LEU A 1649 -11.91 26.38 11.61
N ASN A 1650 -12.99 27.14 11.67
CA ASN A 1650 -13.91 27.30 10.54
C ASN A 1650 -14.09 28.78 10.25
N PRO A 1651 -13.11 29.41 9.60
CA PRO A 1651 -13.18 30.85 9.36
C PRO A 1651 -14.21 31.18 8.29
N VAL A 1652 -14.79 32.38 8.38
CA VAL A 1652 -15.67 32.90 7.34
C VAL A 1652 -14.96 34.14 6.80
N PHE A 1653 -14.18 33.95 5.73
CA PHE A 1653 -13.36 35.03 5.20
C PHE A 1653 -14.21 36.10 4.53
N GLY A 1654 -14.89 35.73 3.45
CA GLY A 1654 -15.77 36.64 2.73
C GLY A 1654 -15.09 37.85 2.13
N ARG A 1655 -13.91 37.66 1.55
CA ARG A 1655 -13.10 38.76 1.09
C ARG A 1655 -12.63 38.48 -0.33
N MET A 1656 -12.67 39.52 -1.16
CA MET A 1656 -12.21 39.42 -2.54
C MET A 1656 -10.84 40.08 -2.68
N TYR A 1657 -9.91 39.38 -3.30
CA TYR A 1657 -8.56 39.89 -3.58
C TYR A 1657 -8.39 39.99 -5.08
N GLU A 1658 -8.23 41.22 -5.57
CA GLU A 1658 -8.14 41.49 -7.00
C GLU A 1658 -6.69 41.80 -7.37
N LEU A 1659 -6.21 41.13 -8.41
CA LEU A 1659 -4.82 41.27 -8.87
C LEU A 1659 -4.81 41.50 -10.37
N SER A 1660 -3.72 42.09 -10.86
CA SER A 1660 -3.49 42.25 -12.29
C SER A 1660 -2.21 41.51 -12.64
N CYS A 1661 -2.35 40.35 -13.30
CA CYS A 1661 -1.21 39.51 -13.64
C CYS A 1661 -1.17 39.30 -15.14
N TYR A 1662 -0.04 38.80 -15.62
CA TYR A 1662 0.14 38.51 -17.04
C TYR A 1662 0.13 37.00 -17.25
N LEU A 1663 -0.97 36.49 -17.79
CA LEU A 1663 -1.01 35.09 -18.18
C LEU A 1663 -0.29 34.89 -19.51
N PRO A 1664 0.45 33.80 -19.70
CA PRO A 1664 0.69 32.68 -18.78
C PRO A 1664 2.03 32.73 -18.06
N GLN A 1665 2.69 33.89 -17.97
CA GLN A 1665 3.93 33.98 -17.21
C GLN A 1665 3.67 33.81 -15.72
N GLU A 1666 2.51 34.26 -15.26
CA GLU A 1666 2.09 34.17 -13.87
C GLU A 1666 0.86 33.28 -13.70
N LYS A 1667 0.86 32.10 -14.33
CA LYS A 1667 -0.34 31.26 -14.34
C LYS A 1667 -0.57 30.57 -13.00
N ASP A 1668 0.46 30.44 -12.18
CA ASP A 1668 0.37 29.60 -10.98
C ASP A 1668 -0.17 30.43 -9.84
N LEU A 1669 -1.49 30.36 -9.65
CA LEU A 1669 -2.12 31.08 -8.56
C LEU A 1669 -2.08 30.22 -7.29
N LYS A 1670 -1.31 30.67 -6.31
CA LYS A 1670 -1.08 29.93 -5.08
C LYS A 1670 -1.83 30.62 -3.95
N ILE A 1671 -2.88 29.97 -3.45
CA ILE A 1671 -3.66 30.47 -2.32
C ILE A 1671 -3.27 29.67 -1.10
N SER A 1672 -2.72 30.35 -0.10
CA SER A 1672 -2.26 29.71 1.13
C SER A 1672 -2.97 30.32 2.31
N VAL A 1673 -3.40 29.46 3.22
CA VAL A 1673 -3.96 29.88 4.50
C VAL A 1673 -2.85 29.80 5.54
N TYR A 1674 -2.63 30.89 6.27
CA TYR A 1674 -1.54 30.97 7.23
C TYR A 1674 -2.08 31.31 8.61
N ASP A 1675 -1.52 30.66 9.63
CA ASP A 1675 -1.91 30.88 11.01
C ASP A 1675 -1.09 32.03 11.57
N TYR A 1676 -1.76 33.14 11.88
CA TYR A 1676 -1.10 34.27 12.52
C TYR A 1676 -0.71 33.94 13.94
N ASP A 1677 0.46 34.40 14.36
CA ASP A 1677 0.92 34.28 15.73
C ASP A 1677 1.38 35.64 16.22
N THR A 1678 1.22 35.89 17.52
CA THR A 1678 1.51 37.22 18.06
C THR A 1678 3.01 37.48 18.14
N PHE A 1679 3.79 36.46 18.51
CA PHE A 1679 5.22 36.66 18.73
C PHE A 1679 6.06 35.70 17.89
N THR A 1680 5.59 34.47 17.72
CA THR A 1680 6.39 33.46 17.06
C THR A 1680 6.18 33.49 15.55
N ARG A 1681 6.78 32.50 14.87
CA ARG A 1681 6.65 32.38 13.42
C ARG A 1681 5.24 31.90 13.05
N ASP A 1682 4.84 32.17 11.82
CA ASP A 1682 3.51 31.82 11.35
C ASP A 1682 3.54 30.47 10.64
N GLU A 1683 2.71 29.55 11.11
CA GLU A 1683 2.63 28.23 10.49
C GLU A 1683 1.79 28.30 9.22
N LYS A 1684 2.04 27.39 8.29
CA LYS A 1684 1.20 27.30 7.10
C LYS A 1684 0.15 26.21 7.29
N VAL A 1685 -1.12 26.60 7.26
CA VAL A 1685 -2.21 25.63 7.35
C VAL A 1685 -2.27 24.77 6.09
N GLY A 1686 -2.23 25.42 4.94
CA GLY A 1686 -2.39 24.69 3.70
C GLY A 1686 -2.04 25.57 2.51
N GLU A 1687 -2.29 25.01 1.33
CA GLU A 1687 -1.76 25.53 0.08
C GLU A 1687 -2.48 24.86 -1.08
N THR A 1688 -2.80 25.64 -2.10
CA THR A 1688 -3.44 25.10 -3.29
C THR A 1688 -2.98 25.86 -4.53
N ILE A 1689 -3.04 25.20 -5.67
CA ILE A 1689 -2.59 25.75 -6.94
C ILE A 1689 -3.75 25.73 -7.93
N ILE A 1690 -4.06 26.89 -8.51
CA ILE A 1690 -5.02 27.01 -9.58
C ILE A 1690 -4.28 27.45 -10.83
N ASP A 1691 -4.36 26.65 -11.89
CA ASP A 1691 -3.81 27.01 -13.18
C ASP A 1691 -4.77 28.02 -13.81
N LEU A 1692 -4.41 29.30 -13.74
CA LEU A 1692 -5.27 30.35 -14.29
C LEU A 1692 -5.33 30.32 -15.80
N GLU A 1693 -4.29 29.80 -16.46
CA GLU A 1693 -4.36 29.64 -17.91
C GLU A 1693 -5.31 28.51 -18.28
N ASN A 1694 -5.43 27.50 -17.44
CA ASN A 1694 -6.46 26.48 -17.64
C ASN A 1694 -7.85 27.06 -17.46
N ARG A 1695 -8.00 28.02 -16.54
CA ARG A 1695 -9.27 28.72 -16.40
C ARG A 1695 -9.56 29.59 -17.61
N PHE A 1696 -8.53 30.17 -18.21
CA PHE A 1696 -8.73 31.10 -19.32
C PHE A 1696 -9.05 30.30 -20.58
N LEU A 1697 -8.26 29.25 -20.87
CA LEU A 1697 -8.22 28.65 -22.20
C LEU A 1697 -9.12 27.45 -22.39
N SER A 1698 -9.76 26.95 -21.33
CA SER A 1698 -10.65 25.82 -21.48
C SER A 1698 -11.92 26.23 -22.21
N ARG A 1699 -12.55 25.25 -22.86
CA ARG A 1699 -13.78 25.51 -23.61
C ARG A 1699 -14.99 25.66 -22.72
N PHE A 1700 -14.89 25.30 -21.45
CA PHE A 1700 -16.02 25.27 -20.56
C PHE A 1700 -16.34 26.60 -19.96
N GLY A 1701 -15.65 27.69 -20.29
CA GLY A 1701 -15.95 28.96 -19.65
C GLY A 1701 -15.63 29.01 -18.18
N SER A 1702 -14.46 28.49 -17.78
CA SER A 1702 -14.07 28.46 -16.38
C SER A 1702 -13.46 29.78 -15.94
N HIS A 1703 -13.37 30.74 -16.86
CA HIS A 1703 -12.94 32.08 -16.49
C HIS A 1703 -14.02 32.81 -15.70
N CYS A 1704 -15.29 32.45 -15.90
CA CYS A 1704 -16.39 33.05 -15.14
C CYS A 1704 -17.58 32.10 -15.23
N GLY A 1705 -18.05 31.62 -14.08
CA GLY A 1705 -19.21 30.77 -14.04
C GLY A 1705 -20.48 31.47 -14.41
N ILE A 1706 -21.29 30.88 -15.28
CA ILE A 1706 -22.53 31.50 -15.73
C ILE A 1706 -23.62 31.26 -14.67
N PRO A 1707 -24.26 32.31 -14.16
CA PRO A 1707 -25.35 32.11 -13.20
C PRO A 1707 -26.63 31.62 -13.85
N GLU A 1708 -27.66 31.33 -13.03
CA GLU A 1708 -28.92 30.86 -13.57
C GLU A 1708 -29.76 31.97 -14.18
N GLU A 1709 -29.65 33.20 -13.69
CA GLU A 1709 -30.45 34.31 -14.19
C GLU A 1709 -29.54 35.46 -14.58
N TYR A 1710 -30.01 36.25 -15.56
CA TYR A 1710 -29.27 37.43 -16.00
C TYR A 1710 -29.88 38.66 -15.35
N CYS A 1711 -29.25 39.10 -14.26
CA CYS A 1711 -29.71 40.30 -13.57
C CYS A 1711 -28.75 41.45 -13.83
N VAL A 1712 -29.30 42.64 -14.04
CA VAL A 1712 -28.50 43.83 -14.32
C VAL A 1712 -28.37 44.74 -13.11
N SER A 1713 -28.98 44.38 -11.98
CA SER A 1713 -28.91 45.19 -10.77
C SER A 1713 -29.11 44.29 -9.57
N GLY A 1714 -29.00 44.89 -8.39
CA GLY A 1714 -29.16 44.15 -7.16
C GLY A 1714 -27.85 43.54 -6.69
N VAL A 1715 -27.99 42.48 -5.89
CA VAL A 1715 -26.82 41.77 -5.39
C VAL A 1715 -26.35 40.70 -6.35
N ASN A 1716 -27.16 40.38 -7.36
CA ASN A 1716 -26.82 39.36 -8.35
C ASN A 1716 -26.52 39.96 -9.71
N THR A 1717 -25.86 41.12 -9.76
CA THR A 1717 -25.55 41.78 -11.02
C THR A 1717 -24.53 40.95 -11.80
N TRP A 1718 -24.69 40.93 -13.12
CA TRP A 1718 -23.86 40.15 -14.03
C TRP A 1718 -22.42 40.59 -13.96
N ARG A 1719 -21.56 39.71 -13.43
CA ARG A 1719 -20.19 40.06 -13.13
C ARG A 1719 -19.22 39.75 -14.26
N ASP A 1720 -19.67 39.10 -15.33
CA ASP A 1720 -18.78 38.82 -16.44
C ASP A 1720 -18.60 40.05 -17.32
N GLN A 1721 -17.53 40.05 -18.11
CA GLN A 1721 -17.26 41.15 -19.01
C GLN A 1721 -18.24 41.15 -20.17
N LEU A 1722 -18.51 39.99 -20.74
CA LEU A 1722 -19.30 39.88 -21.95
C LEU A 1722 -20.71 39.43 -21.61
N ARG A 1723 -21.68 39.97 -22.34
CA ARG A 1723 -23.08 39.60 -22.18
C ARG A 1723 -23.30 38.16 -22.65
N PRO A 1724 -24.40 37.50 -22.21
CA PRO A 1724 -24.64 36.10 -22.64
C PRO A 1724 -24.76 35.89 -24.14
N THR A 1725 -25.18 36.90 -24.89
CA THR A 1725 -25.15 36.80 -26.35
C THR A 1725 -23.73 36.66 -26.87
N GLN A 1726 -22.77 37.33 -26.25
CA GLN A 1726 -21.38 37.23 -26.69
C GLN A 1726 -20.75 35.91 -26.27
N LEU A 1727 -21.12 35.34 -25.12
CA LEU A 1727 -20.66 34.00 -24.78
C LEU A 1727 -21.27 32.94 -25.71
N LEU A 1728 -22.54 33.10 -26.08
CA LEU A 1728 -23.14 32.20 -27.06
C LEU A 1728 -22.49 32.36 -28.43
N GLN A 1729 -22.13 33.60 -28.79
CA GLN A 1729 -21.37 33.88 -29.99
C GLN A 1729 -20.00 33.18 -29.96
N ASN A 1730 -19.34 33.23 -28.81
CA ASN A 1730 -18.01 32.62 -28.67
C ASN A 1730 -18.08 31.10 -28.75
N VAL A 1731 -19.07 30.49 -28.10
CA VAL A 1731 -19.15 29.02 -28.13
C VAL A 1731 -19.64 28.53 -29.49
N ALA A 1732 -20.45 29.33 -30.19
CA ALA A 1732 -20.83 28.99 -31.56
C ALA A 1732 -19.63 29.12 -32.50
N ARG A 1733 -18.78 30.11 -32.25
CA ARG A 1733 -17.57 30.27 -33.05
C ARG A 1733 -16.57 29.15 -32.79
N PHE A 1734 -16.51 28.65 -31.54
CA PHE A 1734 -15.56 27.59 -31.24
C PHE A 1734 -16.06 26.26 -31.82
N LYS A 1735 -17.34 25.96 -31.65
CA LYS A 1735 -17.81 24.62 -32.04
C LYS A 1735 -18.05 24.46 -33.53
N GLY A 1736 -17.81 25.50 -34.33
CA GLY A 1736 -18.07 25.41 -35.75
C GLY A 1736 -19.52 25.57 -36.15
N PHE A 1737 -20.39 25.88 -35.19
CA PHE A 1737 -21.80 26.10 -35.47
C PHE A 1737 -21.99 27.43 -36.21
N PRO A 1738 -23.08 27.58 -36.94
CA PRO A 1738 -23.46 28.91 -37.45
C PRO A 1738 -23.76 29.84 -36.29
N GLN A 1739 -23.54 31.13 -36.52
CA GLN A 1739 -23.55 32.11 -35.45
C GLN A 1739 -24.98 32.33 -34.97
N PRO A 1740 -25.21 32.67 -33.70
CA PRO A 1740 -26.59 32.76 -33.18
C PRO A 1740 -27.35 33.94 -33.78
N ILE A 1741 -28.55 33.64 -34.26
CA ILE A 1741 -29.39 34.61 -34.96
C ILE A 1741 -30.50 35.04 -34.02
N LEU A 1742 -30.51 36.32 -33.67
CA LEU A 1742 -31.54 36.88 -32.81
C LEU A 1742 -32.75 37.27 -33.63
N SER A 1743 -33.94 37.03 -33.07
CA SER A 1743 -35.18 37.30 -33.79
C SER A 1743 -35.51 38.79 -33.77
N GLU A 1744 -36.65 39.12 -34.37
CA GLU A 1744 -37.09 40.51 -34.47
C GLU A 1744 -37.58 41.05 -33.13
N ASP A 1745 -37.93 40.17 -32.18
CA ASP A 1745 -38.40 40.61 -30.87
C ASP A 1745 -37.62 40.02 -29.70
N GLY A 1746 -36.55 39.29 -29.97
CA GLY A 1746 -35.74 38.71 -28.90
C GLY A 1746 -36.35 37.52 -28.20
N SER A 1747 -37.29 36.82 -28.82
CA SER A 1747 -37.92 35.67 -28.17
C SER A 1747 -37.28 34.34 -28.54
N ARG A 1748 -36.69 34.24 -29.74
CA ARG A 1748 -36.08 33.00 -30.20
C ARG A 1748 -34.69 33.27 -30.75
N ILE A 1749 -33.81 32.29 -30.57
CA ILE A 1749 -32.45 32.33 -31.08
C ILE A 1749 -32.17 31.01 -31.80
N ARG A 1750 -31.74 31.11 -33.05
CA ARG A 1750 -31.33 29.96 -33.84
C ARG A 1750 -29.86 29.67 -33.54
N TYR A 1751 -29.60 28.51 -32.94
CA TYR A 1751 -28.26 28.15 -32.53
C TYR A 1751 -28.13 26.63 -32.49
N GLY A 1752 -27.02 26.13 -33.03
CA GLY A 1752 -26.64 24.73 -32.93
C GLY A 1752 -27.58 23.75 -33.60
N GLY A 1753 -28.35 24.22 -34.58
CA GLY A 1753 -29.31 23.37 -35.25
C GLY A 1753 -30.59 23.11 -34.50
N ARG A 1754 -30.97 24.00 -33.57
CA ARG A 1754 -32.17 23.80 -32.78
C ARG A 1754 -32.86 25.14 -32.55
N ASP A 1755 -34.14 25.06 -32.19
CA ASP A 1755 -34.96 26.22 -31.87
C ASP A 1755 -35.12 26.32 -30.36
N TYR A 1756 -34.70 27.46 -29.80
CA TYR A 1756 -34.87 27.74 -28.38
C TYR A 1756 -35.78 28.95 -28.24
N SER A 1757 -36.72 28.86 -27.29
CA SER A 1757 -37.75 29.87 -27.14
C SER A 1757 -37.76 30.41 -25.71
N LEU A 1758 -38.33 31.61 -25.55
CA LEU A 1758 -38.40 32.24 -24.24
C LEU A 1758 -39.33 31.48 -23.29
N ASP A 1759 -40.44 30.95 -23.81
CA ASP A 1759 -41.43 30.30 -22.97
C ASP A 1759 -40.99 28.91 -22.48
N GLU A 1760 -39.92 28.36 -23.03
CA GLU A 1760 -39.41 27.07 -22.58
C GLU A 1760 -38.66 27.17 -21.25
N PHE A 1761 -38.25 28.37 -20.83
CA PHE A 1761 -37.49 28.52 -19.60
C PHE A 1761 -38.17 29.49 -18.65
N GLU A 1762 -38.81 30.53 -19.18
CA GLU A 1762 -39.39 31.58 -18.36
C GLU A 1762 -40.71 31.18 -17.71
N ALA A 1763 -41.28 30.04 -18.08
CA ALA A 1763 -42.49 29.56 -17.41
C ALA A 1763 -42.15 29.05 -16.02
N ASN A 1764 -43.16 29.13 -15.12
CA ASN A 1764 -43.09 28.66 -13.73
C ASN A 1764 -42.00 29.36 -12.93
N LYS A 1765 -41.72 30.63 -13.24
CA LYS A 1765 -40.75 31.41 -12.49
C LYS A 1765 -41.32 32.80 -12.24
N ILE A 1766 -40.88 33.42 -11.15
CA ILE A 1766 -41.28 34.79 -10.82
C ILE A 1766 -40.27 35.74 -11.46
N LEU A 1767 -40.72 36.53 -12.43
CA LEU A 1767 -39.86 37.47 -13.14
C LEU A 1767 -39.78 38.77 -12.35
N HIS A 1768 -38.83 38.80 -11.41
CA HIS A 1768 -38.68 39.98 -10.57
C HIS A 1768 -38.00 41.11 -11.33
N GLN A 1769 -37.94 42.27 -10.66
CA GLN A 1769 -37.63 43.53 -11.34
C GLN A 1769 -36.16 43.66 -11.74
N HIS A 1770 -35.28 42.81 -11.23
CA HIS A 1770 -33.86 42.95 -11.52
C HIS A 1770 -33.44 42.26 -12.81
N LEU A 1771 -34.37 41.60 -13.51
CA LEU A 1771 -34.03 40.89 -14.74
C LEU A 1771 -33.71 41.87 -15.86
N GLY A 1772 -32.73 41.53 -16.68
CA GLY A 1772 -32.27 42.40 -17.74
C GLY A 1772 -33.06 42.22 -19.03
N ALA A 1773 -32.33 42.31 -20.14
CA ALA A 1773 -32.96 42.13 -21.44
C ALA A 1773 -33.31 40.65 -21.66
N PRO A 1774 -34.47 40.36 -22.23
CA PRO A 1774 -34.90 38.95 -22.34
C PRO A 1774 -34.09 38.13 -23.33
N GLU A 1775 -33.47 38.78 -24.33
CA GLU A 1775 -32.60 38.05 -25.25
C GLU A 1775 -31.36 37.52 -24.54
N GLU A 1776 -30.85 38.28 -23.57
CA GLU A 1776 -29.71 37.81 -22.80
C GLU A 1776 -30.12 36.71 -21.84
N ARG A 1777 -31.35 36.78 -21.32
CA ARG A 1777 -31.88 35.69 -20.50
C ARG A 1777 -31.98 34.40 -21.29
N LEU A 1778 -32.48 34.49 -22.53
CA LEU A 1778 -32.65 33.29 -23.34
C LEU A 1778 -31.30 32.74 -23.80
N ALA A 1779 -30.35 33.64 -24.13
CA ALA A 1779 -29.00 33.20 -24.48
C ALA A 1779 -28.31 32.53 -23.29
N LEU A 1780 -28.51 33.06 -22.08
CA LEU A 1780 -27.94 32.43 -20.90
C LEU A 1780 -28.61 31.08 -20.61
N HIS A 1781 -29.92 30.98 -20.86
CA HIS A 1781 -30.62 29.71 -20.70
C HIS A 1781 -30.13 28.67 -21.69
N ILE A 1782 -29.76 29.11 -22.90
CA ILE A 1782 -29.10 28.20 -23.85
C ILE A 1782 -27.73 27.80 -23.33
N LEU A 1783 -26.99 28.76 -22.77
CA LEU A 1783 -25.61 28.52 -22.34
C LEU A 1783 -25.52 27.57 -21.15
N ARG A 1784 -26.54 27.56 -20.29
CA ARG A 1784 -26.54 26.66 -19.14
C ARG A 1784 -26.64 25.19 -19.55
N THR A 1785 -27.26 24.89 -20.69
CA THR A 1785 -27.39 23.51 -21.13
C THR A 1785 -26.18 23.01 -21.90
N GLN A 1786 -25.17 23.85 -22.11
CA GLN A 1786 -24.03 23.49 -22.95
C GLN A 1786 -22.86 22.91 -22.16
N GLY A 1787 -23.07 22.50 -20.92
CA GLY A 1787 -22.00 21.87 -20.17
C GLY A 1787 -20.93 22.79 -19.68
N LEU A 1788 -21.20 24.10 -19.62
CA LEU A 1788 -20.22 25.05 -19.15
C LEU A 1788 -20.14 25.04 -17.62
N VAL A 1789 -19.16 25.77 -17.10
CA VAL A 1789 -18.97 25.92 -15.67
C VAL A 1789 -20.07 26.85 -15.15
N PRO A 1790 -20.90 26.41 -14.21
CA PRO A 1790 -21.88 27.32 -13.61
C PRO A 1790 -21.21 28.23 -12.60
N GLU A 1791 -21.98 29.21 -12.12
CA GLU A 1791 -21.55 30.03 -11.00
C GLU A 1791 -21.38 29.14 -9.78
N HIS A 1792 -20.16 29.01 -9.30
CA HIS A 1792 -19.82 27.91 -8.42
C HIS A 1792 -19.03 28.41 -7.21
N VAL A 1793 -19.05 27.60 -6.17
CA VAL A 1793 -18.15 27.72 -5.04
C VAL A 1793 -17.46 26.37 -4.87
N GLU A 1794 -16.30 26.22 -5.50
CA GLU A 1794 -15.52 24.98 -5.40
C GLU A 1794 -14.88 24.88 -4.02
N THR A 1795 -14.70 23.64 -3.57
CA THR A 1795 -14.08 23.37 -2.28
C THR A 1795 -12.69 22.81 -2.54
N ARG A 1796 -11.68 23.66 -2.32
CA ARG A 1796 -10.32 23.31 -2.67
C ARG A 1796 -9.56 22.75 -1.48
N THR A 1797 -8.96 21.60 -1.68
CA THR A 1797 -8.20 20.93 -0.63
C THR A 1797 -6.89 21.65 -0.37
N LEU A 1798 -6.63 21.94 0.91
CA LEU A 1798 -5.38 22.58 1.32
C LEU A 1798 -4.34 21.51 1.59
N HIS A 1799 -3.37 21.39 0.69
CA HIS A 1799 -2.26 20.45 0.84
C HIS A 1799 -1.09 21.11 1.55
N SER A 1800 -0.26 20.28 2.16
CA SER A 1800 0.89 20.78 2.90
C SER A 1800 1.97 19.71 2.93
N THR A 1801 3.19 20.11 3.27
CA THR A 1801 4.29 19.17 3.41
C THR A 1801 4.28 18.47 4.76
N PHE A 1802 3.42 18.91 5.68
CA PHE A 1802 3.26 18.24 6.98
C PHE A 1802 2.70 16.83 6.76
N GLN A 1803 1.72 16.71 5.88
CA GLN A 1803 1.20 15.41 5.46
C GLN A 1803 0.98 15.53 3.95
N PRO A 1804 1.77 14.80 3.14
CA PRO A 1804 1.93 15.19 1.73
C PRO A 1804 0.71 14.98 0.85
N ASN A 1805 -0.22 14.10 1.21
CA ASN A 1805 -1.40 13.90 0.38
C ASN A 1805 -2.63 13.74 1.27
N ILE A 1806 -2.59 14.35 2.45
CA ILE A 1806 -3.70 14.31 3.39
C ILE A 1806 -4.27 15.72 3.44
N SER A 1807 -5.60 15.84 3.35
CA SER A 1807 -6.26 17.13 3.44
C SER A 1807 -6.01 17.78 4.80
N GLN A 1808 -5.31 18.92 4.77
CA GLN A 1808 -5.08 19.76 5.94
C GLN A 1808 -6.18 20.76 6.17
N GLY A 1809 -7.33 20.56 5.56
CA GLY A 1809 -8.41 21.53 5.56
C GLY A 1809 -8.96 21.73 4.16
N LYS A 1810 -10.00 22.54 4.10
CA LYS A 1810 -10.67 22.84 2.84
C LYS A 1810 -10.94 24.33 2.77
N LEU A 1811 -11.19 24.82 1.55
CA LEU A 1811 -11.30 26.25 1.30
C LEU A 1811 -12.33 26.47 0.20
N GLN A 1812 -13.55 26.77 0.61
CA GLN A 1812 -14.61 27.13 -0.33
C GLN A 1812 -14.33 28.52 -0.88
N MET A 1813 -14.30 28.64 -2.20
CA MET A 1813 -13.86 29.84 -2.90
C MET A 1813 -14.24 29.68 -4.37
N TRP A 1814 -13.96 30.72 -5.17
CA TRP A 1814 -13.93 30.62 -6.61
C TRP A 1814 -13.10 31.78 -7.16
N VAL A 1815 -12.56 31.58 -8.36
CA VAL A 1815 -11.68 32.53 -9.01
C VAL A 1815 -12.28 32.90 -10.36
N ASP A 1816 -12.40 34.20 -10.63
CA ASP A 1816 -12.82 34.70 -11.92
C ASP A 1816 -11.65 35.39 -12.61
N VAL A 1817 -11.30 34.92 -13.80
CA VAL A 1817 -10.26 35.51 -14.62
C VAL A 1817 -10.93 36.34 -15.70
N PHE A 1818 -10.52 37.61 -15.82
CA PHE A 1818 -11.12 38.56 -16.74
C PHE A 1818 -10.04 39.15 -17.64
N PRO A 1819 -9.83 38.58 -18.83
CA PRO A 1819 -8.76 39.09 -19.73
C PRO A 1819 -9.13 40.44 -20.32
N LYS A 1820 -8.22 41.40 -20.19
CA LYS A 1820 -8.51 42.81 -20.45
C LYS A 1820 -8.74 43.12 -21.93
N SER A 1821 -8.43 42.19 -22.83
CA SER A 1821 -8.72 42.41 -24.24
C SER A 1821 -10.21 42.34 -24.52
N LEU A 1822 -10.98 41.65 -23.67
CA LEU A 1822 -12.42 41.52 -23.83
C LEU A 1822 -13.20 42.63 -23.13
N GLY A 1823 -12.51 43.58 -22.51
CA GLY A 1823 -13.17 44.70 -21.86
C GLY A 1823 -13.13 44.61 -20.35
N PRO A 1824 -13.62 45.66 -19.69
CA PRO A 1824 -13.66 45.63 -18.23
C PRO A 1824 -14.78 44.72 -17.73
N PRO A 1825 -14.64 44.14 -16.55
CA PRO A 1825 -15.70 43.28 -16.01
C PRO A 1825 -16.81 44.10 -15.37
N GLY A 1826 -17.80 43.39 -14.84
CA GLY A 1826 -18.88 44.01 -14.14
C GLY A 1826 -18.51 44.30 -12.70
N PRO A 1827 -19.52 44.67 -11.89
CA PRO A 1827 -19.27 44.92 -10.48
C PRO A 1827 -19.00 43.62 -9.75
N PRO A 1828 -18.13 43.64 -8.74
CA PRO A 1828 -17.81 42.41 -8.02
C PRO A 1828 -18.91 42.00 -7.05
N PHE A 1829 -18.91 40.72 -6.69
CA PHE A 1829 -19.85 40.22 -5.70
C PHE A 1829 -19.42 40.66 -4.30
N ASN A 1830 -20.37 41.18 -3.54
CA ASN A 1830 -20.12 41.57 -2.15
C ASN A 1830 -20.39 40.35 -1.28
N ILE A 1831 -19.34 39.59 -1.01
CA ILE A 1831 -19.45 38.36 -0.25
C ILE A 1831 -19.05 38.59 1.19
N THR A 1832 -19.11 39.85 1.63
CA THR A 1832 -18.81 40.21 3.02
C THR A 1832 -19.80 39.53 3.96
N PRO A 1833 -19.33 38.81 4.99
CA PRO A 1833 -20.24 38.04 5.84
C PRO A 1833 -21.17 38.93 6.66
N ARG A 1834 -22.41 38.49 6.78
CA ARG A 1834 -23.45 39.30 7.41
C ARG A 1834 -23.25 39.37 8.92
N LYS A 1835 -23.58 40.53 9.48
CA LYS A 1835 -23.45 40.74 10.92
C LYS A 1835 -24.55 39.98 11.65
N ALA A 1836 -24.29 39.65 12.92
CA ALA A 1836 -25.28 39.00 13.75
C ALA A 1836 -26.31 40.03 14.21
N LYS A 1837 -27.55 39.88 13.75
CA LYS A 1837 -28.60 40.81 14.11
C LYS A 1837 -29.03 40.59 15.55
N LYS A 1838 -29.32 41.68 16.25
CA LYS A 1838 -29.57 41.62 17.68
C LYS A 1838 -30.97 41.11 17.98
N TYR A 1839 -31.09 40.35 19.07
CA TYR A 1839 -32.35 39.88 19.60
C TYR A 1839 -32.36 40.02 21.11
N TYR A 1840 -33.57 40.13 21.66
CA TYR A 1840 -33.77 40.25 23.10
C TYR A 1840 -34.72 39.14 23.55
N LEU A 1841 -34.29 38.36 24.53
CA LEU A 1841 -35.15 37.36 25.15
C LEU A 1841 -35.66 37.90 26.48
N ARG A 1842 -36.97 38.00 26.61
CA ARG A 1842 -37.58 38.47 27.85
C ARG A 1842 -38.46 37.37 28.42
N VAL A 1843 -38.26 37.09 29.70
CA VAL A 1843 -39.15 36.20 30.45
C VAL A 1843 -39.62 36.96 31.68
N ILE A 1844 -40.74 36.53 32.23
CA ILE A 1844 -41.15 36.90 33.59
C ILE A 1844 -41.52 35.62 34.33
N ILE A 1845 -41.29 35.61 35.64
CA ILE A 1845 -41.56 34.42 36.44
C ILE A 1845 -42.85 34.67 37.22
N TRP A 1846 -43.93 33.99 36.84
CA TRP A 1846 -45.20 34.19 37.54
C TRP A 1846 -45.19 33.53 38.91
N ASN A 1847 -45.11 32.20 38.95
CA ASN A 1847 -45.29 31.46 40.18
C ASN A 1847 -44.49 30.18 40.13
N THR A 1848 -44.42 29.51 41.28
CA THR A 1848 -43.90 28.15 41.40
C THR A 1848 -44.89 27.36 42.22
N LYS A 1849 -45.05 26.08 41.89
CA LYS A 1849 -45.98 25.21 42.61
C LYS A 1849 -45.35 23.84 42.77
N ASP A 1850 -45.79 23.14 43.84
CA ASP A 1850 -45.31 21.85 44.35
C ASP A 1850 -43.79 21.66 44.27
N VAL A 1851 -43.05 22.70 44.66
CA VAL A 1851 -41.60 22.60 44.72
C VAL A 1851 -41.21 21.76 45.93
N ILE A 1852 -40.19 20.91 45.74
CA ILE A 1852 -39.67 20.10 46.85
C ILE A 1852 -39.10 21.00 47.93
N LEU A 1853 -39.62 20.85 49.15
CA LEU A 1853 -39.21 21.69 50.26
C LEU A 1853 -37.80 21.36 50.71
N ASP A 1854 -37.05 22.38 51.09
CA ASP A 1854 -35.72 22.18 51.66
C ASP A 1854 -35.84 21.52 53.03
N GLU A 1855 -34.94 20.56 53.29
CA GLU A 1855 -35.06 19.73 54.48
C GLU A 1855 -34.77 20.51 55.76
N LYS A 1856 -33.80 21.42 55.74
CA LYS A 1856 -33.47 22.20 56.92
C LYS A 1856 -32.84 23.52 56.49
N SER A 1857 -33.44 24.63 56.89
CA SER A 1857 -32.83 25.93 56.66
C SER A 1857 -31.88 26.30 57.79
N ILE A 1858 -31.46 27.56 57.79
CA ILE A 1858 -30.57 28.07 58.83
C ILE A 1858 -31.31 28.18 60.16
N THR A 1859 -32.59 28.57 60.10
CA THR A 1859 -33.40 28.73 61.31
C THR A 1859 -33.81 27.41 61.96
N GLY A 1860 -33.62 26.27 61.28
CA GLY A 1860 -33.89 24.99 61.88
C GLY A 1860 -35.29 24.45 61.66
N GLU A 1861 -35.86 24.64 60.48
CA GLU A 1861 -37.20 24.16 60.15
C GLU A 1861 -37.16 23.49 58.79
N GLU A 1862 -38.11 22.57 58.57
CA GLU A 1862 -38.35 22.01 57.24
C GLU A 1862 -39.04 23.09 56.42
N MET A 1863 -38.24 23.82 55.65
CA MET A 1863 -38.58 25.17 55.22
C MET A 1863 -37.68 25.54 54.06
N SER A 1864 -38.29 26.06 52.99
CA SER A 1864 -37.60 26.31 51.73
C SER A 1864 -37.61 27.79 51.36
N ASP A 1865 -36.47 28.27 50.89
CA ASP A 1865 -36.32 29.63 50.37
C ASP A 1865 -36.27 29.57 48.84
N ILE A 1866 -37.46 29.58 48.22
CA ILE A 1866 -37.55 29.39 46.78
C ILE A 1866 -37.22 30.68 46.06
N TYR A 1867 -36.24 30.62 45.14
CA TYR A 1867 -35.93 31.72 44.23
C TYR A 1867 -35.34 31.14 42.95
N VAL A 1868 -35.34 31.96 41.90
CA VAL A 1868 -35.09 31.48 40.54
C VAL A 1868 -33.90 32.21 39.94
N LYS A 1869 -32.93 31.43 39.42
CA LYS A 1869 -31.88 31.94 38.56
C LYS A 1869 -32.26 31.68 37.10
N GLY A 1870 -31.64 32.42 36.19
CA GLY A 1870 -31.88 32.24 34.77
C GLY A 1870 -30.76 32.82 33.94
N TRP A 1871 -30.47 32.16 32.83
CA TRP A 1871 -29.35 32.51 31.95
C TRP A 1871 -29.48 31.78 30.63
N VAL A 1872 -28.75 32.26 29.64
CA VAL A 1872 -28.55 31.57 28.37
C VAL A 1872 -27.16 30.93 28.40
N PRO A 1873 -27.00 29.70 27.91
CA PRO A 1873 -25.66 29.12 27.77
C PRO A 1873 -24.76 29.95 26.86
N GLY A 1874 -23.49 30.03 27.24
CA GLY A 1874 -22.58 30.98 26.61
C GLY A 1874 -22.53 32.28 27.38
N ASN A 1875 -23.70 32.78 27.78
CA ASN A 1875 -23.83 33.99 28.59
C ASN A 1875 -23.76 33.70 30.08
N GLU A 1876 -22.61 33.25 30.57
CA GLU A 1876 -22.45 33.06 32.02
C GLU A 1876 -22.43 34.39 32.75
N GLU A 1877 -21.88 35.42 32.11
CA GLU A 1877 -21.83 36.76 32.68
C GLU A 1877 -23.20 37.43 32.72
N ASN A 1878 -24.15 36.98 31.90
CA ASN A 1878 -25.49 37.54 31.87
C ASN A 1878 -26.46 36.81 32.79
N LYS A 1879 -25.96 36.18 33.85
CA LYS A 1879 -26.83 35.54 34.83
C LYS A 1879 -27.61 36.58 35.61
N GLN A 1880 -28.90 36.30 35.79
CA GLN A 1880 -29.77 37.13 36.60
C GLN A 1880 -30.57 36.24 37.54
N LYS A 1881 -30.91 36.79 38.71
CA LYS A 1881 -31.67 36.05 39.70
C LYS A 1881 -32.79 36.94 40.24
N THR A 1882 -33.88 36.29 40.65
CA THR A 1882 -35.05 36.98 41.15
C THR A 1882 -34.91 37.23 42.66
N ASP A 1883 -35.93 37.86 43.22
CA ASP A 1883 -36.02 37.99 44.67
C ASP A 1883 -36.40 36.64 45.29
N VAL A 1884 -36.13 36.51 46.59
CA VAL A 1884 -36.36 35.27 47.31
C VAL A 1884 -37.73 35.31 47.97
N HIS A 1885 -38.58 34.34 47.64
CA HIS A 1885 -39.89 34.20 48.27
C HIS A 1885 -39.70 33.50 49.61
N TYR A 1886 -39.53 34.32 50.65
CA TYR A 1886 -39.23 33.80 51.97
C TYR A 1886 -40.47 33.21 52.62
N ARG A 1887 -40.24 32.25 53.53
CA ARG A 1887 -41.26 31.57 54.33
C ARG A 1887 -42.30 30.86 53.46
N SER A 1888 -41.84 29.87 52.71
CA SER A 1888 -42.73 29.00 51.95
C SER A 1888 -42.81 27.64 52.63
N LEU A 1889 -43.97 27.35 53.23
CA LEU A 1889 -44.20 26.08 53.90
C LEU A 1889 -44.99 25.10 53.04
N ASP A 1890 -45.24 25.44 51.77
CA ASP A 1890 -46.01 24.59 50.88
C ASP A 1890 -45.38 24.36 49.51
N GLY A 1891 -44.17 24.86 49.26
CA GLY A 1891 -43.58 24.73 47.94
C GLY A 1891 -44.15 25.67 46.90
N GLU A 1892 -44.74 26.78 47.32
CA GLU A 1892 -45.32 27.75 46.40
C GLU A 1892 -44.70 29.12 46.64
N GLY A 1893 -44.45 29.84 45.54
CA GLY A 1893 -43.81 31.13 45.64
C GLY A 1893 -44.09 32.07 44.47
N ASN A 1894 -44.48 33.30 44.78
CA ASN A 1894 -44.75 34.29 43.75
C ASN A 1894 -43.58 35.27 43.64
N PHE A 1895 -43.18 35.55 42.40
CA PHE A 1895 -42.01 36.39 42.16
C PHE A 1895 -42.36 37.68 41.42
N ASN A 1896 -43.03 37.52 40.26
CA ASN A 1896 -43.35 38.61 39.31
C ASN A 1896 -42.10 39.41 38.92
N TRP A 1897 -41.04 38.70 38.56
CA TRP A 1897 -39.73 39.30 38.34
C TRP A 1897 -39.35 39.18 36.86
N ARG A 1898 -38.67 40.21 36.34
CA ARG A 1898 -38.44 40.35 34.91
C ARG A 1898 -36.97 40.15 34.58
N PHE A 1899 -36.71 39.42 33.50
CA PHE A 1899 -35.37 39.11 33.01
C PHE A 1899 -35.19 39.67 31.60
N VAL A 1900 -34.01 40.23 31.32
CA VAL A 1900 -33.68 40.77 30.01
C VAL A 1900 -32.35 40.19 29.54
N PHE A 1901 -32.42 39.38 28.49
CA PHE A 1901 -31.28 38.58 28.01
C PHE A 1901 -30.96 39.01 26.58
N PRO A 1902 -30.03 39.95 26.39
CA PRO A 1902 -29.62 40.28 25.02
C PRO A 1902 -28.67 39.22 24.46
N PHE A 1903 -28.88 38.87 23.19
CA PHE A 1903 -28.05 37.88 22.52
C PHE A 1903 -28.07 38.11 21.02
N ASP A 1904 -26.94 37.81 20.39
CA ASP A 1904 -26.77 37.94 18.94
C ASP A 1904 -27.23 36.67 18.27
N TYR A 1905 -27.91 36.79 17.14
CA TYR A 1905 -28.51 35.64 16.47
C TYR A 1905 -28.22 35.66 14.97
N LEU A 1906 -28.06 34.46 14.40
CA LEU A 1906 -27.95 34.23 12.97
C LEU A 1906 -29.15 33.39 12.54
N PRO A 1907 -30.19 34.02 11.96
CA PRO A 1907 -31.37 33.25 11.54
C PRO A 1907 -31.10 32.24 10.43
N ALA A 1908 -30.16 32.51 9.53
CA ALA A 1908 -29.88 31.60 8.44
C ALA A 1908 -29.15 30.35 8.89
N GLU A 1909 -28.32 30.45 9.92
CA GLU A 1909 -27.62 29.29 10.46
C GLU A 1909 -28.38 28.66 11.62
N GLN A 1910 -29.49 29.26 12.05
CA GLN A 1910 -30.36 28.80 13.14
C GLN A 1910 -29.60 28.62 14.45
N LEU A 1911 -28.66 29.52 14.72
CA LEU A 1911 -27.83 29.46 15.92
C LEU A 1911 -27.34 30.86 16.25
N CYS A 1912 -26.77 31.00 17.45
CA CYS A 1912 -26.48 32.29 18.05
C CYS A 1912 -24.99 32.51 18.16
N ILE A 1913 -24.61 33.77 18.36
CA ILE A 1913 -23.22 34.18 18.49
C ILE A 1913 -23.00 34.75 19.87
N VAL A 1914 -22.06 34.17 20.61
CA VAL A 1914 -21.59 34.74 21.87
C VAL A 1914 -20.09 34.92 21.78
N ALA A 1915 -19.62 36.12 22.10
CA ALA A 1915 -18.23 36.48 21.88
C ALA A 1915 -17.60 36.99 23.16
N LYS A 1916 -16.53 36.32 23.59
CA LYS A 1916 -15.77 36.71 24.77
C LYS A 1916 -14.39 36.07 24.66
N LYS A 1917 -13.46 36.54 25.48
CA LYS A 1917 -12.15 35.92 25.51
C LYS A 1917 -12.19 34.58 26.25
N GLU A 1918 -11.31 33.67 25.83
CA GLU A 1918 -11.20 32.38 26.51
C GLU A 1918 -10.65 32.53 27.92
N HIS A 1919 -9.68 33.41 28.11
CA HIS A 1919 -9.16 33.75 29.42
C HIS A 1919 -8.68 35.19 29.37
N PHE A 1920 -8.14 35.66 30.51
CA PHE A 1920 -7.75 37.06 30.62
C PHE A 1920 -6.51 37.37 29.79
N TRP A 1921 -5.65 36.38 29.56
CA TRP A 1921 -4.45 36.56 28.77
C TRP A 1921 -4.62 36.09 27.33
N SER A 1922 -5.86 36.00 26.84
CA SER A 1922 -6.09 35.73 25.43
C SER A 1922 -5.67 36.93 24.59
N ILE A 1923 -5.09 36.65 23.43
CA ILE A 1923 -4.65 37.73 22.54
C ILE A 1923 -5.85 38.43 21.92
N ASP A 1924 -6.84 37.67 21.47
CA ASP A 1924 -7.99 38.25 20.78
C ASP A 1924 -9.20 37.43 21.18
N GLN A 1925 -10.32 38.14 21.35
CA GLN A 1925 -11.61 37.56 21.73
C GLN A 1925 -12.08 36.49 20.74
N THR A 1926 -12.66 35.42 21.28
CA THR A 1926 -13.14 34.31 20.46
C THR A 1926 -14.65 34.39 20.26
N GLU A 1927 -15.12 33.69 19.25
CA GLU A 1927 -16.54 33.61 18.93
C GLU A 1927 -17.01 32.18 19.04
N PHE A 1928 -18.23 31.99 19.51
CA PHE A 1928 -18.83 30.68 19.71
C PHE A 1928 -20.13 30.59 18.92
N ARG A 1929 -20.39 29.43 18.34
CA ARG A 1929 -21.59 29.19 17.56
C ARG A 1929 -22.37 28.05 18.20
N ILE A 1930 -23.29 28.43 19.09
CA ILE A 1930 -24.12 27.47 19.83
C ILE A 1930 -25.58 27.78 19.57
N PRO A 1931 -26.44 26.76 19.56
CA PRO A 1931 -27.87 27.00 19.35
C PRO A 1931 -28.49 27.77 20.50
N PRO A 1932 -29.48 28.62 20.23
CA PRO A 1932 -30.09 29.42 21.30
C PRO A 1932 -30.96 28.54 22.20
N ARG A 1933 -30.71 28.62 23.50
CA ARG A 1933 -31.48 27.86 24.48
C ARG A 1933 -31.47 28.63 25.78
N LEU A 1934 -32.40 28.27 26.66
CA LEU A 1934 -32.62 28.95 27.93
C LEU A 1934 -32.51 27.94 29.05
N ILE A 1935 -31.62 28.20 29.99
CA ILE A 1935 -31.52 27.41 31.21
C ILE A 1935 -32.17 28.21 32.34
N ILE A 1936 -33.32 27.75 32.80
CA ILE A 1936 -33.95 28.31 33.99
C ILE A 1936 -33.62 27.34 35.12
N GLN A 1937 -33.39 27.88 36.32
CA GLN A 1937 -32.98 27.06 37.45
C GLN A 1937 -33.69 27.53 38.71
N ILE A 1938 -33.97 26.59 39.60
CA ILE A 1938 -34.70 26.85 40.83
C ILE A 1938 -33.80 26.44 41.99
N TRP A 1939 -33.73 27.30 42.99
CA TRP A 1939 -32.64 27.31 43.95
C TRP A 1939 -33.20 27.58 45.34
N ASP A 1940 -32.52 27.05 46.34
CA ASP A 1940 -32.78 27.37 47.74
C ASP A 1940 -31.74 28.38 48.18
N ASN A 1941 -32.20 29.47 48.81
CA ASN A 1941 -31.34 30.64 48.99
C ASN A 1941 -30.27 30.38 50.05
N ASP A 1942 -30.69 30.17 51.31
CA ASP A 1942 -29.81 30.02 52.47
C ASP A 1942 -28.86 31.20 52.56
N LYS A 1943 -29.40 32.38 52.91
CA LYS A 1943 -28.71 33.67 52.78
C LYS A 1943 -27.40 33.72 53.55
N PHE A 1944 -27.32 33.07 54.71
CA PHE A 1944 -26.10 33.03 55.50
C PHE A 1944 -25.39 31.68 55.39
N SER A 1945 -25.60 30.95 54.30
CA SER A 1945 -25.03 29.62 54.11
C SER A 1945 -24.80 29.40 52.62
N LEU A 1946 -24.54 28.15 52.24
CA LEU A 1946 -24.24 27.82 50.86
C LEU A 1946 -25.51 27.77 50.01
N ASP A 1947 -25.35 27.94 48.70
CA ASP A 1947 -26.47 27.89 47.78
C ASP A 1947 -26.79 26.43 47.44
N ASP A 1948 -28.05 26.03 47.62
CA ASP A 1948 -28.46 24.64 47.52
C ASP A 1948 -29.28 24.42 46.25
N TYR A 1949 -28.77 23.55 45.37
CA TYR A 1949 -29.43 23.29 44.09
C TYR A 1949 -30.64 22.38 44.27
N LEU A 1950 -31.67 22.63 43.47
CA LEU A 1950 -32.91 21.85 43.55
C LEU A 1950 -33.37 21.31 42.19
N GLY A 1951 -33.22 22.07 41.12
CA GLY A 1951 -33.70 21.59 39.83
C GLY A 1951 -33.40 22.56 38.72
N PHE A 1952 -33.77 22.17 37.50
CA PHE A 1952 -33.49 22.93 36.29
C PHE A 1952 -34.58 22.63 35.27
N LEU A 1953 -34.62 23.45 34.22
CA LEU A 1953 -35.45 23.20 33.05
C LEU A 1953 -34.84 23.94 31.87
N GLU A 1954 -34.71 23.24 30.74
CA GLU A 1954 -34.07 23.79 29.54
C GLU A 1954 -35.06 23.88 28.40
N LEU A 1955 -35.17 25.06 27.80
CA LEU A 1955 -36.02 25.29 26.63
C LEU A 1955 -35.15 25.78 25.49
N ASP A 1956 -34.87 24.90 24.52
CA ASP A 1956 -34.24 25.34 23.28
C ASP A 1956 -35.22 26.24 22.54
N LEU A 1957 -34.81 27.47 22.23
CA LEU A 1957 -35.75 28.48 21.73
C LEU A 1957 -36.27 28.20 20.33
N ARG A 1958 -35.69 27.27 19.59
CA ARG A 1958 -36.27 26.87 18.32
C ARG A 1958 -37.22 25.68 18.46
N HIS A 1959 -37.00 24.84 19.47
CA HIS A 1959 -37.79 23.64 19.73
C HIS A 1959 -38.36 23.67 21.14
N THR A 1960 -38.98 24.78 21.52
CA THR A 1960 -39.54 24.93 22.86
C THR A 1960 -40.78 24.07 22.98
N ILE A 1961 -40.82 23.18 23.98
CA ILE A 1961 -41.95 22.28 24.12
C ILE A 1961 -43.18 23.04 24.61
N ILE A 1962 -44.34 22.61 24.14
CA ILE A 1962 -45.58 23.37 24.34
C ILE A 1962 -46.04 23.21 25.79
N PRO A 1963 -46.26 24.30 26.51
CA PRO A 1963 -46.63 24.19 27.93
C PRO A 1963 -48.08 23.76 28.11
N ALA A 1964 -48.36 23.26 29.32
CA ALA A 1964 -49.73 23.03 29.73
C ALA A 1964 -50.37 24.35 30.14
N LYS A 1965 -51.70 24.37 30.16
CA LYS A 1965 -52.40 25.60 30.51
C LYS A 1965 -52.71 25.71 32.00
N SER A 1966 -52.29 24.73 32.80
CA SER A 1966 -52.62 24.70 34.22
C SER A 1966 -51.55 23.89 34.93
N PRO A 1967 -51.27 24.17 36.21
CA PRO A 1967 -50.31 23.33 36.95
C PRO A 1967 -50.83 21.93 37.23
N GLU A 1968 -52.14 21.74 37.31
CA GLU A 1968 -52.68 20.40 37.55
C GLU A 1968 -52.59 19.50 36.33
N LYS A 1969 -52.67 20.06 35.12
CA LYS A 1969 -52.38 19.29 33.92
C LYS A 1969 -50.89 19.19 33.64
N CYS A 1970 -50.07 20.01 34.29
CA CYS A 1970 -48.62 19.91 34.15
C CYS A 1970 -48.12 18.70 34.93
N ARG A 1971 -47.25 17.91 34.30
CA ARG A 1971 -46.66 16.75 34.93
C ARG A 1971 -45.39 16.40 34.17
N LEU A 1972 -44.72 15.34 34.63
CA LEU A 1972 -43.52 14.87 33.97
C LEU A 1972 -43.85 14.16 32.66
N ASP A 1973 -42.78 13.75 31.95
CA ASP A 1973 -42.76 12.99 30.70
C ASP A 1973 -43.51 13.61 29.52
N MET A 1974 -43.89 14.89 29.62
CA MET A 1974 -44.25 15.62 28.42
C MET A 1974 -42.99 16.22 27.78
N ILE A 1975 -41.91 16.29 28.54
CA ILE A 1975 -40.57 16.56 28.02
C ILE A 1975 -39.90 15.22 27.74
N PRO A 1976 -39.02 15.13 26.75
CA PRO A 1976 -38.43 13.82 26.41
C PRO A 1976 -37.50 13.28 27.47
N ASP A 1977 -37.44 11.95 27.54
CA ASP A 1977 -36.51 11.23 28.40
C ASP A 1977 -36.18 9.89 27.74
N LEU A 1978 -34.89 9.57 27.72
CA LEU A 1978 -34.41 8.39 26.99
C LEU A 1978 -33.72 7.36 27.88
N LYS A 1979 -33.67 7.58 29.19
CA LYS A 1979 -32.87 6.73 30.07
C LYS A 1979 -33.69 5.94 31.07
N ALA A 1980 -34.67 6.56 31.74
CA ALA A 1980 -35.39 5.89 32.82
C ALA A 1980 -36.57 5.07 32.32
N MET A 1981 -37.13 5.41 31.17
CA MET A 1981 -38.34 4.76 30.66
C MET A 1981 -38.38 4.85 29.14
N ASN A 1982 -39.23 4.02 28.55
CA ASN A 1982 -39.25 3.86 27.10
C ASN A 1982 -39.81 5.10 26.42
N PRO A 1983 -39.04 5.77 25.56
CA PRO A 1983 -39.30 7.18 25.25
C PRO A 1983 -40.51 7.41 24.37
N LEU A 1984 -40.96 8.68 24.36
CA LEU A 1984 -42.09 9.13 23.58
C LEU A 1984 -41.78 10.50 23.02
N LYS A 1985 -42.38 10.81 21.87
CA LYS A 1985 -42.14 12.09 21.21
C LYS A 1985 -42.86 13.22 21.92
N ALA A 1986 -42.27 14.41 21.87
CA ALA A 1986 -42.87 15.58 22.48
C ALA A 1986 -43.51 16.46 21.41
N LYS A 1987 -44.12 17.56 21.87
CA LYS A 1987 -44.76 18.54 21.01
C LYS A 1987 -44.00 19.85 21.12
N THR A 1988 -43.56 20.38 19.98
CA THR A 1988 -42.64 21.52 19.97
C THR A 1988 -43.22 22.65 19.13
N ALA A 1989 -42.75 23.86 19.42
CA ALA A 1989 -43.09 25.05 18.66
C ALA A 1989 -41.93 26.04 18.75
N SER A 1990 -41.73 26.78 17.66
CA SER A 1990 -40.62 27.73 17.59
C SER A 1990 -41.02 29.03 18.25
N LEU A 1991 -40.15 29.53 19.15
CA LEU A 1991 -40.42 30.82 19.79
C LEU A 1991 -40.07 31.99 18.87
N PHE A 1992 -39.17 31.79 17.91
CA PHE A 1992 -38.84 32.86 16.98
C PHE A 1992 -39.99 33.16 16.03
N GLU A 1993 -40.74 32.14 15.61
CA GLU A 1993 -41.90 32.37 14.77
C GLU A 1993 -43.14 32.69 15.61
N GLN A 1994 -43.54 31.77 16.48
CA GLN A 1994 -44.61 32.03 17.45
C GLN A 1994 -43.99 32.82 18.60
N LYS A 1995 -44.17 34.13 18.54
CA LYS A 1995 -43.29 35.06 19.25
C LYS A 1995 -43.46 35.04 20.76
N SER A 1996 -44.64 34.69 21.26
CA SER A 1996 -44.87 34.70 22.71
C SER A 1996 -46.00 33.74 23.07
N MET A 1997 -45.78 32.98 24.15
CA MET A 1997 -46.81 32.11 24.68
C MET A 1997 -46.59 31.92 26.18
N LYS A 1998 -47.68 31.70 26.90
CA LYS A 1998 -47.70 31.62 28.35
C LYS A 1998 -48.29 30.29 28.80
N GLY A 1999 -47.67 29.69 29.81
CA GLY A 1999 -48.19 28.45 30.35
C GLY A 1999 -47.37 28.00 31.55
N TRP A 2000 -47.59 26.75 31.92
CA TRP A 2000 -46.85 26.09 33.00
C TRP A 2000 -45.92 25.04 32.41
N TRP A 2001 -44.73 24.96 32.99
CA TRP A 2001 -43.66 24.07 32.57
C TRP A 2001 -43.22 23.18 33.71
N PRO A 2002 -42.83 21.94 33.41
CA PRO A 2002 -42.26 21.08 34.45
C PRO A 2002 -40.75 21.18 34.52
N CYS A 2003 -40.23 21.16 35.74
CA CYS A 2003 -38.81 21.18 35.99
C CYS A 2003 -38.43 19.98 36.85
N TYR A 2004 -37.15 19.61 36.81
CA TYR A 2004 -36.77 18.28 37.27
C TYR A 2004 -35.32 18.27 37.76
N ALA A 2005 -34.99 17.19 38.44
CA ALA A 2005 -33.62 16.78 38.76
C ALA A 2005 -33.56 15.27 38.54
N GLU A 2006 -32.50 14.63 39.02
CA GLU A 2006 -32.43 13.18 38.89
C GLU A 2006 -31.69 12.57 40.08
N LYS A 2007 -32.02 11.32 40.37
CA LYS A 2007 -31.37 10.54 41.41
C LYS A 2007 -31.41 9.07 40.99
N ASP A 2008 -30.27 8.39 41.17
CA ASP A 2008 -30.07 6.98 40.80
C ASP A 2008 -30.34 6.71 39.32
N GLY A 2009 -30.04 7.70 38.47
CA GLY A 2009 -30.24 7.57 37.05
C GLY A 2009 -31.67 7.76 36.58
N ALA A 2010 -32.60 8.10 37.48
CA ALA A 2010 -34.00 8.25 37.14
C ALA A 2010 -34.45 9.68 37.41
N ARG A 2011 -35.25 10.23 36.50
CA ARG A 2011 -35.71 11.60 36.62
C ARG A 2011 -36.80 11.71 37.69
N VAL A 2012 -36.71 12.76 38.50
CA VAL A 2012 -37.73 13.09 39.50
C VAL A 2012 -38.12 14.54 39.31
N MET A 2013 -39.37 14.86 39.65
CA MET A 2013 -39.88 16.22 39.50
C MET A 2013 -39.37 17.11 40.63
N ALA A 2014 -38.65 18.17 40.27
CA ALA A 2014 -38.26 19.17 41.25
C ALA A 2014 -39.38 20.17 41.54
N GLY A 2015 -40.40 20.22 40.69
CA GLY A 2015 -41.49 21.15 40.91
C GLY A 2015 -42.10 21.58 39.58
N LYS A 2016 -42.84 22.69 39.63
CA LYS A 2016 -43.41 23.32 38.45
C LYS A 2016 -43.18 24.83 38.53
N VAL A 2017 -43.15 25.47 37.37
CA VAL A 2017 -42.92 26.91 37.28
C VAL A 2017 -43.80 27.48 36.17
N GLU A 2018 -44.39 28.65 36.43
CA GLU A 2018 -45.16 29.39 35.43
C GLU A 2018 -44.32 30.55 34.91
N MET A 2019 -44.35 30.73 33.59
CA MET A 2019 -43.58 31.79 32.95
C MET A 2019 -44.19 32.10 31.59
N THR A 2020 -43.82 33.24 31.04
CA THR A 2020 -44.09 33.58 29.66
C THR A 2020 -42.78 33.89 28.95
N LEU A 2021 -42.56 33.24 27.82
CA LEU A 2021 -41.34 33.43 27.05
C LEU A 2021 -41.65 34.23 25.79
N GLU A 2022 -40.88 35.28 25.55
CA GLU A 2022 -41.06 36.07 24.36
C GLU A 2022 -39.71 36.43 23.76
N ILE A 2023 -39.68 36.53 22.44
CA ILE A 2023 -38.49 36.91 21.68
C ILE A 2023 -38.85 38.14 20.85
N LEU A 2024 -38.05 39.19 20.98
CA LEU A 2024 -38.25 40.43 20.26
C LEU A 2024 -37.00 40.77 19.47
N ASN A 2025 -37.16 41.47 18.36
CA ASN A 2025 -36.00 41.95 17.62
C ASN A 2025 -35.52 43.28 18.19
N GLU A 2026 -34.61 43.91 17.46
CA GLU A 2026 -33.95 45.11 17.97
C GLU A 2026 -34.90 46.31 18.00
N LYS A 2027 -35.69 46.49 16.95
CA LYS A 2027 -36.56 47.66 16.87
C LYS A 2027 -37.77 47.51 17.79
N GLU A 2028 -38.27 46.29 17.96
CA GLU A 2028 -39.42 46.08 18.84
C GLU A 2028 -39.03 46.18 20.31
N ALA A 2029 -37.75 46.00 20.62
CA ALA A 2029 -37.28 46.22 21.99
C ALA A 2029 -37.28 47.71 22.33
N ASP A 2030 -37.08 48.57 21.33
CA ASP A 2030 -37.16 50.01 21.53
C ASP A 2030 -38.58 50.55 21.38
N GLU A 2031 -39.44 49.84 20.65
CA GLU A 2031 -40.84 50.25 20.55
C GLU A 2031 -41.57 50.08 21.87
N ARG A 2032 -41.39 48.94 22.53
CA ARG A 2032 -42.01 48.68 23.83
C ARG A 2032 -40.93 48.19 24.79
N PRO A 2033 -40.22 49.12 25.44
CA PRO A 2033 -39.14 48.72 26.35
C PRO A 2033 -39.67 48.15 27.65
N ALA A 2034 -38.78 47.44 28.35
CA ALA A 2034 -39.14 46.80 29.61
C ALA A 2034 -37.94 46.86 30.55
N GLY A 2035 -38.22 46.70 31.84
CA GLY A 2035 -37.19 46.75 32.85
C GLY A 2035 -36.26 45.54 32.85
O2 PSF B . 23.52 -12.14 26.68
O1 PSF B . 22.42 -12.31 24.50
P PSF B . 22.06 -12.30 26.05
O4 PSF B . 21.57 -13.64 26.42
O3 PSF B . 21.25 -11.10 26.36
C2 PSF B . 24.41 -11.14 26.14
C3 PSF B . 25.41 -10.74 27.19
O11 PSF B . 26.36 -11.83 27.39
O12 PSF B . 27.68 -11.05 25.74
C1 PSF B . 27.46 -11.85 26.62
C4 PSF B . 24.76 -10.46 28.51
C5 PSF B . 25.34 -10.65 30.81
O51 PSF B . 24.21 -10.38 31.14
O52 PSF B . 25.74 -10.72 29.54
C6 PSF B . 26.46 -10.94 31.76
C7 PSF B . 27.07 -12.32 31.58
C13 PSF B . 28.37 -12.96 27.02
C14 PSF B . 29.55 -12.47 27.85
C15 PSF B . 30.43 -13.58 28.40
N PSF B . 22.48 -10.59 22.26
CA PSF B . 21.90 -11.97 22.18
CB PSF B . 21.35 -12.38 23.53
C PSF B . 20.82 -12.00 21.10
OT1 PSF B . 20.36 -10.91 20.71
OT2 PSF B . 20.48 -13.13 20.68
C8 PSF B . 28.22 -12.60 32.52
C9 PSF B . 28.85 -13.98 32.35
C10 PSF B . 30.01 -14.22 33.30
C16 PSF B . 31.56 -13.05 29.26
C17 PSF B . 32.40 -14.15 29.89
CA CA C . 17.51 -15.98 28.99
CA CA D . 19.21 -13.86 26.38
CA CA E . 25.71 6.56 -18.77
CA CA F . 25.50 6.65 -14.94
CA CA G . -2.02 31.40 16.04
CA CA H . 0.67 29.15 15.84
CA CA I . 19.21 -9.70 26.14
CA CA J . 4.38 29.76 15.72
O2 PSF K . 1.50 28.66 19.43
O1 PSF K . 3.18 26.94 19.03
P PSF K . 2.82 28.42 18.55
O4 PSF K . 3.89 29.32 19.04
O3 PSF K . 2.49 28.40 17.11
C2 PSF K . 0.84 29.95 19.46
C3 PSF K . 1.29 30.70 20.70
O11 PSF K . 2.44 31.51 20.28
O12 PSF K . 3.19 33.60 19.85
C1 PSF K . 2.47 32.85 20.47
C4 PSF K . 1.69 29.76 21.81
C5 PSF K . 3.66 28.62 22.46
O51 PSF K . 3.01 27.75 22.97
O52 PSF K . 3.13 29.69 21.85
C6 PSF K . 5.16 28.68 22.44
C7 PSF K . 5.73 30.10 22.49
C13 PSF K . 1.51 33.34 21.53
C14 PSF K . 2.22 33.63 22.84
C15 PSF K . 1.30 34.15 23.94
N PSF K . 4.25 25.95 16.70
CA PSF K . 3.49 25.04 17.61
CB PSF K . 2.49 25.82 18.42
C PSF K . 2.83 23.94 16.78
OT1 PSF K . 2.99 23.97 15.54
OT2 PSF K . 2.15 23.09 17.41
C8 PSF K . 6.02 30.59 23.91
C9 PSF K . 4.82 30.98 24.75
C10 PSF K . 5.19 31.43 26.14
C16 PSF K . 2.02 34.39 25.25
C17 PSF K . 1.14 34.97 26.32
CA CA L . -33.29 26.79 52.99
CA CA M . -30.99 24.37 52.35
#